data_6QD7
#
_entry.id   6QD7
#
_cell.length_a   1.000
_cell.length_b   1.000
_cell.length_c   1.000
_cell.angle_alpha   90.00
_cell.angle_beta   90.00
_cell.angle_gamma   90.00
#
_symmetry.space_group_name_H-M   'P 1'
#
loop_
_entity.id
_entity.type
_entity.pdbx_description
1 polymer 'Light chain'
2 polymer 'Heavy chain'
3 polymer 'Envelope glycoprotein,Virion spike glycoprotein,EBOV-GP1'
4 polymer 'Envelope glycoprotein'
5 branched alpha-D-mannopyranose-(1-6)-beta-D-mannopyranose-(1-4)-2-acetamido-2-deoxy-beta-D-glucopyranose-(1-4)-2-acetamido-2-deoxy-beta-D-glucopyranose
6 non-polymer alpha-D-mannopyranose
7 non-polymer 2-acetamido-2-deoxy-beta-D-glucopyranose
#
loop_
_entity_poly.entity_id
_entity_poly.type
_entity_poly.pdbx_seq_one_letter_code
_entity_poly.pdbx_strand_id
1 'polypeptide(L)'
;EIVLTQSPATLSLSPGERATLSCRASQSVSTYLAWYQHQPGQAPRLLIYEASNRATGIPARFSGSGSGTEFTLTISSLEP
EDVAVYYCQQRASWPLTFGGGTKVEIKRTVAAPSVFIFPPSDEQLKSGTASVVCLLNNFYPREAKVQWKVDNALQSGNSQ
ESVTEQDSKDSTYSLSSTLTLSKADYEKHKVYACEVTHQGLSSPVTKSFNRGEC
;
L,Z,P
2 'polypeptide(L)'
;EVQLLESGGGLVQPGGSLRLSCEASGFPLRDYAMSWVRQAPGRGLQWVSTIGGNDNAANYADSVKGRFTVSRDNSKSTIY
LQMNSLRAEDTALYFCAKSVRLSRPSPFDLWGQGSLVTVSSASTKGPSVFPLAPSSKSTSGGTAALGCLVKDYFPEPVTV
SWNSGALTSGVHTFPAVLQSSGLYSLSSVVTVPSSSLGTQTYICNVNHKPSNTKVDKRVEPKSC
;
H,X,U
3 'polypeptide(L)'
;GSRSIPLGVIHNSALQVSDVDKLVCRDKLSSTNQLRSVGLNLEGNGVATDVPSATKRWGFRSGVPPKVVNYEAGEWAENC
YNLEIKKPDGSECLPAAPDGIRGFPRCRYVHKVSGTGPCAGDFAFHKEGAFFLYDRLASTVIYRGTTFAEGVVAFLILPQ
AKKDFFSSHPLREPVNATEDPSSGYYSTTIRYQATGFGTNETEYLFEVDNLTYVQLESRFTPQFLLQLNETIYTSGKRSN
TTGKLIWKVNPEIDTTIGEWAFWETKKNLTRKIRSEELSFTVV(UNK)(UNK)(UNK)(UNK)(UNK)(UNK)(UNK)
(UNK)(UNK)(UNK)(UNK)(UNK)(UNK)(UNK)(UNK)(UNK)(UNK)(UNK)(UNK)(UNK)(UNK)(UNK)(UNK)
(UNK)(UNK)(UNK)(UNK)(UNK)(UNK)(UNK)(UNK)(UNK)(UNK)(UNK)(UNK)(UNK)(UNK)(UNK)(UNK)
;
A,C,E
4 'polypeptide(L)'
;EAIVNAQPKCNPNLHYWTTQDEGAAIGLAWIPYFGPAAEGIYIEGLMHNQDGLICGLRQLANETTQALQLFLRATTELRT
FSILNRKAIDFLLQRWGGTCHILGPDCCIEPHDWTKNITDKIDQIIHDFVDGSGYIPEAPRDGQAYVRKDGEWVLLSTFL
GTHHHHHH
;
B,D,F
#
# COMPACT_ATOMS: atom_id res chain seq x y z
N GLU A 1 -17.97 9.18 28.69
CA GLU A 1 -18.98 8.14 28.65
C GLU A 1 -20.10 8.53 27.68
N ILE A 2 -20.89 7.54 27.23
CA ILE A 2 -22.08 7.78 26.42
C ILE A 2 -23.33 8.02 27.25
N VAL A 3 -23.87 9.22 27.15
CA VAL A 3 -25.05 9.62 27.93
C VAL A 3 -26.30 9.24 27.13
N LEU A 4 -27.23 8.54 27.78
CA LEU A 4 -28.51 8.20 27.17
C LEU A 4 -29.63 9.03 27.77
N THR A 5 -30.39 9.71 26.92
CA THR A 5 -31.49 10.60 27.31
C THR A 5 -32.81 10.07 26.79
N GLN A 6 -33.75 9.78 27.70
CA GLN A 6 -35.07 9.29 27.32
C GLN A 6 -36.08 10.43 27.36
N SER A 7 -37.02 10.40 26.43
CA SER A 7 -38.14 11.34 26.43
C SER A 7 -39.41 10.71 25.87
N PRO A 8 -40.60 11.20 26.29
CA PRO A 8 -40.94 12.15 27.37
C PRO A 8 -40.81 11.58 28.79
N ALA A 9 -40.86 12.45 29.81
CA ALA A 9 -40.82 12.02 31.21
C ALA A 9 -42.10 11.41 31.77
N THR A 10 -43.28 11.86 31.33
CA THR A 10 -44.55 11.32 31.82
C THR A 10 -45.55 11.08 30.69
N LEU A 11 -46.41 10.06 30.84
CA LEU A 11 -47.41 9.70 29.83
C LEU A 11 -48.70 9.27 30.52
N SER A 12 -49.82 9.90 30.20
CA SER A 12 -51.12 9.56 30.77
C SER A 12 -51.98 9.27 29.54
N LEU A 13 -52.38 8.01 29.36
CA LEU A 13 -53.13 7.61 28.17
C LEU A 13 -54.16 6.52 28.52
N SER A 14 -55.24 6.41 27.72
CA SER A 14 -56.27 5.41 28.03
C SER A 14 -55.85 4.04 27.51
N PRO A 15 -56.36 2.95 28.09
CA PRO A 15 -56.11 1.62 27.50
C PRO A 15 -56.53 1.50 26.04
N GLY A 16 -55.72 0.77 25.27
CA GLY A 16 -55.94 0.57 23.85
C GLY A 16 -55.26 1.55 22.91
N GLU A 17 -54.84 2.71 23.39
CA GLU A 17 -54.17 3.69 22.54
C GLU A 17 -52.68 3.33 22.42
N ARG A 18 -52.05 3.83 21.35
CA ARG A 18 -50.63 3.63 21.09
C ARG A 18 -49.73 4.65 21.79
N ALA A 19 -48.65 4.15 22.41
CA ALA A 19 -47.65 4.94 23.12
C ALA A 19 -46.29 4.78 22.47
N THR A 20 -45.61 5.91 22.24
CA THR A 20 -44.30 5.97 21.59
C THR A 20 -43.27 6.64 22.51
N LEU A 21 -42.23 5.89 22.86
CA LEU A 21 -41.17 6.32 23.76
C LEU A 21 -39.86 6.41 22.98
N SER A 22 -38.97 7.33 23.38
CA SER A 22 -37.77 7.63 22.60
CA SER A 22 -37.77 7.63 22.60
C SER A 22 -36.53 7.64 23.48
N CYS A 23 -35.42 7.14 22.93
CA CYS A 23 -34.11 7.13 23.56
C CYS A 23 -33.09 7.69 22.57
N ARG A 24 -32.37 8.74 22.97
CA ARG A 24 -31.34 9.39 22.16
C ARG A 24 -29.97 9.31 22.83
N ALA A 25 -28.96 8.97 22.04
CA ALA A 25 -27.56 8.85 22.43
C ALA A 25 -26.71 10.00 21.88
N SER A 26 -25.70 10.40 22.66
CA SER A 26 -24.84 11.53 22.31
C SER A 26 -23.90 11.20 21.16
N GLN A 27 -23.67 9.91 20.88
CA GLN A 27 -22.92 9.48 19.72
C GLN A 27 -23.46 8.11 19.35
N SER A 28 -23.11 7.64 18.15
CA SER A 28 -23.71 6.43 17.61
C SER A 28 -23.36 5.23 18.48
N VAL A 29 -24.37 4.41 18.75
CA VAL A 29 -24.32 3.12 19.39
C VAL A 29 -24.82 2.03 18.43
N SER A 30 -24.86 2.34 17.13
CA SER A 30 -25.37 1.49 16.05
C SER A 30 -26.69 0.81 16.46
N THR A 31 -26.74 -0.52 16.58
CA THR A 31 -27.95 -1.15 17.11
C THR A 31 -27.78 -1.79 18.49
N TYR A 32 -26.74 -1.43 19.25
CA TYR A 32 -26.48 -2.03 20.56
C TYR A 32 -27.28 -1.41 21.72
N LEU A 33 -28.60 -1.58 21.65
CA LEU A 33 -29.51 -0.87 22.55
C LEU A 33 -30.66 -1.78 22.96
N ALA A 34 -30.89 -1.90 24.27
CA ALA A 34 -31.96 -2.73 24.79
C ALA A 34 -32.92 -1.89 25.63
N TRP A 35 -34.13 -2.42 25.80
CA TRP A 35 -35.18 -1.82 26.61
C TRP A 35 -35.66 -2.81 27.65
N TYR A 36 -35.86 -2.31 28.88
CA TYR A 36 -36.29 -3.09 30.03
C TYR A 36 -37.52 -2.43 30.64
N GLN A 37 -38.45 -3.26 31.13
CA GLN A 37 -39.57 -2.78 31.92
C GLN A 37 -39.32 -3.05 33.40
N HIS A 38 -39.61 -2.06 34.25
CA HIS A 38 -39.55 -2.21 35.71
C HIS A 38 -40.84 -1.69 36.35
N GLN A 39 -41.71 -2.59 36.75
CA GLN A 39 -42.97 -2.31 37.42
C GLN A 39 -42.75 -2.27 38.93
N PRO A 40 -43.50 -1.38 39.67
CA PRO A 40 -43.18 -1.07 41.08
C PRO A 40 -43.00 -2.25 42.04
N GLY A 41 -41.77 -2.41 42.54
CA GLY A 41 -41.38 -3.40 43.53
C GLY A 41 -41.27 -4.82 43.03
N GLN A 42 -41.37 -5.07 41.73
CA GLN A 42 -41.07 -6.35 41.12
C GLN A 42 -39.71 -6.25 40.44
N ALA A 43 -39.12 -7.40 40.14
CA ALA A 43 -37.86 -7.43 39.40
C ALA A 43 -38.06 -6.85 38.01
N PRO A 44 -37.08 -6.09 37.49
CA PRO A 44 -37.10 -5.67 36.08
C PRO A 44 -37.21 -6.85 35.11
N ARG A 45 -37.70 -6.55 33.90
CA ARG A 45 -37.98 -7.56 32.89
C ARG A 45 -37.48 -7.08 31.53
N LEU A 46 -36.74 -7.94 30.83
CA LEU A 46 -36.26 -7.59 29.49
C LEU A 46 -37.39 -7.60 28.48
N LEU A 47 -37.51 -6.51 27.72
CA LEU A 47 -38.51 -6.40 26.67
C LEU A 47 -37.92 -6.50 25.28
N ILE A 48 -36.89 -5.71 24.97
CA ILE A 48 -36.40 -5.57 23.61
C ILE A 48 -34.88 -5.57 23.65
N TYR A 49 -34.25 -6.24 22.69
CA TYR A 49 -32.81 -6.15 22.54
C TYR A 49 -32.47 -5.96 21.07
N GLU A 50 -31.22 -5.51 20.83
CA GLU A 50 -30.68 -5.20 19.51
C GLU A 50 -31.60 -4.24 18.74
N ALA A 51 -32.15 -3.27 19.47
CA ALA A 51 -33.04 -2.18 19.04
C ALA A 51 -34.43 -2.63 18.58
N SER A 52 -34.56 -3.83 17.99
CA SER A 52 -35.83 -4.22 17.35
C SER A 52 -36.33 -5.63 17.68
N ASN A 53 -35.58 -6.45 18.40
CA ASN A 53 -35.93 -7.86 18.58
C ASN A 53 -36.78 -8.02 19.84
N ARG A 54 -37.96 -8.62 19.69
CA ARG A 54 -38.84 -8.86 20.83
C ARG A 54 -38.39 -10.06 21.64
N ALA A 55 -38.29 -9.87 22.97
CA ALA A 55 -37.90 -10.95 23.87
C ALA A 55 -39.01 -11.97 24.00
N THR A 56 -38.63 -13.20 24.37
CA THR A 56 -39.56 -14.30 24.57
C THR A 56 -40.60 -13.97 25.63
N GLY A 57 -41.86 -14.31 25.34
CA GLY A 57 -42.95 -14.14 26.28
C GLY A 57 -43.53 -12.74 26.36
N ILE A 58 -42.97 -11.79 25.62
CA ILE A 58 -43.46 -10.40 25.62
C ILE A 58 -44.60 -10.29 24.63
N PRO A 59 -45.70 -9.62 25.00
CA PRO A 59 -46.84 -9.48 24.08
C PRO A 59 -46.48 -8.76 22.79
N ALA A 60 -47.23 -9.08 21.74
CA ALA A 60 -46.95 -8.57 20.39
C ALA A 60 -47.14 -7.06 20.25
N ARG A 61 -47.83 -6.41 21.19
CA ARG A 61 -47.99 -4.96 21.10
C ARG A 61 -46.68 -4.21 21.32
N PHE A 62 -45.65 -4.85 21.88
CA PHE A 62 -44.37 -4.18 22.09
C PHE A 62 -43.49 -4.41 20.87
N SER A 63 -42.94 -3.33 20.34
CA SER A 63 -41.99 -3.40 19.24
C SER A 63 -40.96 -2.29 19.41
N GLY A 64 -39.80 -2.49 18.80
CA GLY A 64 -38.76 -1.48 18.84
C GLY A 64 -38.22 -1.20 17.45
N SER A 65 -37.79 0.03 17.26
CA SER A 65 -37.22 0.49 16.00
C SER A 65 -36.13 1.51 16.28
N GLY A 66 -35.31 1.74 15.27
CA GLY A 66 -34.32 2.80 15.29
C GLY A 66 -32.91 2.30 15.08
N SER A 67 -32.01 3.26 14.97
CA SER A 67 -30.59 3.01 14.73
C SER A 67 -29.80 4.29 14.91
N GLY A 68 -28.49 4.12 15.13
CA GLY A 68 -27.60 5.25 15.18
C GLY A 68 -27.64 5.96 16.50
N THR A 69 -28.30 7.11 16.49
CA THR A 69 -28.48 7.90 17.69
C THR A 69 -29.95 8.02 18.06
N GLU A 70 -30.86 7.37 17.33
CA GLU A 70 -32.29 7.55 17.61
C GLU A 70 -33.02 6.23 17.67
N PHE A 71 -33.74 6.00 18.77
CA PHE A 71 -34.43 4.73 18.96
C PHE A 71 -35.82 5.02 19.52
N THR A 72 -36.77 4.12 19.22
CA THR A 72 -38.14 4.20 19.71
C THR A 72 -38.67 2.85 20.15
N LEU A 73 -39.39 2.85 21.27
CA LEU A 73 -40.21 1.74 21.72
C LEU A 73 -41.68 2.07 21.54
N THR A 74 -42.43 1.20 20.88
CA THR A 74 -43.85 1.40 20.65
C THR A 74 -44.67 0.33 21.37
N ILE A 75 -45.74 0.79 22.02
CA ILE A 75 -46.80 -0.04 22.59
C ILE A 75 -48.09 0.23 21.79
N SER A 76 -48.51 -0.75 20.98
CA SER A 76 -49.54 -0.46 19.98
C SER A 76 -50.93 -0.27 20.59
N SER A 77 -51.23 -0.90 21.73
CA SER A 77 -52.55 -0.79 22.35
C SER A 77 -52.40 -1.05 23.84
N LEU A 78 -52.44 0.02 24.64
CA LEU A 78 -52.17 -0.05 26.07
C LEU A 78 -53.22 -0.86 26.84
N GLU A 79 -52.78 -1.62 27.84
CA GLU A 79 -53.58 -2.33 28.85
C GLU A 79 -53.20 -1.83 30.25
N PRO A 80 -54.09 -1.95 31.24
CA PRO A 80 -53.75 -1.49 32.61
C PRO A 80 -52.45 -2.05 33.21
N GLU A 81 -52.08 -3.32 32.94
CA GLU A 81 -50.86 -3.92 33.51
C GLU A 81 -49.55 -3.32 32.99
N ASP A 82 -49.55 -2.45 32.00
CA ASP A 82 -48.27 -1.93 31.53
C ASP A 82 -47.72 -0.77 32.34
N VAL A 83 -48.41 -0.28 33.38
CA VAL A 83 -47.87 0.74 34.29
C VAL A 83 -46.54 0.24 34.89
N ALA A 84 -45.48 1.05 34.68
CA ALA A 84 -44.08 0.74 34.93
C ALA A 84 -43.21 1.92 34.53
N VAL A 85 -41.91 1.84 34.90
CA VAL A 85 -40.84 2.66 34.32
C VAL A 85 -40.07 1.83 33.27
N TYR A 86 -39.79 2.44 32.11
CA TYR A 86 -39.08 1.79 31.01
C TYR A 86 -37.70 2.41 30.82
N TYR A 87 -36.68 1.57 30.66
CA TYR A 87 -35.30 2.04 30.57
C TYR A 87 -34.64 1.52 29.28
N CYS A 88 -33.87 2.38 28.61
CA CYS A 88 -32.95 1.94 27.57
C CYS A 88 -31.55 1.76 28.15
N GLN A 89 -30.72 1.03 27.44
CA GLN A 89 -29.40 0.67 27.93
C GLN A 89 -28.52 0.36 26.74
N GLN A 90 -27.30 0.91 26.73
CA GLN A 90 -26.36 0.71 25.64
C GLN A 90 -25.22 -0.20 26.08
N ARG A 91 -24.70 -0.99 25.14
CA ARG A 91 -23.56 -1.86 25.37
C ARG A 91 -22.42 -1.70 24.37
N ALA A 92 -22.32 -0.56 23.67
CA ALA A 92 -21.21 -0.36 22.74
C ALA A 92 -19.88 -0.13 23.43
N SER A 93 -19.88 0.48 24.62
CA SER A 93 -18.62 0.83 25.27
C SER A 93 -18.79 0.75 26.78
N TRP A 94 -17.68 0.43 27.45
CA TRP A 94 -17.64 0.63 28.89
C TRP A 94 -17.43 2.10 29.22
N PRO A 95 -18.07 2.61 30.29
CA PRO A 95 -19.06 2.01 31.19
C PRO A 95 -20.45 1.78 30.56
N LEU A 96 -21.14 0.72 30.95
CA LEU A 96 -22.54 0.55 30.59
C LEU A 96 -23.37 1.67 31.22
N THR A 97 -24.31 2.22 30.45
CA THR A 97 -25.13 3.32 30.95
C THR A 97 -26.60 3.01 30.70
N PHE A 98 -27.45 3.59 31.54
CA PHE A 98 -28.91 3.48 31.44
C PHE A 98 -29.52 4.87 31.23
N GLY A 99 -30.64 4.91 30.53
CA GLY A 99 -31.45 6.11 30.53
C GLY A 99 -32.15 6.33 31.85
N GLY A 100 -32.80 7.51 31.95
CA GLY A 100 -33.42 7.89 33.19
C GLY A 100 -34.79 7.29 33.44
N GLY A 101 -35.33 6.59 32.46
CA GLY A 101 -36.60 5.91 32.62
C GLY A 101 -37.76 6.75 32.12
N THR A 102 -38.81 6.06 31.67
CA THR A 102 -40.12 6.68 31.42
C THR A 102 -41.20 6.01 32.27
N LYS A 103 -41.88 6.81 33.09
CA LYS A 103 -42.99 6.36 33.92
C LYS A 103 -44.31 6.47 33.15
N VAL A 104 -44.98 5.35 32.91
CA VAL A 104 -46.24 5.33 32.15
C VAL A 104 -47.45 5.24 33.09
N GLU A 105 -48.36 6.20 32.99
CA GLU A 105 -49.60 6.22 33.76
C GLU A 105 -50.81 5.90 32.89
N ILE A 106 -51.74 5.12 33.43
CA ILE A 106 -52.94 4.67 32.72
C ILE A 106 -54.10 5.60 33.06
N LYS A 107 -54.63 6.27 32.04
CA LYS A 107 -55.64 7.32 32.21
C LYS A 107 -57.02 6.64 32.09
N ARG A 108 -57.53 6.16 33.22
CA ARG A 108 -58.84 5.49 33.29
C ARG A 108 -59.98 6.47 33.48
N VAL B 2 -36.31 -20.35 37.19
CA VAL B 2 -35.01 -19.78 37.56
C VAL B 2 -35.20 -18.55 38.44
N GLN B 3 -34.31 -18.35 39.41
CA GLN B 3 -34.46 -17.25 40.37
C GLN B 3 -33.09 -16.72 40.76
N LEU B 4 -33.04 -15.42 41.05
CA LEU B 4 -31.91 -14.80 41.74
C LEU B 4 -32.34 -14.25 43.10
N LEU B 5 -31.75 -14.79 44.17
CA LEU B 5 -32.06 -14.40 45.55
C LEU B 5 -30.86 -13.65 46.13
N GLU B 6 -31.04 -12.36 46.43
CA GLU B 6 -29.96 -11.55 46.97
C GLU B 6 -30.02 -11.51 48.50
N SER B 7 -28.85 -11.35 49.14
CA SER B 7 -28.77 -11.19 50.59
C SER B 7 -27.53 -10.42 51.02
N GLY B 8 -27.53 -10.01 52.29
CA GLY B 8 -26.43 -9.31 52.95
C GLY B 8 -26.70 -7.86 53.31
N GLY B 9 -27.85 -7.30 52.94
CA GLY B 9 -28.12 -5.90 53.18
C GLY B 9 -28.36 -5.56 54.65
N GLY B 10 -28.43 -4.26 54.91
CA GLY B 10 -28.75 -3.72 56.22
C GLY B 10 -27.94 -2.47 56.52
N LEU B 11 -27.91 -2.08 57.80
CA LEU B 11 -27.22 -0.86 58.23
C LEU B 11 -25.74 -1.10 58.47
N VAL B 12 -24.90 -0.20 57.97
CA VAL B 12 -23.46 -0.26 58.22
C VAL B 12 -22.87 1.14 58.36
N GLN B 13 -21.92 1.31 59.29
CA GLN B 13 -21.28 2.59 59.52
C GLN B 13 -20.32 2.92 58.36
N PRO B 14 -20.17 4.21 58.03
CA PRO B 14 -19.11 4.62 57.07
C PRO B 14 -17.71 4.16 57.46
N GLY B 15 -16.93 3.78 56.45
CA GLY B 15 -15.63 3.18 56.61
C GLY B 15 -15.59 1.67 56.80
N GLY B 16 -16.74 1.02 56.99
CA GLY B 16 -16.75 -0.41 57.27
C GLY B 16 -16.71 -1.25 55.99
N SER B 17 -16.68 -2.56 56.18
CA SER B 17 -16.70 -3.51 55.07
C SER B 17 -17.95 -4.39 55.17
N LEU B 18 -18.39 -4.88 54.01
CA LEU B 18 -19.58 -5.74 53.97
C LEU B 18 -19.54 -6.57 52.70
N ARG B 19 -19.95 -7.83 52.80
CA ARG B 19 -20.00 -8.68 51.62
C ARG B 19 -21.46 -9.04 51.37
N LEU B 20 -21.91 -8.78 50.14
CA LEU B 20 -23.21 -9.16 49.61
C LEU B 20 -23.09 -10.44 48.79
N SER B 21 -24.15 -11.24 48.82
CA SER B 21 -24.20 -12.44 47.99
C SER B 21 -25.49 -12.48 47.20
N CYS B 22 -25.42 -13.20 46.09
CA CYS B 22 -26.52 -13.35 45.15
C CYS B 22 -26.49 -14.81 44.71
N GLU B 23 -27.54 -15.57 45.02
CA GLU B 23 -27.57 -16.98 44.67
C GLU B 23 -28.52 -17.26 43.51
N ALA B 24 -27.99 -17.97 42.52
CA ALA B 24 -28.70 -18.39 41.32
C ALA B 24 -29.37 -19.74 41.58
N SER B 25 -30.55 -19.94 41.01
CA SER B 25 -31.20 -21.24 41.07
C SER B 25 -31.91 -21.54 39.76
N GLY B 26 -31.84 -22.81 39.34
CA GLY B 26 -32.49 -23.24 38.12
C GLY B 26 -31.69 -23.14 36.83
N PHE B 27 -30.45 -22.65 36.87
CA PHE B 27 -29.65 -22.61 35.65
C PHE B 27 -28.18 -22.67 36.03
N PRO B 28 -27.31 -23.15 35.12
CA PRO B 28 -25.88 -23.24 35.45
C PRO B 28 -25.21 -21.88 35.34
N LEU B 29 -24.74 -21.38 36.48
CA LEU B 29 -24.14 -20.05 36.62
C LEU B 29 -22.92 -19.83 35.75
N ARG B 30 -22.10 -20.86 35.52
CA ARG B 30 -20.84 -20.72 34.78
C ARG B 30 -21.00 -20.27 33.33
N ASP B 31 -22.20 -20.30 32.77
CA ASP B 31 -22.42 -19.97 31.36
C ASP B 31 -22.75 -18.50 31.11
N TYR B 32 -22.79 -17.65 32.13
CA TYR B 32 -23.27 -16.29 31.93
C TYR B 32 -22.46 -15.29 32.75
N ALA B 33 -22.26 -14.12 32.15
CA ALA B 33 -21.75 -12.95 32.85
C ALA B 33 -22.78 -12.42 33.83
N MET B 34 -22.30 -11.90 34.97
CA MET B 34 -23.20 -11.49 36.03
C MET B 34 -22.85 -10.07 36.46
N SER B 35 -23.86 -9.26 36.78
CA SER B 35 -23.59 -7.86 37.08
C SER B 35 -24.31 -7.39 38.33
N TRP B 36 -23.85 -6.24 38.83
CA TRP B 36 -24.47 -5.49 39.91
C TRP B 36 -24.86 -4.11 39.41
N VAL B 37 -26.09 -3.72 39.74
CA VAL B 37 -26.74 -2.46 39.37
C VAL B 37 -27.41 -1.92 40.64
N ARG B 38 -27.33 -0.61 40.88
CA ARG B 38 -27.90 -0.12 42.13
C ARG B 38 -28.88 1.00 41.82
N GLN B 39 -29.81 1.18 42.75
CA GLN B 39 -30.86 2.19 42.65
C GLN B 39 -30.88 2.97 43.96
N ALA B 40 -30.38 4.20 43.90
CA ALA B 40 -30.45 5.13 45.02
C ALA B 40 -31.88 5.66 45.18
N PRO B 41 -32.28 6.09 46.39
CA PRO B 41 -33.67 6.50 46.62
C PRO B 41 -34.10 7.67 45.75
N GLY B 42 -35.26 7.52 45.10
CA GLY B 42 -35.79 8.52 44.20
C GLY B 42 -35.04 8.70 42.88
N ARG B 43 -34.05 7.86 42.60
CA ARG B 43 -33.20 8.00 41.43
C ARG B 43 -33.42 6.80 40.50
N GLY B 44 -32.65 6.76 39.42
CA GLY B 44 -32.78 5.71 38.44
C GLY B 44 -31.79 4.60 38.69
N LEU B 45 -31.47 3.87 37.63
CA LEU B 45 -30.56 2.73 37.69
C LEU B 45 -29.15 3.15 37.31
N GLN B 46 -28.18 2.67 38.06
CA GLN B 46 -26.77 2.95 37.80
C GLN B 46 -26.05 1.62 37.80
N TRP B 47 -25.29 1.36 36.75
CA TRP B 47 -24.48 0.14 36.73
C TRP B 47 -23.31 0.32 37.67
N VAL B 48 -23.02 -0.73 38.43
CA VAL B 48 -21.98 -0.73 39.44
C VAL B 48 -20.79 -1.56 39.01
N SER B 49 -21.03 -2.80 38.62
CA SER B 49 -19.90 -3.66 38.27
C SER B 49 -20.39 -4.81 37.42
N THR B 50 -19.47 -5.41 36.68
CA THR B 50 -19.75 -6.62 35.94
C THR B 50 -18.60 -7.57 36.19
N ILE B 51 -18.91 -8.87 36.35
CA ILE B 51 -17.89 -9.90 36.35
C ILE B 51 -18.17 -10.92 35.25
N GLY B 52 -17.14 -11.16 34.43
CA GLY B 52 -17.08 -12.22 33.46
C GLY B 52 -16.69 -13.55 34.06
N GLY B 53 -16.14 -14.40 33.19
CA GLY B 53 -15.93 -15.80 33.52
C GLY B 53 -14.88 -16.09 34.58
N ASN B 54 -13.88 -15.21 34.73
CA ASN B 54 -12.81 -15.36 35.72
C ASN B 54 -12.78 -14.21 36.73
N ASP B 55 -12.24 -14.47 37.94
CA ASP B 55 -12.26 -13.47 39.01
C ASP B 55 -11.51 -12.19 38.65
N ASN B 56 -10.60 -12.25 37.69
CA ASN B 56 -9.85 -11.07 37.30
C ASN B 56 -10.53 -10.32 36.17
N ALA B 57 -11.71 -10.77 35.73
CA ALA B 57 -12.40 -10.12 34.62
C ALA B 57 -13.54 -9.27 35.15
N ALA B 58 -13.15 -8.20 35.83
CA ALA B 58 -14.08 -7.34 36.53
C ALA B 58 -14.01 -5.96 35.89
N ASN B 59 -15.16 -5.33 35.72
CA ASN B 59 -15.18 -3.98 35.22
C ASN B 59 -16.03 -3.18 36.18
N TYR B 60 -15.67 -1.91 36.35
CA TYR B 60 -16.24 -1.11 37.42
C TYR B 60 -16.58 0.28 36.92
N ALA B 61 -17.63 0.84 37.51
CA ALA B 61 -17.88 2.27 37.41
C ALA B 61 -16.75 2.99 38.11
N ASP B 62 -16.34 4.14 37.54
CA ASP B 62 -15.23 4.93 38.06
C ASP B 62 -15.36 5.25 39.56
N SER B 63 -16.58 5.52 40.01
CA SER B 63 -16.83 5.95 41.37
C SER B 63 -16.75 4.82 42.39
N VAL B 64 -16.57 3.57 41.96
CA VAL B 64 -16.37 2.46 42.88
C VAL B 64 -15.01 1.80 42.74
N LYS B 65 -14.19 2.21 41.77
CA LYS B 65 -12.85 1.62 41.59
C LYS B 65 -12.01 1.84 42.85
N GLY B 66 -11.34 0.78 43.30
CA GLY B 66 -10.50 0.86 44.47
C GLY B 66 -11.23 0.64 45.78
N ARG B 67 -12.57 0.63 45.74
CA ARG B 67 -13.41 0.51 46.92
C ARG B 67 -14.25 -0.76 46.94
N PHE B 68 -14.70 -1.23 45.78
CA PHE B 68 -15.60 -2.38 45.67
C PHE B 68 -14.89 -3.48 44.90
N THR B 69 -15.10 -4.73 45.29
CA THR B 69 -14.60 -5.86 44.51
C THR B 69 -15.73 -6.85 44.28
N VAL B 70 -15.92 -7.24 43.03
CA VAL B 70 -16.92 -8.23 42.65
C VAL B 70 -16.21 -9.56 42.38
N SER B 71 -16.86 -10.67 42.76
CA SER B 71 -16.24 -11.98 42.58
C SER B 71 -17.34 -13.03 42.51
N ARG B 72 -16.95 -14.25 42.15
CA ARG B 72 -17.90 -15.33 42.00
C ARG B 72 -17.31 -16.63 42.54
N ASP B 73 -18.20 -17.54 42.97
CA ASP B 73 -17.83 -18.91 43.32
C ASP B 73 -18.84 -19.78 42.58
N ASN B 74 -18.46 -20.23 41.39
CA ASN B 74 -19.34 -21.02 40.53
C ASN B 74 -19.71 -22.36 41.16
N SER B 75 -18.80 -22.96 41.95
CA SER B 75 -19.06 -24.26 42.56
C SER B 75 -20.16 -24.19 43.61
N LYS B 76 -20.34 -23.04 44.24
CA LYS B 76 -21.44 -22.83 45.17
C LYS B 76 -22.58 -22.02 44.54
N SER B 77 -22.50 -21.78 43.22
CA SER B 77 -23.48 -20.99 42.46
C SER B 77 -23.79 -19.63 43.08
N THR B 78 -22.76 -18.94 43.57
CA THR B 78 -22.99 -17.69 44.30
C THR B 78 -22.10 -16.59 43.73
N ILE B 79 -22.64 -15.36 43.68
CA ILE B 79 -21.89 -14.17 43.30
C ILE B 79 -21.72 -13.32 44.55
N TYR B 80 -20.62 -12.56 44.65
CA TYR B 80 -20.32 -11.75 45.82
C TYR B 80 -19.94 -10.34 45.40
N LEU B 81 -20.25 -9.39 46.28
CA LEU B 81 -19.75 -8.02 46.21
C LEU B 81 -19.18 -7.62 47.57
N GLN B 82 -17.86 -7.49 47.65
CA GLN B 82 -17.18 -7.10 48.87
C GLN B 82 -16.89 -5.60 48.82
N MET B 83 -17.54 -4.85 49.70
CA MET B 83 -17.41 -3.40 49.71
C MET B 83 -16.57 -2.96 50.89
N ASN B 84 -15.82 -1.88 50.67
CA ASN B 84 -14.97 -1.25 51.65
C ASN B 84 -15.13 0.26 51.49
N SER B 85 -14.74 1.00 52.54
CA SER B 85 -14.69 2.47 52.55
C SER B 85 -16.02 3.09 52.12
N LEU B 86 -17.08 2.62 52.76
CA LEU B 86 -18.43 2.98 52.37
C LEU B 86 -18.73 4.43 52.76
N ARG B 87 -19.57 5.08 51.97
CA ARG B 87 -19.95 6.47 52.19
C ARG B 87 -21.46 6.60 52.12
N ALA B 88 -21.95 7.80 52.48
CA ALA B 88 -23.38 8.08 52.47
C ALA B 88 -24.00 7.91 51.08
N GLU B 89 -23.24 8.22 50.03
CA GLU B 89 -23.72 8.07 48.65
C GLU B 89 -23.99 6.62 48.24
N ASP B 90 -23.48 5.63 48.98
CA ASP B 90 -23.71 4.22 48.66
C ASP B 90 -24.99 3.58 49.21
N THR B 91 -25.77 4.24 50.07
CA THR B 91 -27.06 3.65 50.47
C THR B 91 -27.96 3.51 49.24
N ALA B 92 -28.45 2.29 49.00
CA ALA B 92 -29.21 1.99 47.79
C ALA B 92 -29.75 0.56 47.84
N LEU B 93 -30.75 0.31 47.00
CA LEU B 93 -31.19 -1.04 46.67
C LEU B 93 -30.29 -1.61 45.57
N TYR B 94 -29.61 -2.70 45.86
CA TYR B 94 -28.67 -3.34 44.97
C TYR B 94 -29.34 -4.54 44.32
N PHE B 95 -29.32 -4.56 42.97
CA PHE B 95 -29.84 -5.62 42.13
C PHE B 95 -28.68 -6.43 41.56
N CYS B 96 -28.89 -7.73 41.50
CA CYS B 96 -28.12 -8.65 40.67
C CYS B 96 -28.80 -8.78 39.32
N ALA B 97 -28.01 -9.07 38.29
CA ALA B 97 -28.55 -9.11 36.94
C ALA B 97 -27.81 -10.16 36.13
N LYS B 98 -28.55 -11.00 35.40
CA LYS B 98 -27.95 -12.04 34.57
C LYS B 98 -27.88 -11.56 33.12
N SER B 99 -26.75 -11.75 32.46
CA SER B 99 -26.64 -11.49 31.02
C SER B 99 -27.20 -12.67 30.22
N VAL B 100 -27.60 -12.41 28.97
CA VAL B 100 -27.95 -13.54 28.11
C VAL B 100 -26.76 -14.42 27.72
N ARG B 101 -25.53 -13.96 27.88
CA ARG B 101 -24.37 -14.76 27.53
C ARG B 101 -23.21 -14.34 28.41
N LEU B 102 -22.08 -15.02 28.24
CA LEU B 102 -20.88 -14.81 29.05
C LEU B 102 -19.98 -13.71 28.48
N SER B 103 -19.87 -13.61 27.15
CA SER B 103 -18.85 -12.84 26.46
C SER B 103 -19.28 -11.41 26.14
N ARG B 104 -20.51 -11.04 26.45
CA ARG B 104 -21.04 -9.69 26.27
C ARG B 104 -21.82 -9.34 27.52
N PRO B 105 -21.85 -8.05 27.91
CA PRO B 105 -22.39 -7.73 29.23
C PRO B 105 -23.90 -7.65 29.32
N SER B 106 -24.62 -7.49 28.22
CA SER B 106 -26.07 -7.36 28.29
C SER B 106 -26.66 -7.90 26.99
N PRO B 107 -28.02 -8.00 26.88
CA PRO B 107 -29.23 -7.68 27.68
C PRO B 107 -29.35 -8.45 28.99
N PHE B 108 -29.99 -7.84 29.98
CA PHE B 108 -30.22 -8.46 31.29
C PHE B 108 -31.56 -9.19 31.27
N ASP B 109 -31.54 -10.51 31.10
CA ASP B 109 -32.80 -11.22 30.93
C ASP B 109 -33.39 -11.77 32.22
N LEU B 110 -32.68 -11.65 33.34
CA LEU B 110 -33.22 -12.06 34.64
C LEU B 110 -32.67 -11.15 35.72
N TRP B 111 -33.55 -10.67 36.59
CA TRP B 111 -33.13 -9.76 37.66
C TRP B 111 -33.56 -10.31 39.01
N GLY B 112 -32.70 -10.16 40.02
CA GLY B 112 -33.11 -10.42 41.39
C GLY B 112 -34.05 -9.37 41.94
N GLN B 113 -34.61 -9.67 43.11
CA GLN B 113 -35.58 -8.76 43.73
C GLN B 113 -34.93 -7.56 44.40
N GLY B 114 -33.63 -7.61 44.69
CA GLY B 114 -32.95 -6.50 45.34
C GLY B 114 -32.70 -6.68 46.83
N SER B 115 -31.50 -6.31 47.28
CA SER B 115 -31.15 -6.22 48.69
C SER B 115 -30.69 -4.80 49.02
N LEU B 116 -31.29 -4.21 50.05
CA LEU B 116 -30.99 -2.83 50.45
C LEU B 116 -29.78 -2.75 51.37
N VAL B 117 -28.78 -1.96 50.98
CA VAL B 117 -27.62 -1.67 51.84
C VAL B 117 -27.69 -0.21 52.21
N THR B 118 -27.79 0.10 53.51
CA THR B 118 -27.87 1.48 53.98
C THR B 118 -26.64 1.86 54.79
N VAL B 119 -25.85 2.78 54.26
CA VAL B 119 -24.66 3.29 54.92
C VAL B 119 -25.09 4.59 55.58
N SER B 120 -25.23 4.60 56.89
CA SER B 120 -25.74 5.78 57.59
C SER B 120 -25.37 5.71 59.06
N SER B 121 -25.17 6.87 59.65
CA SER B 121 -24.93 7.00 61.08
C SER B 121 -26.24 7.18 61.84
N SER C 4 -0.32 3.80 -19.58
CA SER C 4 -0.98 3.34 -18.36
C SER C 4 -1.82 2.10 -18.66
N ILE C 5 -2.05 1.28 -17.65
CA ILE C 5 -2.93 0.12 -17.73
C ILE C 5 -4.39 0.53 -17.80
N PRO C 6 -5.13 0.11 -18.84
CA PRO C 6 -6.54 0.49 -18.98
C PRO C 6 -7.37 -0.08 -17.84
N LEU C 7 -8.45 0.61 -17.49
CA LEU C 7 -9.31 0.11 -16.42
C LEU C 7 -10.78 0.08 -16.84
N GLY C 8 -11.36 -1.10 -16.78
CA GLY C 8 -12.76 -1.32 -17.12
C GLY C 8 -13.66 -0.90 -15.98
N VAL C 9 -14.78 -0.26 -16.30
CA VAL C 9 -15.73 0.06 -15.23
C VAL C 9 -17.13 -0.24 -15.74
N ILE C 10 -17.97 -0.73 -14.82
CA ILE C 10 -19.37 -1.05 -15.06
C ILE C 10 -20.24 0.08 -14.56
N HIS C 11 -20.97 0.75 -15.45
CA HIS C 11 -22.00 1.64 -14.98
C HIS C 11 -23.25 1.30 -15.77
N ASN C 12 -24.41 1.42 -15.09
CA ASN C 12 -25.78 1.18 -15.63
C ASN C 12 -25.82 -0.07 -16.51
N SER C 13 -25.34 -1.19 -15.93
CA SER C 13 -25.27 -2.50 -16.58
C SER C 13 -24.52 -2.46 -17.92
N ALA C 14 -23.45 -1.66 -18.00
CA ALA C 14 -22.73 -1.50 -19.25
C ALA C 14 -21.26 -1.15 -19.00
N LEU C 15 -20.42 -1.83 -19.77
CA LEU C 15 -18.95 -1.71 -19.80
C LEU C 15 -18.42 -0.45 -20.48
N GLN C 16 -17.49 0.22 -19.81
CA GLN C 16 -16.81 1.41 -20.30
C GLN C 16 -15.34 1.22 -19.99
N VAL C 17 -14.47 1.94 -20.70
CA VAL C 17 -13.06 2.01 -20.36
C VAL C 17 -12.76 3.41 -19.88
N SER C 18 -12.02 3.51 -18.78
CA SER C 18 -11.62 4.78 -18.22
C SER C 18 -10.47 4.54 -17.25
N ASP C 19 -9.42 5.34 -17.38
CA ASP C 19 -8.29 5.20 -16.50
C ASP C 19 -8.65 6.01 -15.25
N VAL C 20 -7.71 6.20 -14.31
CA VAL C 20 -8.12 6.86 -13.08
C VAL C 20 -8.30 8.36 -13.35
N ASP C 21 -9.51 8.66 -13.85
CA ASP C 21 -10.08 9.97 -14.12
C ASP C 21 -11.56 9.95 -13.79
N LYS C 22 -11.95 9.07 -12.86
CA LYS C 22 -13.32 8.86 -12.39
C LYS C 22 -13.78 9.93 -11.43
N LEU C 23 -13.21 11.13 -11.53
CA LEU C 23 -13.66 12.30 -10.78
C LEU C 23 -14.93 12.93 -11.34
N VAL C 24 -15.93 12.09 -11.60
CA VAL C 24 -17.25 12.51 -12.05
C VAL C 24 -18.20 12.49 -10.87
N CYS C 25 -17.78 11.90 -9.74
CA CYS C 25 -18.44 11.71 -8.44
C CYS C 25 -19.68 10.82 -8.49
N ARG C 26 -20.31 10.61 -9.66
CA ARG C 26 -21.41 9.66 -9.63
C ARG C 26 -20.87 8.24 -9.66
N ASP C 27 -19.68 8.07 -10.24
CA ASP C 27 -18.91 6.83 -10.10
C ASP C 27 -18.57 6.66 -8.63
N LYS C 28 -18.77 5.47 -8.08
CA LYS C 28 -18.54 5.29 -6.65
C LYS C 28 -17.56 4.14 -6.44
N LEU C 29 -16.43 4.42 -5.78
CA LEU C 29 -15.48 3.39 -5.33
C LEU C 29 -15.37 3.55 -3.82
N SER C 30 -16.20 2.84 -3.07
CA SER C 30 -16.23 2.98 -1.63
C SER C 30 -15.41 1.94 -0.86
N SER C 31 -14.78 0.99 -1.54
CA SER C 31 -14.00 -0.05 -0.87
C SER C 31 -13.14 -0.78 -1.88
N THR C 32 -12.03 -1.33 -1.39
CA THR C 32 -11.17 -2.22 -2.18
C THR C 32 -11.83 -3.54 -2.60
N ASN C 33 -12.96 -3.95 -1.99
CA ASN C 33 -13.69 -5.10 -2.53
C ASN C 33 -14.25 -4.84 -3.93
N GLN C 34 -14.51 -3.58 -4.26
CA GLN C 34 -14.98 -3.20 -5.60
C GLN C 34 -13.91 -3.32 -6.68
N LEU C 35 -12.63 -3.45 -6.34
CA LEU C 35 -11.60 -3.62 -7.35
C LEU C 35 -11.40 -5.11 -7.60
N ARG C 36 -11.44 -5.52 -8.88
CA ARG C 36 -11.26 -6.93 -9.16
C ARG C 36 -10.33 -7.15 -10.36
N SER C 37 -9.46 -8.14 -10.30
CA SER C 37 -8.69 -8.59 -11.45
C SER C 37 -9.21 -9.96 -11.91
N VAL C 38 -9.37 -10.14 -13.23
CA VAL C 38 -10.00 -11.34 -13.79
C VAL C 38 -9.17 -11.86 -14.96
N GLY C 39 -8.95 -13.17 -14.99
CA GLY C 39 -8.26 -13.83 -16.10
C GLY C 39 -9.26 -14.44 -17.06
N LEU C 40 -9.11 -14.11 -18.35
CA LEU C 40 -9.95 -14.61 -19.42
C LEU C 40 -9.15 -15.42 -20.44
N ASN C 41 -9.73 -16.52 -20.90
CA ASN C 41 -9.04 -17.49 -21.75
C ASN C 41 -9.16 -17.09 -23.22
N LEU C 42 -8.03 -17.19 -23.94
CA LEU C 42 -7.97 -16.94 -25.38
C LEU C 42 -8.94 -17.79 -26.21
N GLU C 43 -9.23 -19.02 -25.75
CA GLU C 43 -10.33 -19.89 -26.18
C GLU C 43 -11.61 -19.18 -26.57
N GLY C 44 -12.10 -18.30 -25.70
CA GLY C 44 -13.35 -17.61 -25.95
C GLY C 44 -13.34 -16.67 -27.14
N ASN C 45 -12.17 -16.35 -27.70
CA ASN C 45 -12.09 -15.55 -28.92
C ASN C 45 -11.89 -16.38 -30.18
N GLY C 46 -11.88 -17.70 -30.08
CA GLY C 46 -11.84 -18.53 -31.26
C GLY C 46 -10.48 -18.95 -31.75
N VAL C 47 -9.44 -18.80 -30.95
CA VAL C 47 -8.11 -19.21 -31.39
C VAL C 47 -8.09 -20.73 -31.39
N ALA C 48 -7.31 -21.31 -32.30
CA ALA C 48 -7.17 -22.75 -32.35
C ALA C 48 -6.54 -23.27 -31.06
N THR C 49 -7.19 -24.28 -30.46
CA THR C 49 -6.76 -24.78 -29.17
C THR C 49 -6.07 -26.11 -29.23
N ASP C 50 -6.12 -26.77 -30.38
CA ASP C 50 -5.35 -27.97 -30.65
C ASP C 50 -3.86 -27.72 -30.42
N VAL C 51 -3.19 -28.77 -29.90
CA VAL C 51 -1.77 -28.66 -29.54
C VAL C 51 -0.81 -28.19 -30.64
N PRO C 52 -0.87 -28.69 -31.91
CA PRO C 52 0.08 -28.16 -32.92
C PRO C 52 -0.03 -26.67 -33.22
N SER C 53 -1.25 -26.14 -33.31
CA SER C 53 -1.41 -24.72 -33.55
C SER C 53 -1.05 -23.91 -32.32
N ALA C 54 -1.47 -24.36 -31.14
CA ALA C 54 -1.22 -23.64 -29.89
C ALA C 54 0.27 -23.51 -29.57
N THR C 55 1.02 -24.61 -29.70
CA THR C 55 2.44 -24.60 -29.32
C THR C 55 3.31 -23.75 -30.24
N LYS C 56 2.89 -23.50 -31.47
CA LYS C 56 3.60 -22.59 -32.35
C LYS C 56 3.55 -21.14 -31.88
N ARG C 57 2.62 -20.80 -30.99
CA ARG C 57 2.55 -19.47 -30.40
C ARG C 57 3.57 -19.24 -29.27
N TRP C 58 4.31 -20.25 -28.84
CA TRP C 58 5.29 -20.10 -27.77
C TRP C 58 6.70 -20.27 -28.32
N GLY C 59 7.65 -19.57 -27.71
CA GLY C 59 9.03 -19.57 -28.20
C GLY C 59 10.03 -19.22 -27.13
N PHE C 60 11.26 -19.71 -27.31
CA PHE C 60 12.33 -19.51 -26.34
C PHE C 60 13.15 -18.25 -26.61
N ARG C 61 13.58 -17.60 -25.53
CA ARG C 61 14.30 -16.34 -25.54
C ARG C 61 15.10 -16.24 -24.25
N SER C 62 16.32 -15.71 -24.36
CA SER C 62 17.17 -15.41 -23.20
C SER C 62 17.25 -13.91 -22.98
N GLY C 63 17.71 -13.53 -21.79
CA GLY C 63 17.93 -12.14 -21.46
C GLY C 63 16.76 -11.39 -20.85
N VAL C 64 15.56 -11.95 -20.83
CA VAL C 64 14.39 -11.27 -20.31
C VAL C 64 13.95 -11.96 -19.01
N PRO C 65 14.09 -11.30 -17.86
CA PRO C 65 13.65 -11.89 -16.57
C PRO C 65 12.15 -12.12 -16.51
N PRO C 66 11.70 -13.26 -15.97
CA PRO C 66 10.26 -13.50 -15.80
C PRO C 66 9.58 -12.57 -14.80
N LYS C 67 8.27 -12.45 -14.95
CA LYS C 67 7.43 -11.58 -14.12
C LYS C 67 6.11 -12.27 -13.84
N VAL C 68 5.56 -12.04 -12.64
CA VAL C 68 4.34 -12.69 -12.17
C VAL C 68 3.40 -11.62 -11.63
N VAL C 69 2.10 -11.73 -11.95
CA VAL C 69 1.06 -10.80 -11.47
C VAL C 69 -0.17 -11.61 -11.06
N ASN C 70 -0.79 -11.25 -9.95
CA ASN C 70 -1.94 -12.02 -9.47
C ASN C 70 -3.23 -11.63 -10.17
N TYR C 71 -4.22 -12.53 -10.11
CA TYR C 71 -5.57 -12.26 -10.57
C TYR C 71 -6.53 -13.03 -9.68
N GLU C 72 -7.69 -12.46 -9.43
CA GLU C 72 -8.56 -12.95 -8.37
C GLU C 72 -9.62 -13.97 -8.83
N ALA C 73 -10.04 -13.93 -10.09
CA ALA C 73 -11.14 -14.76 -10.58
C ALA C 73 -10.86 -15.20 -12.01
N GLY C 74 -11.35 -16.40 -12.37
CA GLY C 74 -11.07 -16.95 -13.67
C GLY C 74 -12.26 -17.64 -14.31
N GLU C 75 -11.99 -18.19 -15.49
CA GLU C 75 -12.95 -18.84 -16.37
C GLU C 75 -12.69 -20.34 -16.46
N TRP C 76 -13.76 -21.15 -16.51
CA TRP C 76 -13.55 -22.58 -16.73
C TRP C 76 -12.99 -22.80 -18.12
N ALA C 77 -11.91 -23.56 -18.21
CA ALA C 77 -11.27 -23.79 -19.48
C ALA C 77 -11.72 -25.15 -19.98
N GLU C 78 -11.95 -25.23 -21.29
CA GLU C 78 -12.07 -26.54 -21.93
C GLU C 78 -10.72 -27.21 -22.06
N ASN C 79 -9.70 -26.43 -22.42
CA ASN C 79 -8.38 -26.92 -22.76
C ASN C 79 -7.33 -26.24 -21.89
N CYS C 80 -6.55 -27.04 -21.18
CA CYS C 80 -5.38 -26.60 -20.46
C CYS C 80 -4.19 -27.44 -20.93
N TYR C 81 -2.97 -27.00 -20.60
CA TYR C 81 -1.75 -27.61 -21.09
C TYR C 81 -0.71 -27.87 -20.01
N ASN C 82 0.11 -28.88 -20.24
CA ASN C 82 1.11 -29.36 -19.28
C ASN C 82 2.34 -29.90 -20.02
N LEU C 83 3.50 -29.26 -19.86
CA LEU C 83 4.67 -29.54 -20.69
C LEU C 83 5.77 -30.18 -19.85
N GLU C 84 6.29 -31.28 -20.35
CA GLU C 84 7.46 -31.99 -19.84
C GLU C 84 8.45 -32.10 -20.98
N ILE C 85 9.21 -31.03 -21.21
CA ILE C 85 10.12 -30.94 -22.33
C ILE C 85 11.54 -31.06 -21.81
N LYS C 86 12.34 -31.91 -22.45
CA LYS C 86 13.75 -32.03 -22.13
C LYS C 86 14.57 -31.69 -23.37
N LYS C 87 15.84 -31.35 -23.14
CA LYS C 87 16.80 -31.27 -24.22
C LYS C 87 17.25 -32.69 -24.60
N PRO C 88 17.80 -32.87 -25.82
CA PRO C 88 18.35 -34.20 -26.19
C PRO C 88 19.36 -34.80 -25.22
N ASP C 89 20.11 -33.97 -24.48
CA ASP C 89 21.01 -34.45 -23.44
C ASP C 89 20.28 -34.80 -22.13
N GLY C 90 18.95 -34.75 -22.11
CA GLY C 90 18.17 -35.13 -20.95
C GLY C 90 17.93 -34.03 -19.95
N SER C 91 18.57 -32.88 -20.11
CA SER C 91 18.41 -31.76 -19.18
C SER C 91 17.11 -31.02 -19.46
N GLU C 92 16.59 -30.40 -18.41
CA GLU C 92 15.28 -29.75 -18.47
C GLU C 92 15.32 -28.43 -19.24
N CYS C 93 14.31 -28.24 -20.08
CA CYS C 93 14.12 -27.01 -20.84
C CYS C 93 13.40 -25.94 -20.02
N LEU C 94 12.58 -26.35 -19.06
CA LEU C 94 11.72 -25.46 -18.31
C LEU C 94 12.08 -25.44 -16.84
N PRO C 95 11.99 -24.29 -16.16
CA PRO C 95 12.33 -24.23 -14.74
C PRO C 95 11.24 -24.84 -13.87
N ALA C 96 11.66 -25.28 -12.68
CA ALA C 96 10.71 -25.78 -11.69
C ALA C 96 9.79 -24.68 -11.20
N ALA C 97 8.56 -25.06 -10.87
CA ALA C 97 7.55 -24.17 -10.30
C ALA C 97 8.02 -23.50 -9.01
N PRO C 98 8.00 -22.17 -8.92
CA PRO C 98 8.20 -21.49 -7.63
C PRO C 98 7.21 -21.93 -6.55
N ASP C 99 7.61 -21.70 -5.30
CA ASP C 99 6.76 -21.98 -4.13
C ASP C 99 5.40 -21.26 -4.21
N GLY C 100 4.33 -22.03 -4.05
CA GLY C 100 3.00 -21.44 -4.04
C GLY C 100 2.37 -21.15 -5.37
N ILE C 101 2.95 -21.61 -6.48
CA ILE C 101 2.30 -21.51 -7.79
C ILE C 101 1.78 -22.92 -8.16
N ARG C 102 0.47 -23.09 -8.05
CA ARG C 102 -0.19 -24.35 -8.40
C ARG C 102 -0.91 -24.25 -9.74
N GLY C 103 -1.33 -25.43 -10.23
CA GLY C 103 -1.98 -25.52 -11.52
C GLY C 103 -3.34 -24.85 -11.56
N PHE C 104 -3.78 -24.53 -12.78
CA PHE C 104 -5.10 -23.97 -13.01
C PHE C 104 -6.21 -24.87 -12.47
N PRO C 105 -7.13 -24.36 -11.65
CA PRO C 105 -8.01 -25.23 -10.86
C PRO C 105 -9.19 -25.86 -11.60
N ARG C 106 -9.55 -25.37 -12.79
CA ARG C 106 -10.74 -25.87 -13.50
C ARG C 106 -10.43 -26.07 -14.98
N CYS C 107 -10.13 -27.31 -15.35
CA CYS C 107 -9.84 -27.71 -16.72
C CYS C 107 -10.69 -28.91 -17.08
N ARG C 108 -11.43 -28.82 -18.17
CA ARG C 108 -12.19 -29.98 -18.63
C ARG C 108 -11.27 -31.00 -19.28
N TYR C 109 -10.37 -30.55 -20.15
CA TYR C 109 -9.38 -31.40 -20.79
C TYR C 109 -8.01 -30.81 -20.48
N VAL C 110 -7.11 -31.62 -19.93
CA VAL C 110 -5.72 -31.24 -19.72
C VAL C 110 -4.86 -31.90 -20.79
N HIS C 111 -4.29 -31.08 -21.68
CA HIS C 111 -3.42 -31.57 -22.75
C HIS C 111 -1.99 -31.66 -22.20
N LYS C 112 -1.56 -32.85 -21.83
CA LYS C 112 -0.25 -33.05 -21.22
C LYS C 112 0.75 -33.46 -22.29
N VAL C 113 1.69 -32.58 -22.61
CA VAL C 113 2.65 -32.80 -23.69
C VAL C 113 4.02 -33.08 -23.08
N SER C 114 4.61 -34.20 -23.49
CA SER C 114 5.96 -34.58 -23.12
C SER C 114 6.82 -34.72 -24.37
N GLY C 115 8.11 -34.45 -24.28
CA GLY C 115 8.91 -34.63 -25.48
C GLY C 115 10.19 -33.82 -25.48
N THR C 116 10.67 -33.56 -26.70
CA THR C 116 11.99 -32.98 -26.91
C THR C 116 11.92 -31.82 -27.89
N GLY C 117 12.86 -30.87 -27.74
CA GLY C 117 13.06 -29.79 -28.67
C GLY C 117 14.46 -29.24 -28.49
N PRO C 118 14.90 -28.34 -29.39
CA PRO C 118 16.22 -27.72 -29.20
C PRO C 118 16.30 -26.72 -28.07
N CYS C 119 15.19 -26.07 -27.72
CA CYS C 119 15.02 -25.15 -26.57
C CYS C 119 16.14 -24.11 -26.50
N ALA C 120 16.28 -23.35 -27.58
CA ALA C 120 17.42 -22.44 -27.73
C ALA C 120 17.14 -21.11 -27.03
N GLY C 121 17.07 -21.18 -25.71
CA GLY C 121 16.75 -20.01 -24.91
C GLY C 121 16.36 -20.34 -23.50
N ASP C 122 16.59 -19.42 -22.58
CA ASP C 122 16.37 -19.71 -21.17
C ASP C 122 14.89 -19.74 -20.76
N PHE C 123 14.02 -18.97 -21.40
CA PHE C 123 12.61 -19.00 -21.02
C PHE C 123 11.70 -19.04 -22.23
N ALA C 124 10.51 -19.61 -22.04
CA ALA C 124 9.50 -19.70 -23.08
C ALA C 124 8.42 -18.63 -22.90
N PHE C 125 8.25 -17.78 -23.89
CA PHE C 125 7.28 -16.69 -23.86
C PHE C 125 6.20 -16.92 -24.91
N HIS C 126 5.11 -16.17 -24.77
CA HIS C 126 4.03 -16.18 -25.75
C HIS C 126 4.36 -15.18 -26.85
N LYS C 127 4.38 -15.65 -28.11
CA LYS C 127 4.77 -14.80 -29.23
C LYS C 127 3.77 -13.70 -29.51
N GLU C 128 2.52 -13.84 -29.08
CA GLU C 128 1.52 -12.80 -29.22
C GLU C 128 1.38 -11.97 -27.96
N GLY C 129 2.25 -12.18 -26.98
CA GLY C 129 2.23 -11.40 -25.76
C GLY C 129 1.20 -11.76 -24.71
N ALA C 130 0.49 -12.87 -24.86
CA ALA C 130 -0.47 -13.28 -23.84
C ALA C 130 0.24 -13.85 -22.61
N PHE C 131 -0.55 -14.18 -21.59
CA PHE C 131 -0.05 -14.72 -20.34
C PHE C 131 -0.38 -16.20 -20.20
N PHE C 132 0.37 -16.86 -19.34
CA PHE C 132 0.05 -18.21 -18.87
C PHE C 132 -0.61 -18.11 -17.50
N LEU C 133 -1.87 -18.53 -17.42
CA LEU C 133 -2.68 -18.42 -16.22
C LEU C 133 -2.59 -19.70 -15.39
N TYR C 134 -2.22 -19.54 -14.12
CA TYR C 134 -2.13 -20.60 -13.13
C TYR C 134 -3.18 -20.33 -12.04
N ASP C 135 -3.00 -20.95 -10.87
CA ASP C 135 -3.93 -20.74 -9.77
C ASP C 135 -3.74 -19.35 -9.18
N ARG C 136 -4.47 -18.38 -9.73
CA ARG C 136 -4.53 -16.98 -9.32
C ARG C 136 -3.19 -16.25 -9.44
N LEU C 137 -2.28 -16.77 -10.26
CA LEU C 137 -1.03 -16.11 -10.58
C LEU C 137 -0.77 -16.28 -12.06
N ALA C 138 -0.52 -15.19 -12.78
CA ALA C 138 -0.19 -15.22 -14.19
C ALA C 138 1.28 -14.92 -14.38
N SER C 139 1.96 -15.74 -15.18
CA SER C 139 3.38 -15.58 -15.43
C SER C 139 3.63 -15.39 -16.91
N THR C 140 4.72 -14.71 -17.24
CA THR C 140 5.18 -14.60 -18.61
C THR C 140 5.84 -15.86 -19.14
N VAL C 141 6.19 -16.82 -18.27
CA VAL C 141 6.94 -18.00 -18.71
C VAL C 141 6.24 -19.27 -18.24
N ILE C 142 6.61 -20.37 -18.88
CA ILE C 142 6.07 -21.69 -18.55
C ILE C 142 6.95 -22.36 -17.51
N TYR C 143 6.33 -22.85 -16.44
CA TYR C 143 7.00 -23.65 -15.43
C TYR C 143 6.76 -25.12 -15.69
N ARG C 144 7.71 -25.94 -15.26
CA ARG C 144 7.67 -27.38 -15.49
C ARG C 144 6.51 -28.03 -14.74
N GLY C 145 5.80 -28.92 -15.42
CA GLY C 145 4.83 -29.81 -14.81
C GLY C 145 3.64 -29.14 -14.15
N THR C 146 3.27 -27.94 -14.59
CA THR C 146 2.27 -27.14 -13.91
C THR C 146 1.23 -26.72 -14.93
N THR C 147 -0.01 -27.13 -14.69
CA THR C 147 -1.11 -26.94 -15.64
C THR C 147 -1.49 -25.46 -15.74
N PHE C 148 -1.59 -24.96 -16.98
CA PHE C 148 -1.96 -23.57 -17.25
C PHE C 148 -3.00 -23.45 -18.35
N ALA C 149 -3.65 -22.29 -18.38
CA ALA C 149 -4.49 -21.88 -19.49
C ALA C 149 -3.88 -20.65 -20.16
N GLU C 150 -4.06 -20.50 -21.46
CA GLU C 150 -3.60 -19.27 -22.10
C GLU C 150 -4.64 -18.19 -21.85
N GLY C 151 -4.20 -17.02 -21.43
CA GLY C 151 -5.20 -16.01 -21.14
C GLY C 151 -4.58 -14.66 -20.95
N VAL C 152 -5.43 -13.71 -20.59
CA VAL C 152 -5.08 -12.30 -20.40
C VAL C 152 -5.86 -11.77 -19.21
N VAL C 153 -5.38 -10.66 -18.64
CA VAL C 153 -5.92 -10.15 -17.38
C VAL C 153 -6.59 -8.80 -17.62
N ALA C 154 -7.73 -8.61 -16.97
CA ALA C 154 -8.47 -7.36 -16.94
C ALA C 154 -8.60 -6.87 -15.50
N PHE C 155 -8.77 -5.57 -15.35
CA PHE C 155 -9.00 -4.93 -14.06
C PHE C 155 -10.31 -4.15 -14.12
N LEU C 156 -11.13 -4.31 -13.09
CA LEU C 156 -12.50 -3.79 -13.07
C LEU C 156 -12.83 -3.04 -11.78
N ILE C 157 -13.65 -2.00 -11.96
CA ILE C 157 -14.51 -1.40 -10.94
C ILE C 157 -15.91 -2.00 -11.01
N LEU C 158 -16.30 -2.66 -9.95
CA LEU C 158 -17.59 -3.25 -9.65
C LEU C 158 -18.55 -2.17 -9.15
N PRO C 159 -19.85 -2.29 -9.46
CA PRO C 159 -20.83 -1.40 -8.85
C PRO C 159 -21.07 -1.67 -7.38
N GLN C 160 -21.15 -0.56 -6.62
CA GLN C 160 -21.29 -0.51 -5.17
C GLN C 160 -22.53 -1.23 -4.64
N ALA C 161 -23.55 -1.45 -5.46
CA ALA C 161 -24.68 -2.26 -5.00
C ALA C 161 -24.22 -3.68 -4.71
N LYS C 162 -24.69 -4.18 -3.57
CA LYS C 162 -24.37 -5.45 -2.93
C LYS C 162 -24.74 -6.71 -3.70
N LYS C 163 -24.89 -7.80 -2.94
CA LYS C 163 -25.25 -9.17 -3.37
C LYS C 163 -24.01 -9.89 -3.89
N ASP C 164 -22.93 -9.15 -4.22
CA ASP C 164 -21.65 -9.65 -4.72
C ASP C 164 -21.76 -10.22 -6.14
N PHE C 165 -21.38 -9.39 -7.13
CA PHE C 165 -21.43 -9.61 -8.59
C PHE C 165 -21.29 -11.08 -8.96
N PHE C 166 -20.18 -11.72 -8.56
CA PHE C 166 -20.00 -13.11 -8.91
C PHE C 166 -20.84 -13.97 -7.96
N SER C 167 -21.14 -15.19 -8.42
CA SER C 167 -21.93 -16.23 -7.74
C SER C 167 -23.37 -15.73 -7.72
N SER C 168 -23.83 -15.31 -8.90
CA SER C 168 -25.23 -14.99 -9.17
C SER C 168 -26.05 -16.27 -9.32
N HIS C 169 -25.67 -17.10 -10.27
CA HIS C 169 -26.15 -18.47 -10.34
C HIS C 169 -25.20 -19.31 -9.51
N PRO C 170 -25.51 -20.59 -9.25
CA PRO C 170 -24.45 -21.46 -8.73
C PRO C 170 -24.15 -22.61 -9.67
N TYR C 186 -15.03 -31.77 -13.50
CA TYR C 186 -14.49 -32.83 -14.33
C TYR C 186 -13.17 -32.56 -15.04
N SER C 187 -12.24 -33.49 -14.91
CA SER C 187 -10.91 -33.33 -15.48
C SER C 187 -10.54 -34.61 -16.23
N THR C 188 -9.89 -34.44 -17.38
CA THR C 188 -9.52 -35.58 -18.22
C THR C 188 -8.08 -35.40 -18.64
N THR C 189 -7.24 -36.40 -18.44
CA THR C 189 -5.87 -36.21 -18.88
C THR C 189 -5.80 -36.73 -20.31
N ILE C 190 -5.31 -35.89 -21.21
CA ILE C 190 -5.10 -36.27 -22.61
C ILE C 190 -3.61 -36.15 -22.83
N ARG C 191 -2.96 -37.26 -23.15
CA ARG C 191 -1.51 -37.29 -23.24
C ARG C 191 -0.97 -37.15 -24.67
N TYR C 192 0.12 -36.38 -24.83
CA TYR C 192 0.74 -36.18 -26.14
C TYR C 192 2.27 -36.26 -26.02
N GLN C 193 2.94 -36.78 -27.06
CA GLN C 193 4.40 -36.68 -27.24
C GLN C 193 4.78 -35.75 -28.37
N ALA C 194 5.89 -35.03 -28.22
CA ALA C 194 6.30 -34.08 -29.24
C ALA C 194 7.79 -34.21 -29.53
N THR C 195 8.15 -34.01 -30.80
CA THR C 195 9.54 -33.87 -31.21
C THR C 195 9.71 -32.57 -32.00
N GLY C 196 10.91 -31.99 -31.91
CA GLY C 196 11.27 -30.72 -32.53
C GLY C 196 10.43 -29.56 -32.05
N PHE C 197 10.12 -29.53 -30.75
CA PHE C 197 9.26 -28.52 -30.15
C PHE C 197 9.84 -27.11 -30.27
N GLY C 198 8.97 -26.15 -30.59
CA GLY C 198 9.33 -24.76 -30.74
C GLY C 198 10.09 -24.42 -31.99
N THR C 199 9.93 -25.21 -33.05
CA THR C 199 10.60 -25.00 -34.32
C THR C 199 9.55 -25.08 -35.43
N ASN C 200 10.00 -24.99 -36.69
CA ASN C 200 9.10 -25.19 -37.82
C ASN C 200 8.65 -26.64 -37.97
N GLU C 201 9.54 -27.61 -37.74
CA GLU C 201 9.26 -29.04 -37.95
C GLU C 201 8.82 -29.79 -36.68
N THR C 202 7.77 -29.29 -36.03
CA THR C 202 7.25 -29.98 -34.85
C THR C 202 6.35 -31.13 -35.27
N GLU C 203 6.49 -32.26 -34.57
CA GLU C 203 5.70 -33.45 -34.82
C GLU C 203 5.06 -33.85 -33.49
N TYR C 204 3.78 -34.22 -33.55
CA TYR C 204 2.96 -34.54 -32.40
C TYR C 204 2.44 -35.96 -32.49
N LEU C 205 2.36 -36.62 -31.34
CA LEU C 205 1.80 -37.94 -31.21
C LEU C 205 0.73 -37.92 -30.14
N PHE C 206 -0.46 -38.41 -30.45
CA PHE C 206 -1.47 -38.59 -29.41
C PHE C 206 -1.16 -39.92 -28.75
N GLU C 207 -1.14 -39.90 -27.41
CA GLU C 207 -0.75 -41.04 -26.60
C GLU C 207 -2.00 -41.84 -26.25
N VAL C 208 -2.05 -43.08 -26.71
CA VAL C 208 -3.13 -44.02 -26.40
C VAL C 208 -2.84 -44.81 -25.15
N ASP C 209 -1.68 -45.44 -25.10
CA ASP C 209 -1.11 -45.98 -23.88
C ASP C 209 0.40 -45.76 -23.94
N ASN C 210 1.12 -46.36 -23.00
CA ASN C 210 2.56 -46.14 -22.91
C ASN C 210 3.36 -46.75 -24.07
N LEU C 211 2.82 -47.70 -24.83
CA LEU C 211 3.56 -48.23 -25.99
C LEU C 211 2.83 -48.16 -27.32
N THR C 212 1.66 -47.52 -27.40
CA THR C 212 0.91 -47.43 -28.65
C THR C 212 0.57 -45.98 -28.91
N TYR C 213 1.00 -45.45 -30.05
CA TYR C 213 0.77 -44.03 -30.30
C TYR C 213 0.18 -43.88 -31.69
N VAL C 214 -0.41 -42.72 -31.93
CA VAL C 214 -0.91 -42.36 -33.26
C VAL C 214 -0.35 -40.98 -33.56
N GLN C 215 0.15 -40.74 -34.79
CA GLN C 215 0.69 -39.40 -35.00
C GLN C 215 -0.47 -38.42 -35.09
N LEU C 216 -0.47 -37.44 -34.21
CA LEU C 216 -1.59 -36.54 -34.05
C LEU C 216 -1.38 -35.37 -35.00
N GLU C 217 -2.45 -34.95 -35.64
CA GLU C 217 -2.46 -33.75 -36.46
C GLU C 217 -3.42 -32.77 -35.82
N SER C 218 -3.18 -31.52 -36.17
CA SER C 218 -3.96 -30.37 -35.72
C SER C 218 -5.46 -30.46 -36.04
N ARG C 219 -5.84 -31.10 -37.13
CA ARG C 219 -7.27 -31.13 -37.45
C ARG C 219 -8.13 -31.99 -36.52
N PHE C 220 -7.55 -32.77 -35.60
CA PHE C 220 -8.31 -33.61 -34.67
C PHE C 220 -8.74 -32.80 -33.45
N THR C 221 -10.06 -32.72 -33.23
CA THR C 221 -10.63 -32.04 -32.07
C THR C 221 -10.58 -32.99 -30.87
N PRO C 222 -10.72 -32.48 -29.63
CA PRO C 222 -10.85 -33.39 -28.47
C PRO C 222 -12.02 -34.39 -28.54
N GLN C 223 -13.18 -34.03 -29.10
CA GLN C 223 -14.32 -34.94 -29.08
C GLN C 223 -14.11 -36.18 -29.94
N PHE C 224 -13.52 -36.02 -31.13
CA PHE C 224 -13.21 -37.17 -31.96
C PHE C 224 -12.16 -38.08 -31.32
N LEU C 225 -11.10 -37.48 -30.74
CA LEU C 225 -10.08 -38.31 -30.08
C LEU C 225 -10.68 -39.15 -28.95
N LEU C 226 -11.53 -38.56 -28.10
CA LEU C 226 -12.12 -39.37 -27.01
C LEU C 226 -13.05 -40.45 -27.55
N GLN C 227 -13.74 -40.15 -28.65
CA GLN C 227 -14.60 -41.15 -29.28
C GLN C 227 -13.74 -42.27 -29.88
N LEU C 228 -12.63 -41.89 -30.53
CA LEU C 228 -11.69 -42.86 -31.07
C LEU C 228 -11.12 -43.76 -29.97
N ASN C 229 -10.74 -43.20 -28.80
CA ASN C 229 -10.19 -44.03 -27.70
C ASN C 229 -11.18 -45.07 -27.22
N GLU C 230 -12.46 -44.69 -27.05
CA GLU C 230 -13.40 -45.72 -26.64
C GLU C 230 -13.64 -46.79 -27.71
N THR C 231 -13.62 -46.41 -29.01
CA THR C 231 -13.73 -47.43 -30.06
C THR C 231 -12.52 -48.38 -30.15
N ILE C 232 -11.30 -47.87 -30.08
CA ILE C 232 -10.10 -48.73 -30.14
C ILE C 232 -10.06 -49.66 -28.94
N TYR C 233 -10.42 -49.15 -27.75
CA TYR C 233 -10.44 -49.98 -26.53
C TYR C 233 -11.41 -51.13 -26.70
N THR C 234 -12.64 -50.89 -27.18
CA THR C 234 -13.52 -52.05 -27.28
C THR C 234 -13.12 -52.94 -28.44
N SER C 235 -12.65 -52.36 -29.55
CA SER C 235 -12.15 -53.18 -30.65
C SER C 235 -10.81 -53.86 -30.38
N GLY C 236 -9.98 -53.39 -29.45
CA GLY C 236 -8.76 -54.17 -29.23
C GLY C 236 -7.63 -53.98 -30.23
N LYS C 237 -7.24 -52.76 -30.58
CA LYS C 237 -6.20 -52.58 -31.58
C LYS C 237 -4.91 -52.01 -31.00
N ARG C 238 -4.61 -52.29 -29.74
CA ARG C 238 -3.31 -51.94 -29.20
C ARG C 238 -2.24 -52.97 -29.61
N SER C 239 -0.99 -52.55 -29.41
CA SER C 239 0.20 -53.36 -29.71
C SER C 239 0.33 -54.57 -28.82
N ASN C 240 0.52 -55.73 -29.45
CA ASN C 240 0.79 -57.00 -28.81
C ASN C 240 2.20 -57.42 -29.25
N THR C 241 3.16 -56.51 -29.05
CA THR C 241 4.52 -56.66 -29.54
C THR C 241 5.42 -55.66 -28.84
N THR C 242 6.69 -56.05 -28.67
CA THR C 242 7.72 -55.17 -28.08
C THR C 242 7.86 -53.85 -28.81
N GLY C 243 7.63 -53.83 -30.13
CA GLY C 243 7.81 -52.66 -30.94
C GLY C 243 6.60 -51.73 -31.02
N LYS C 244 6.84 -50.63 -31.72
CA LYS C 244 5.94 -49.49 -31.78
C LYS C 244 4.96 -49.67 -32.94
N LEU C 245 3.67 -49.51 -32.67
CA LEU C 245 2.62 -49.64 -33.69
C LEU C 245 2.12 -48.22 -33.92
N ILE C 246 2.38 -47.70 -35.12
CA ILE C 246 2.01 -46.35 -35.53
C ILE C 246 0.90 -46.38 -36.58
N TRP C 247 -0.30 -45.98 -36.17
CA TRP C 247 -1.51 -45.82 -36.97
C TRP C 247 -1.51 -44.57 -37.84
N LYS C 248 -2.30 -44.63 -38.94
CA LYS C 248 -2.49 -43.49 -39.82
C LYS C 248 -3.98 -43.28 -40.09
N VAL C 249 -4.34 -42.01 -40.33
CA VAL C 249 -5.72 -41.54 -40.59
C VAL C 249 -5.71 -40.80 -41.91
N ASN C 250 -6.20 -41.41 -42.98
CA ASN C 250 -6.21 -40.72 -44.27
C ASN C 250 -7.26 -39.59 -44.25
N PRO C 251 -7.05 -38.50 -45.00
CA PRO C 251 -7.81 -37.22 -44.76
C PRO C 251 -9.32 -37.32 -44.92
N GLU C 252 -9.79 -38.29 -45.69
CA GLU C 252 -11.21 -38.49 -45.97
C GLU C 252 -12.01 -39.02 -44.79
N ILE C 253 -11.37 -39.34 -43.67
CA ILE C 253 -12.10 -39.64 -42.44
C ILE C 253 -12.65 -38.32 -41.91
N ASP C 254 -13.93 -38.31 -41.55
CA ASP C 254 -14.53 -37.09 -41.03
C ASP C 254 -14.09 -36.80 -39.60
N THR C 255 -13.99 -35.51 -39.31
CA THR C 255 -13.74 -34.94 -37.99
C THR C 255 -14.49 -33.62 -37.91
N THR C 256 -14.78 -33.19 -36.69
CA THR C 256 -15.45 -31.91 -36.46
C THR C 256 -14.49 -30.75 -36.68
N SER C 275 -18.11 -45.59 -32.97
CA SER C 275 -18.77 -46.73 -33.58
C SER C 275 -17.78 -47.71 -34.22
N GLU C 276 -18.37 -48.75 -34.82
CA GLU C 276 -17.73 -49.85 -35.53
C GLU C 276 -17.54 -49.60 -37.02
N GLU C 277 -17.44 -48.34 -37.44
CA GLU C 277 -17.30 -47.99 -38.85
C GLU C 277 -15.85 -47.76 -39.23
N LEU C 278 -14.96 -47.73 -38.24
CA LEU C 278 -13.53 -47.54 -38.43
C LEU C 278 -12.82 -48.88 -38.60
N SER C 279 -12.11 -49.05 -39.72
CA SER C 279 -11.30 -50.24 -40.02
C SER C 279 -9.77 -50.06 -40.10
N PHE C 280 -9.02 -50.84 -39.32
CA PHE C 280 -7.55 -50.79 -39.29
C PHE C 280 -6.92 -52.00 -40.00
N THR C 281 -5.83 -51.74 -40.74
CA THR C 281 -5.10 -52.76 -41.47
C THR C 281 -3.63 -52.39 -41.38
N VAL C 282 -2.81 -53.34 -40.93
CA VAL C 282 -1.38 -53.12 -40.70
C VAL C 282 -0.59 -53.45 -41.96
N VAL C 283 0.29 -52.53 -42.35
CA VAL C 283 1.14 -52.73 -43.53
C VAL C 283 2.34 -53.62 -43.21
N UNK C 284 11.00 -54.10 -33.82
CA UNK C 284 11.39 -52.87 -34.51
C UNK C 284 10.23 -51.88 -34.53
N UNK C 285 9.48 -51.85 -35.63
CA UNK C 285 8.33 -50.97 -35.76
C UNK C 285 7.28 -51.55 -36.69
N UNK C 286 6.09 -50.96 -36.69
CA UNK C 286 5.01 -51.38 -37.55
C UNK C 286 4.12 -50.19 -37.90
N UNK C 287 4.21 -49.75 -39.16
CA UNK C 287 3.33 -48.72 -39.69
C UNK C 287 2.02 -49.33 -40.19
N UNK C 288 0.90 -48.72 -39.82
CA UNK C 288 -0.42 -49.26 -40.13
C UNK C 288 -1.33 -48.19 -40.75
N UNK C 289 -2.60 -48.49 -40.93
CA UNK C 289 -3.52 -47.54 -41.55
C UNK C 289 -4.98 -47.75 -41.16
N UNK C 290 -5.76 -46.66 -41.26
CA UNK C 290 -7.20 -46.72 -41.04
C UNK C 290 -8.01 -46.29 -42.27
N UNK C 291 -9.28 -46.68 -42.25
CA UNK C 291 -10.18 -46.43 -43.37
C UNK C 291 -11.62 -46.48 -42.86
N UNK C 292 -12.54 -45.97 -43.66
CA UNK C 292 -13.96 -46.00 -43.31
C UNK C 292 -14.71 -46.95 -44.24
N GLU D 1 -14.39 5.06 -23.45
CA GLU D 1 -14.66 4.59 -24.80
C GLU D 1 -15.67 3.46 -24.73
N ALA D 2 -16.51 3.27 -25.74
CA ALA D 2 -17.25 2.03 -25.78
C ALA D 2 -16.39 0.91 -26.34
N ILE D 3 -16.66 -0.31 -25.92
CA ILE D 3 -16.00 -1.52 -26.40
C ILE D 3 -16.81 -2.26 -27.47
N VAL D 4 -16.20 -2.38 -28.64
CA VAL D 4 -16.75 -3.11 -29.77
C VAL D 4 -15.83 -4.31 -29.92
N ASN D 5 -16.34 -5.49 -29.60
CA ASN D 5 -15.58 -6.73 -29.70
C ASN D 5 -15.22 -6.97 -31.16
N ALA D 6 -13.92 -6.99 -31.41
CA ALA D 6 -13.36 -7.14 -32.75
C ALA D 6 -12.54 -8.42 -32.92
N GLN D 7 -12.94 -9.47 -32.26
CA GLN D 7 -12.34 -10.78 -32.28
C GLN D 7 -13.04 -11.66 -33.31
N PRO D 8 -12.37 -12.71 -33.82
CA PRO D 8 -13.04 -13.63 -34.76
C PRO D 8 -14.29 -14.30 -34.20
N LYS D 9 -14.28 -14.75 -32.94
CA LYS D 9 -15.48 -15.26 -32.28
C LYS D 9 -15.60 -14.69 -30.87
N CYS D 10 -16.78 -14.90 -30.27
CA CYS D 10 -17.01 -14.56 -28.87
C CYS D 10 -17.81 -15.70 -28.26
N ASN D 11 -17.28 -16.35 -27.22
CA ASN D 11 -18.10 -17.24 -26.40
C ASN D 11 -18.97 -16.36 -25.48
N PRO D 12 -20.29 -16.33 -25.71
CA PRO D 12 -21.15 -15.40 -24.97
C PRO D 12 -21.46 -15.77 -23.54
N ASN D 13 -21.09 -16.95 -23.07
CA ASN D 13 -21.34 -17.32 -21.68
C ASN D 13 -20.05 -17.45 -20.91
N LEU D 14 -20.07 -17.02 -19.66
CA LEU D 14 -18.88 -17.03 -18.80
C LEU D 14 -19.20 -17.92 -17.62
N HIS D 15 -18.72 -19.17 -17.69
CA HIS D 15 -18.79 -20.09 -16.57
C HIS D 15 -17.56 -19.83 -15.70
N TYR D 16 -17.76 -19.15 -14.57
CA TYR D 16 -16.67 -18.66 -13.74
C TYR D 16 -16.51 -19.41 -12.41
N TRP D 17 -15.31 -19.26 -11.85
CA TRP D 17 -14.94 -19.66 -10.50
C TRP D 17 -14.27 -18.48 -9.80
N THR D 18 -14.45 -18.39 -8.49
CA THR D 18 -13.71 -17.42 -7.66
C THR D 18 -13.62 -17.99 -6.24
N THR D 19 -12.97 -17.25 -5.34
CA THR D 19 -12.90 -17.70 -3.96
C THR D 19 -13.94 -17.05 -3.05
N GLN D 20 -14.33 -17.84 -2.06
CA GLN D 20 -15.12 -17.47 -0.89
C GLN D 20 -14.22 -17.02 0.27
N ASP D 21 -14.10 -15.70 0.44
CA ASP D 21 -13.24 -15.11 1.48
C ASP D 21 -13.66 -15.55 2.89
N GLU D 22 -14.94 -15.87 3.09
CA GLU D 22 -15.44 -16.45 4.34
C GLU D 22 -16.31 -17.63 3.90
N GLY D 23 -15.64 -18.75 3.63
CA GLY D 23 -16.20 -20.02 3.26
C GLY D 23 -16.83 -20.85 4.35
N ALA D 24 -16.77 -20.43 5.60
CA ALA D 24 -17.54 -21.09 6.65
C ALA D 24 -17.76 -20.17 7.83
N ALA D 25 -18.86 -20.37 8.50
CA ALA D 25 -19.40 -19.49 9.52
C ALA D 25 -19.68 -20.26 10.81
N ILE D 26 -20.22 -21.47 10.69
CA ILE D 26 -20.68 -22.27 11.81
C ILE D 26 -19.78 -23.49 11.92
N GLY D 27 -19.69 -24.07 13.12
CA GLY D 27 -18.83 -25.21 13.34
C GLY D 27 -17.33 -24.93 13.33
N LEU D 28 -16.57 -26.01 13.16
CA LEU D 28 -15.12 -25.97 13.22
C LEU D 28 -14.47 -25.86 11.84
N ALA D 29 -15.25 -25.71 10.77
CA ALA D 29 -14.71 -25.68 9.42
C ALA D 29 -13.78 -24.50 9.15
N TRP D 30 -13.86 -23.42 9.94
CA TRP D 30 -12.93 -22.31 9.81
C TRP D 30 -11.52 -22.66 10.27
N ILE D 31 -11.39 -23.64 11.14
CA ILE D 31 -10.08 -24.07 11.63
C ILE D 31 -9.35 -24.78 10.50
N PRO D 32 -8.15 -24.30 10.12
CA PRO D 32 -7.37 -24.89 9.01
C PRO D 32 -7.20 -26.41 9.06
N TYR D 33 -6.91 -26.94 10.25
CA TYR D 33 -6.77 -28.38 10.46
C TYR D 33 -8.02 -29.14 10.01
N PHE D 34 -9.20 -28.61 10.29
CA PHE D 34 -10.45 -29.28 9.94
C PHE D 34 -11.03 -28.85 8.59
N GLY D 35 -10.67 -27.67 8.08
CA GLY D 35 -11.30 -27.12 6.89
C GLY D 35 -11.00 -27.84 5.59
N PRO D 36 -11.46 -27.26 4.48
CA PRO D 36 -11.24 -27.89 3.17
C PRO D 36 -9.79 -27.79 2.70
N ALA D 37 -9.45 -28.69 1.78
CA ALA D 37 -8.16 -28.63 1.10
C ALA D 37 -8.14 -27.48 0.08
N ALA D 38 -6.94 -27.27 -0.49
CA ALA D 38 -6.69 -26.27 -1.53
C ALA D 38 -7.68 -26.30 -2.69
N GLU D 39 -8.12 -27.50 -3.09
CA GLU D 39 -9.00 -27.65 -4.24
C GLU D 39 -10.45 -27.28 -3.96
N GLY D 40 -10.86 -27.21 -2.69
CA GLY D 40 -12.25 -27.01 -2.34
C GLY D 40 -12.69 -25.65 -1.81
N ILE D 41 -11.91 -24.59 -2.04
CA ILE D 41 -12.26 -23.28 -1.50
C ILE D 41 -13.01 -22.41 -2.48
N TYR D 42 -13.32 -22.91 -3.67
CA TYR D 42 -13.86 -22.10 -4.76
C TYR D 42 -15.38 -22.20 -4.81
N ILE D 43 -15.99 -21.11 -5.25
CA ILE D 43 -17.39 -21.09 -5.61
C ILE D 43 -17.46 -20.85 -7.11
N GLU D 44 -18.60 -21.20 -7.70
CA GLU D 44 -18.79 -21.09 -9.14
C GLU D 44 -20.11 -20.41 -9.48
N GLY D 45 -20.19 -19.93 -10.72
CA GLY D 45 -21.44 -19.40 -11.22
C GLY D 45 -21.40 -19.24 -12.72
N LEU D 46 -22.53 -18.81 -13.28
CA LEU D 46 -22.70 -18.68 -14.72
C LEU D 46 -23.31 -17.33 -15.07
N MET D 47 -22.62 -16.57 -15.91
CA MET D 47 -23.10 -15.29 -16.42
C MET D 47 -23.37 -15.38 -17.91
N HIS D 48 -24.47 -14.80 -18.33
CA HIS D 48 -24.88 -14.73 -19.72
C HIS D 48 -24.54 -13.37 -20.31
N ASN D 49 -24.78 -13.23 -21.62
CA ASN D 49 -24.28 -12.11 -22.40
C ASN D 49 -25.25 -10.92 -22.42
N GLN D 50 -25.89 -10.61 -21.28
CA GLN D 50 -26.72 -9.41 -21.23
C GLN D 50 -25.87 -8.16 -21.49
N ASP D 51 -26.39 -7.29 -22.36
CA ASP D 51 -25.74 -6.06 -22.81
C ASP D 51 -24.40 -6.31 -23.52
N GLY D 52 -24.18 -7.51 -24.04
CA GLY D 52 -22.89 -7.90 -24.59
C GLY D 52 -21.70 -7.74 -23.67
N LEU D 53 -21.91 -7.83 -22.34
CA LEU D 53 -20.84 -7.48 -21.40
C LEU D 53 -19.72 -8.50 -21.42
N ILE D 54 -20.01 -9.75 -21.74
CA ILE D 54 -18.98 -10.75 -21.82
C ILE D 54 -18.07 -10.47 -23.01
N CYS D 55 -18.67 -10.24 -24.19
CA CYS D 55 -17.90 -9.90 -25.39
C CYS D 55 -17.09 -8.63 -25.25
N GLY D 56 -17.62 -7.62 -24.58
CA GLY D 56 -16.80 -6.45 -24.28
C GLY D 56 -15.59 -6.73 -23.42
N LEU D 57 -15.79 -7.51 -22.33
CA LEU D 57 -14.72 -7.80 -21.37
C LEU D 57 -13.54 -8.54 -21.97
N ARG D 58 -13.81 -9.50 -22.85
CA ARG D 58 -12.75 -10.23 -23.54
C ARG D 58 -11.87 -9.30 -24.37
N GLN D 59 -12.49 -8.37 -25.10
CA GLN D 59 -11.74 -7.40 -25.88
C GLN D 59 -10.90 -6.49 -24.98
N LEU D 60 -11.49 -6.10 -23.85
CA LEU D 60 -10.82 -5.25 -22.88
C LEU D 60 -9.55 -5.90 -22.38
N ALA D 61 -9.64 -7.21 -22.06
CA ALA D 61 -8.49 -7.95 -21.59
C ALA D 61 -7.37 -7.93 -22.62
N ASN D 62 -7.74 -8.17 -23.87
CA ASN D 62 -6.84 -8.05 -25.02
C ASN D 62 -6.13 -6.71 -25.04
N GLU D 63 -6.90 -5.62 -24.99
CA GLU D 63 -6.29 -4.28 -25.05
C GLU D 63 -5.46 -3.94 -23.82
N THR D 64 -5.77 -4.53 -22.66
CA THR D 64 -4.95 -4.27 -21.48
C THR D 64 -3.53 -4.83 -21.59
N THR D 65 -3.35 -5.88 -22.41
CA THR D 65 -2.15 -6.72 -22.35
C THR D 65 -0.85 -5.96 -22.58
N GLN D 66 -0.82 -5.12 -23.63
CA GLN D 66 0.37 -4.34 -23.99
C GLN D 66 0.85 -3.47 -22.85
N ALA D 67 -0.05 -2.64 -22.32
CA ALA D 67 0.32 -1.73 -21.22
C ALA D 67 0.77 -2.49 -19.99
N LEU D 68 0.09 -3.60 -19.69
CA LEU D 68 0.45 -4.43 -18.55
C LEU D 68 1.85 -5.00 -18.71
N GLN D 69 2.17 -5.52 -19.90
CA GLN D 69 3.49 -6.07 -20.14
C GLN D 69 4.59 -5.03 -20.00
N LEU D 70 4.35 -3.80 -20.48
CA LEU D 70 5.34 -2.75 -20.31
C LEU D 70 5.56 -2.35 -18.87
N PHE D 71 4.49 -2.38 -18.06
CA PHE D 71 4.60 -2.11 -16.62
C PHE D 71 5.47 -3.16 -15.96
N LEU D 72 5.29 -4.42 -16.34
CA LEU D 72 6.05 -5.52 -15.75
C LEU D 72 7.51 -5.42 -16.14
N ARG D 73 7.81 -4.91 -17.33
CA ARG D 73 9.19 -4.65 -17.73
C ARG D 73 9.91 -3.70 -16.78
N ALA D 74 9.23 -2.66 -16.29
CA ALA D 74 9.94 -1.66 -15.49
C ALA D 74 10.12 -2.00 -14.01
N THR D 75 9.36 -2.93 -13.46
CA THR D 75 9.52 -3.30 -12.06
C THR D 75 10.59 -4.36 -11.83
N THR D 76 11.18 -4.32 -10.64
CA THR D 76 12.13 -5.29 -10.12
C THR D 76 11.50 -6.27 -9.12
N GLU D 77 10.24 -6.05 -8.76
CA GLU D 77 9.49 -7.00 -7.95
C GLU D 77 9.28 -8.31 -8.69
N LEU D 78 9.44 -9.42 -7.98
CA LEU D 78 9.27 -10.71 -8.63
C LEU D 78 7.79 -11.06 -8.80
N ARG D 79 6.97 -10.76 -7.79
CA ARG D 79 5.52 -10.95 -7.83
C ARG D 79 4.83 -9.66 -7.45
N THR D 80 3.99 -9.15 -8.35
CA THR D 80 3.32 -7.87 -8.15
C THR D 80 1.90 -8.10 -7.66
N PHE D 81 1.60 -7.63 -6.45
CA PHE D 81 0.27 -7.76 -5.86
C PHE D 81 -0.38 -6.40 -5.66
N SER D 82 0.27 -5.32 -6.05
CA SER D 82 -0.06 -3.97 -5.61
C SER D 82 -0.68 -3.06 -6.67
N ILE D 83 -1.03 -3.56 -7.86
CA ILE D 83 -1.52 -2.68 -8.92
C ILE D 83 -2.85 -2.02 -8.55
N LEU D 84 -3.79 -2.79 -7.98
CA LEU D 84 -5.08 -2.24 -7.59
C LEU D 84 -4.98 -1.31 -6.39
N ASN D 85 -4.10 -1.64 -5.43
CA ASN D 85 -3.86 -0.74 -4.30
C ASN D 85 -3.23 0.57 -4.74
N ARG D 86 -2.31 0.51 -5.71
CA ARG D 86 -1.70 1.71 -6.24
C ARG D 86 -2.69 2.55 -7.01
N LYS D 87 -3.61 1.90 -7.74
CA LYS D 87 -4.72 2.61 -8.38
C LYS D 87 -5.57 3.34 -7.36
N ALA D 88 -5.91 2.66 -6.24
CA ALA D 88 -6.70 3.29 -5.17
C ALA D 88 -5.98 4.51 -4.58
N ILE D 89 -4.67 4.37 -4.36
CA ILE D 89 -3.85 5.47 -3.85
C ILE D 89 -3.82 6.63 -4.84
N ASP D 90 -3.67 6.32 -6.14
CA ASP D 90 -3.67 7.37 -7.16
C ASP D 90 -5.02 8.06 -7.27
N PHE D 91 -6.13 7.31 -7.14
CA PHE D 91 -7.47 7.90 -7.03
C PHE D 91 -7.55 8.93 -5.91
N LEU D 92 -7.05 8.54 -4.73
CA LEU D 92 -7.10 9.43 -3.57
C LEU D 92 -6.22 10.65 -3.78
N LEU D 93 -5.03 10.47 -4.36
CA LEU D 93 -4.16 11.61 -4.59
C LEU D 93 -4.72 12.52 -5.69
N GLN D 94 -5.41 11.93 -6.70
CA GLN D 94 -6.08 12.72 -7.73
C GLN D 94 -7.14 13.64 -7.14
N ARG D 95 -7.95 13.13 -6.19
CA ARG D 95 -8.98 14.07 -5.72
C ARG D 95 -8.53 14.93 -4.54
N TRP D 96 -7.90 14.32 -3.54
CA TRP D 96 -7.65 15.05 -2.30
C TRP D 96 -6.17 15.21 -2.03
N GLY D 97 -5.30 14.87 -2.98
CA GLY D 97 -3.88 15.03 -2.74
C GLY D 97 -3.46 16.48 -2.83
N GLY D 98 -4.28 17.32 -3.44
CA GLY D 98 -4.05 18.74 -3.48
C GLY D 98 -5.30 19.51 -3.07
N THR D 99 -5.23 20.82 -3.22
CA THR D 99 -6.39 21.68 -2.98
C THR D 99 -7.53 21.44 -3.97
N CYS D 100 -8.75 21.30 -3.44
CA CYS D 100 -9.97 21.06 -4.20
C CYS D 100 -10.58 22.42 -4.58
N HIS D 101 -10.54 22.79 -5.87
CA HIS D 101 -11.13 24.05 -6.34
C HIS D 101 -12.60 23.83 -6.74
N ILE D 102 -13.52 24.40 -5.97
CA ILE D 102 -14.96 24.16 -6.15
C ILE D 102 -15.42 24.80 -7.47
N LEU D 103 -16.31 24.10 -8.19
CA LEU D 103 -16.84 24.29 -9.55
C LEU D 103 -15.85 23.83 -10.62
N GLY D 104 -14.64 23.43 -10.25
CA GLY D 104 -13.70 22.89 -11.20
C GLY D 104 -14.09 21.48 -11.62
N PRO D 105 -13.57 21.04 -12.77
CA PRO D 105 -13.92 19.69 -13.25
C PRO D 105 -13.26 18.57 -12.48
N ASP D 106 -12.26 18.86 -11.66
CA ASP D 106 -11.60 17.83 -10.88
C ASP D 106 -11.92 17.85 -9.39
N CYS D 107 -12.78 18.74 -8.91
CA CYS D 107 -13.19 18.69 -7.51
C CYS D 107 -14.62 18.17 -7.43
N CYS D 108 -14.81 17.03 -6.78
CA CYS D 108 -16.12 16.39 -6.62
C CYS D 108 -16.80 16.72 -5.28
N ILE D 109 -16.96 17.99 -4.96
CA ILE D 109 -17.74 18.38 -3.78
C ILE D 109 -18.96 19.15 -4.25
N GLU D 110 -20.14 18.69 -3.83
CA GLU D 110 -21.41 19.33 -4.15
C GLU D 110 -21.96 20.13 -2.96
N PRO D 111 -22.04 21.43 -3.05
CA PRO D 111 -22.72 22.15 -1.98
C PRO D 111 -24.14 22.58 -2.35
N HIS D 112 -24.77 21.88 -3.30
CA HIS D 112 -26.13 22.24 -3.76
C HIS D 112 -27.18 22.05 -2.66
N ASP D 113 -27.19 20.91 -1.96
CA ASP D 113 -28.13 20.81 -0.84
C ASP D 113 -27.72 21.78 0.26
N TRP D 114 -26.42 22.01 0.39
CA TRP D 114 -25.89 23.03 1.28
C TRP D 114 -26.31 24.40 0.76
N THR D 115 -26.47 24.54 -0.56
CA THR D 115 -27.07 25.77 -1.10
C THR D 115 -28.54 25.91 -0.69
N LYS D 116 -29.34 24.84 -0.83
CA LYS D 116 -30.74 24.99 -0.39
C LYS D 116 -30.88 25.25 1.11
N ASN D 117 -29.92 24.77 1.93
CA ASN D 117 -29.93 25.09 3.37
C ASN D 117 -29.53 26.54 3.64
N ILE D 118 -28.62 27.12 2.86
CA ILE D 118 -28.25 28.50 3.20
C ILE D 118 -29.15 29.47 2.47
N THR D 119 -29.73 29.07 1.34
CA THR D 119 -30.68 29.97 0.70
C THR D 119 -32.06 29.94 1.37
N ASP D 120 -32.46 28.82 2.00
CA ASP D 120 -33.60 28.91 2.91
C ASP D 120 -33.29 29.68 4.19
N LYS D 121 -32.07 29.59 4.74
CA LYS D 121 -31.76 30.39 5.93
C LYS D 121 -31.38 31.85 5.63
N ILE D 122 -31.55 32.31 4.39
CA ILE D 122 -31.50 33.75 4.14
C ILE D 122 -32.70 34.41 4.81
N ASP D 123 -33.85 33.77 4.72
CA ASP D 123 -35.12 34.22 5.26
C ASP D 123 -35.29 33.96 6.77
N GLN D 124 -34.33 33.32 7.44
CA GLN D 124 -34.42 33.10 8.89
C GLN D 124 -34.28 34.36 9.75
N ILE D 125 -33.61 35.41 9.26
CA ILE D 125 -33.48 36.68 9.98
C ILE D 125 -33.88 37.88 9.14
N ILE D 126 -33.81 37.76 7.82
CA ILE D 126 -34.17 38.86 6.96
C ILE D 126 -35.69 39.07 6.90
N HIS D 127 -36.51 38.03 7.03
CA HIS D 127 -37.93 38.36 7.06
C HIS D 127 -38.39 38.82 8.45
N ASP D 128 -37.93 38.15 9.51
CA ASP D 128 -38.16 38.63 10.88
C ASP D 128 -37.01 39.52 11.35
N PHE D 129 -36.98 40.75 10.80
CA PHE D 129 -35.95 41.71 11.19
C PHE D 129 -36.62 43.01 11.66
N VAL D 130 -37.40 42.90 12.73
CA VAL D 130 -38.23 44.01 13.17
C VAL D 130 -37.40 45.05 13.91
N SER E 4 -15.24 -10.16 8.20
CA SER E 4 -14.14 -9.20 8.30
C SER E 4 -13.37 -9.43 9.60
N ILE E 5 -12.09 -9.04 9.61
CA ILE E 5 -11.25 -9.06 10.80
C ILE E 5 -11.65 -7.99 11.81
N PRO E 6 -11.98 -8.36 13.05
CA PRO E 6 -12.40 -7.36 14.05
C PRO E 6 -11.27 -6.40 14.37
N LEU E 7 -11.61 -5.18 14.74
CA LEU E 7 -10.58 -4.21 15.08
C LEU E 7 -10.85 -3.54 16.42
N GLY E 8 -9.89 -3.67 17.32
CA GLY E 8 -9.97 -3.11 18.66
C GLY E 8 -9.61 -1.63 18.63
N VAL E 9 -10.34 -0.82 19.39
CA VAL E 9 -9.95 0.59 19.45
C VAL E 9 -10.05 1.04 20.91
N ILE E 10 -9.12 1.91 21.31
CA ILE E 10 -9.05 2.50 22.63
C ILE E 10 -9.66 3.90 22.60
N HIS E 11 -10.74 4.11 23.33
CA HIS E 11 -11.18 5.48 23.53
C HIS E 11 -11.43 5.64 25.01
N ASN E 12 -11.13 6.84 25.53
CA ASN E 12 -11.30 7.28 26.95
C ASN E 12 -10.86 6.18 27.91
N SER E 13 -9.61 5.72 27.72
CA SER E 13 -8.98 4.65 28.52
C SER E 13 -9.81 3.37 28.58
N ALA E 14 -10.47 3.01 27.47
CA ALA E 14 -11.35 1.86 27.46
C ALA E 14 -11.45 1.23 26.06
N LEU E 15 -11.36 -0.10 26.07
CA LEU E 15 -11.44 -0.98 24.91
C LEU E 15 -12.84 -1.15 24.33
N GLN E 16 -12.94 -1.02 22.99
CA GLN E 16 -14.16 -1.20 22.24
C GLN E 16 -13.78 -2.04 21.03
N VAL E 17 -14.77 -2.69 20.42
CA VAL E 17 -14.58 -3.36 19.14
C VAL E 17 -15.39 -2.60 18.10
N SER E 18 -14.77 -2.35 16.95
CA SER E 18 -15.41 -1.67 15.85
C SER E 18 -14.61 -1.91 14.59
N ASP E 19 -15.29 -2.30 13.51
CA ASP E 19 -14.61 -2.54 12.26
C ASP E 19 -14.49 -1.16 11.59
N VAL E 20 -14.04 -1.09 10.34
CA VAL E 20 -13.81 0.23 9.77
C VAL E 20 -15.17 0.87 9.45
N ASP E 21 -15.74 1.47 10.50
CA ASP E 21 -16.94 2.28 10.54
C ASP E 21 -16.76 3.42 11.53
N LYS E 22 -15.50 3.83 11.73
CA LYS E 22 -15.07 4.90 12.64
C LYS E 22 -15.34 6.27 12.09
N LEU E 23 -16.34 6.41 11.21
CA LEU E 23 -16.80 7.70 10.71
C LEU E 23 -17.67 8.46 11.71
N VAL E 24 -17.19 8.55 12.95
CA VAL E 24 -17.83 9.31 14.01
C VAL E 24 -17.10 10.63 14.18
N CYS E 25 -15.93 10.78 13.53
CA CYS E 25 -14.99 11.91 13.49
C CYS E 25 -14.37 12.25 14.83
N ARG E 26 -14.93 11.85 15.97
CA ARG E 26 -14.19 12.13 17.19
C ARG E 26 -13.07 11.09 17.36
N ASP E 27 -13.27 9.90 16.79
CA ASP E 27 -12.20 8.92 16.65
C ASP E 27 -11.15 9.53 15.73
N LYS E 28 -9.87 9.45 16.11
CA LYS E 28 -8.85 10.08 15.29
C LYS E 28 -7.78 9.06 14.90
N LEU E 29 -7.57 8.89 13.59
CA LEU E 29 -6.47 8.08 13.06
C LEU E 29 -5.67 9.01 12.17
N SER E 30 -4.65 9.67 12.73
CA SER E 30 -3.87 10.64 11.98
C SER E 30 -2.58 10.11 11.40
N SER E 31 -2.23 8.85 11.63
CA SER E 31 -0.98 8.29 11.12
C SER E 31 -1.01 6.77 11.26
N THR E 32 -0.24 6.11 10.38
CA THR E 32 -0.02 4.67 10.47
C THR E 32 0.75 4.22 11.72
N ASN E 33 1.42 5.13 12.45
CA ASN E 33 1.99 4.72 13.75
C ASN E 33 0.90 4.34 14.76
N GLN E 34 -0.32 4.89 14.62
CA GLN E 34 -1.43 4.53 15.48
C GLN E 34 -1.98 3.14 15.23
N LEU E 35 -1.63 2.47 14.14
CA LEU E 35 -2.10 1.11 13.91
C LEU E 35 -1.09 0.14 14.48
N ARG E 36 -1.55 -0.81 15.30
CA ARG E 36 -0.61 -1.75 15.88
C ARG E 36 -1.17 -3.18 15.84
N SER E 37 -0.32 -4.17 15.54
CA SER E 37 -0.66 -5.58 15.71
C SER E 37 0.12 -6.17 16.88
N VAL E 38 -0.54 -6.95 17.73
CA VAL E 38 0.04 -7.45 18.97
C VAL E 38 -0.25 -8.94 19.11
N GLY E 39 0.76 -9.71 19.49
CA GLY E 39 0.61 -11.13 19.78
C GLY E 39 0.47 -11.38 21.26
N LEU E 40 -0.57 -12.11 21.64
CA LEU E 40 -0.85 -12.47 23.03
C LEU E 40 -0.84 -13.97 23.23
N ASN E 41 -0.25 -14.40 24.36
CA ASN E 41 -0.01 -15.82 24.64
C ASN E 41 -1.23 -16.46 25.30
N LEU E 42 -1.57 -17.66 24.81
CA LEU E 42 -2.65 -18.49 25.38
C LEU E 42 -2.52 -18.76 26.87
N GLU E 43 -1.27 -18.87 27.37
CA GLU E 43 -0.88 -18.85 28.78
C GLU E 43 -1.70 -17.93 29.67
N GLY E 44 -1.87 -16.68 29.26
CA GLY E 44 -2.59 -15.72 30.08
C GLY E 44 -4.07 -16.02 30.27
N ASN E 45 -4.64 -16.96 29.51
CA ASN E 45 -6.02 -17.39 29.73
C ASN E 45 -6.14 -18.68 30.53
N GLY E 46 -5.05 -19.24 31.01
CA GLY E 46 -5.11 -20.37 31.89
C GLY E 46 -5.06 -21.74 31.26
N VAL E 47 -4.66 -21.83 30.00
CA VAL E 47 -4.57 -23.14 29.36
C VAL E 47 -3.37 -23.86 29.96
N ALA E 48 -3.47 -25.19 30.04
CA ALA E 48 -2.35 -25.98 30.54
C ALA E 48 -1.14 -25.83 29.63
N THR E 49 0.00 -25.51 30.25
CA THR E 49 1.21 -25.21 29.49
C THR E 49 2.24 -26.32 29.52
N ASP E 50 2.04 -27.30 30.40
CA ASP E 50 2.84 -28.51 30.42
C ASP E 50 2.83 -29.20 29.07
N VAL E 51 3.97 -29.79 28.72
CA VAL E 51 4.14 -30.42 27.40
C VAL E 51 3.11 -31.50 27.01
N PRO E 52 2.73 -32.48 27.88
CA PRO E 52 1.71 -33.46 27.42
C PRO E 52 0.35 -32.88 27.06
N SER E 53 -0.15 -31.92 27.83
CA SER E 53 -1.42 -31.29 27.50
C SER E 53 -1.30 -30.39 26.28
N ALA E 54 -0.22 -29.60 26.20
CA ALA E 54 -0.01 -28.66 25.11
C ALA E 54 0.12 -29.36 23.76
N THR E 55 0.93 -30.43 23.68
CA THR E 55 1.19 -31.09 22.40
C THR E 55 -0.03 -31.81 21.83
N LYS E 56 -1.00 -32.19 22.67
CA LYS E 56 -2.24 -32.76 22.17
C LYS E 56 -3.10 -31.76 21.40
N ARG E 57 -2.84 -30.46 21.54
CA ARG E 57 -3.52 -29.44 20.76
C ARG E 57 -2.99 -29.30 19.33
N TRP E 58 -1.90 -29.97 18.97
CA TRP E 58 -1.34 -29.86 17.62
C TRP E 58 -1.52 -31.18 16.87
N GLY E 59 -1.68 -31.09 15.55
CA GLY E 59 -1.94 -32.27 14.73
C GLY E 59 -1.54 -32.08 13.29
N PHE E 60 -1.24 -33.20 12.62
CA PHE E 60 -0.77 -33.20 11.24
C PHE E 60 -1.91 -33.31 10.23
N ARG E 61 -1.74 -32.60 9.11
CA ARG E 61 -2.73 -32.49 8.05
C ARG E 61 -2.00 -32.16 6.76
N SER E 62 -2.44 -32.75 5.65
CA SER E 62 -1.96 -32.44 4.32
C SER E 62 -3.01 -31.66 3.53
N GLY E 63 -2.55 -31.04 2.44
CA GLY E 63 -3.44 -30.33 1.55
C GLY E 63 -3.69 -28.87 1.83
N VAL E 64 -3.26 -28.35 2.98
CA VAL E 64 -3.50 -26.97 3.36
C VAL E 64 -2.17 -26.22 3.33
N PRO E 65 -1.97 -25.29 2.39
CA PRO E 65 -0.72 -24.49 2.34
C PRO E 65 -0.53 -23.59 3.56
N PRO E 66 0.69 -23.50 4.10
CA PRO E 66 0.94 -22.60 5.23
C PRO E 66 0.82 -21.13 4.88
N LYS E 67 0.60 -20.31 5.92
CA LYS E 67 0.41 -18.87 5.79
C LYS E 67 1.09 -18.17 6.97
N VAL E 68 1.65 -16.98 6.70
CA VAL E 68 2.42 -16.21 7.67
C VAL E 68 1.88 -14.78 7.70
N VAL E 69 1.74 -14.21 8.90
CA VAL E 69 1.29 -12.82 9.09
C VAL E 69 2.15 -12.16 10.17
N ASN E 70 2.54 -10.91 9.95
CA ASN E 70 3.41 -10.24 10.91
C ASN E 70 2.65 -9.67 12.10
N TYR E 71 3.38 -9.44 13.20
CA TYR E 71 2.84 -8.72 14.35
C TYR E 71 3.99 -7.92 14.96
N GLU E 72 3.65 -6.76 15.50
CA GLU E 72 4.67 -5.78 15.86
C GLU E 72 5.17 -5.86 17.31
N ALA E 73 4.35 -6.35 18.23
CA ALA E 73 4.68 -6.34 19.66
C ALA E 73 4.16 -7.61 20.32
N GLY E 74 4.87 -8.06 21.37
CA GLY E 74 4.50 -9.31 22.01
C GLY E 74 4.62 -9.26 23.52
N GLU E 75 4.34 -10.41 24.13
CA GLU E 75 4.28 -10.65 25.57
C GLU E 75 5.42 -11.56 26.01
N TRP E 76 6.00 -11.29 27.18
CA TRP E 76 7.00 -12.21 27.71
C TRP E 76 6.33 -13.52 28.05
N ALA E 77 6.89 -14.63 27.57
CA ALA E 77 6.30 -15.92 27.80
C ALA E 77 7.05 -16.58 28.95
N GLU E 78 6.31 -17.27 29.81
CA GLU E 78 6.94 -18.20 30.74
C GLU E 78 7.41 -19.45 30.03
N ASN E 79 6.60 -19.95 29.11
CA ASN E 79 6.82 -21.24 28.46
C ASN E 79 6.83 -21.05 26.95
N CYS E 80 7.92 -21.48 26.32
CA CYS E 80 8.05 -21.59 24.88
C CYS E 80 8.44 -23.02 24.54
N TYR E 81 8.32 -23.39 23.26
CA TYR E 81 8.52 -24.76 22.81
C TYR E 81 9.43 -24.86 21.59
N ASN E 82 10.10 -26.01 21.48
CA ASN E 82 11.08 -26.28 20.43
C ASN E 82 11.08 -27.75 20.07
N LEU E 83 10.70 -28.10 18.83
CA LEU E 83 10.44 -29.49 18.45
C LEU E 83 11.48 -29.96 17.45
N GLU E 84 12.06 -31.13 17.74
CA GLU E 84 12.96 -31.88 16.87
C GLU E 84 12.36 -33.27 16.72
N ILE E 85 11.39 -33.39 15.82
CA ILE E 85 10.65 -34.63 15.62
C ILE E 85 11.10 -35.26 14.32
N LYS E 86 11.39 -36.56 14.37
CA LYS E 86 11.71 -37.31 13.17
C LYS E 86 10.70 -38.44 13.01
N LYS E 87 10.61 -38.95 11.78
CA LYS E 87 9.90 -40.20 11.55
C LYS E 87 10.79 -41.37 11.96
N PRO E 88 10.20 -42.56 12.20
CA PRO E 88 11.02 -43.75 12.50
C PRO E 88 12.12 -44.08 11.49
N ASP E 89 11.93 -43.73 10.21
CA ASP E 89 12.98 -43.86 9.21
C ASP E 89 14.04 -42.76 9.27
N GLY E 90 13.98 -41.87 10.26
CA GLY E 90 14.98 -40.85 10.44
C GLY E 90 14.71 -39.56 9.69
N SER E 91 13.73 -39.54 8.81
CA SER E 91 13.42 -38.35 8.03
C SER E 91 12.64 -37.35 8.86
N GLU E 92 12.79 -36.07 8.49
CA GLU E 92 12.20 -34.98 9.27
C GLU E 92 10.71 -34.86 9.07
N CYS E 93 10.01 -34.65 10.19
CA CYS E 93 8.57 -34.43 10.21
C CYS E 93 8.21 -32.97 9.93
N LEU E 94 9.10 -32.04 10.27
CA LEU E 94 8.84 -30.62 10.19
C LEU E 94 9.75 -29.94 9.18
N PRO E 95 9.26 -28.94 8.45
CA PRO E 95 10.10 -28.25 7.47
C PRO E 95 11.09 -27.30 8.12
N ALA E 96 12.18 -27.04 7.40
CA ALA E 96 13.16 -26.05 7.85
C ALA E 96 12.57 -24.64 7.87
N ALA E 97 13.05 -23.84 8.81
CA ALA E 97 12.68 -22.44 8.94
C ALA E 97 12.96 -21.63 7.68
N PRO E 98 11.96 -20.95 7.11
CA PRO E 98 12.23 -19.97 6.04
C PRO E 98 13.22 -18.87 6.46
N ASP E 99 13.83 -18.25 5.44
CA ASP E 99 14.73 -17.11 5.63
C ASP E 99 14.09 -15.98 6.42
N GLY E 100 14.77 -15.55 7.49
CA GLY E 100 14.29 -14.42 8.27
C GLY E 100 13.22 -14.71 9.30
N ILE E 101 12.92 -15.97 9.58
CA ILE E 101 12.02 -16.32 10.68
C ILE E 101 12.88 -16.87 11.83
N ARG E 102 13.06 -16.04 12.86
CA ARG E 102 13.82 -16.42 14.04
C ARG E 102 12.91 -16.74 15.22
N GLY E 103 13.52 -17.32 16.27
CA GLY E 103 12.78 -17.75 17.44
C GLY E 103 12.19 -16.60 18.23
N PHE E 104 11.18 -16.92 19.05
CA PHE E 104 10.56 -15.96 19.94
C PHE E 104 11.59 -15.34 20.90
N PRO E 105 11.66 -14.01 20.99
CA PRO E 105 12.82 -13.37 21.65
C PRO E 105 12.84 -13.36 23.17
N ARG E 106 11.71 -13.64 23.84
CA ARG E 106 11.65 -13.54 25.30
C ARG E 106 10.90 -14.74 25.88
N CYS E 107 11.65 -15.75 26.32
CA CYS E 107 11.11 -16.96 26.93
C CYS E 107 11.83 -17.19 28.25
N ARG E 108 11.06 -17.34 29.33
CA ARG E 108 11.68 -17.69 30.61
C ARG E 108 12.11 -19.15 30.63
N TYR E 109 11.23 -20.04 30.18
CA TYR E 109 11.53 -21.46 30.07
C TYR E 109 11.29 -21.88 28.63
N VAL E 110 12.28 -22.48 28.00
CA VAL E 110 12.14 -23.06 26.66
C VAL E 110 12.02 -24.58 26.79
N HIS E 111 10.84 -25.11 26.47
CA HIS E 111 10.59 -26.55 26.51
C HIS E 111 11.03 -27.15 25.19
N LYS E 112 12.20 -27.76 25.16
CA LYS E 112 12.77 -28.31 23.93
C LYS E 112 12.45 -29.80 23.85
N VAL E 113 11.58 -30.18 22.92
CA VAL E 113 11.10 -31.56 22.81
C VAL E 113 11.74 -32.19 21.57
N SER E 114 12.38 -33.33 21.76
CA SER E 114 12.94 -34.15 20.70
C SER E 114 12.29 -35.52 20.71
N GLY E 115 12.16 -36.17 19.56
CA GLY E 115 11.58 -37.49 19.61
C GLY E 115 10.97 -37.94 18.29
N THR E 116 10.04 -38.89 18.41
CA THR E 116 9.48 -39.58 17.26
C THR E 116 7.95 -39.60 17.32
N GLY E 117 7.32 -39.67 16.14
CA GLY E 117 5.90 -39.86 16.00
C GLY E 117 5.60 -40.39 14.61
N PRO E 118 4.36 -40.80 14.36
CA PRO E 118 4.02 -41.25 12.99
C PRO E 118 3.93 -40.13 11.96
N CYS E 119 3.61 -38.90 12.39
CA CYS E 119 3.59 -37.67 11.59
C CYS E 119 2.84 -37.85 10.27
N ALA E 120 1.57 -38.25 10.37
CA ALA E 120 0.79 -38.65 9.20
C ALA E 120 0.16 -37.42 8.53
N GLY E 121 1.04 -36.59 7.96
CA GLY E 121 0.60 -35.36 7.34
C GLY E 121 1.74 -34.40 7.09
N ASP E 122 1.57 -33.54 6.08
CA ASP E 122 2.67 -32.67 5.67
C ASP E 122 2.92 -31.51 6.63
N PHE E 123 1.89 -30.98 7.30
CA PHE E 123 2.12 -29.86 8.21
C PHE E 123 1.37 -30.04 9.53
N ALA E 124 1.92 -29.44 10.58
CA ALA E 124 1.32 -29.47 11.91
C ALA E 124 0.57 -28.18 12.21
N PHE E 125 -0.72 -28.28 12.48
CA PHE E 125 -1.58 -27.14 12.77
C PHE E 125 -2.06 -27.21 14.21
N HIS E 126 -2.59 -26.09 14.68
CA HIS E 126 -3.21 -26.00 16.00
C HIS E 126 -4.67 -26.42 15.89
N LYS E 127 -5.07 -27.43 16.68
CA LYS E 127 -6.43 -27.97 16.57
C LYS E 127 -7.50 -26.99 17.04
N GLU E 128 -7.14 -26.01 17.86
CA GLU E 128 -8.07 -24.97 18.28
C GLU E 128 -7.94 -23.72 17.42
N GLY E 129 -7.15 -23.77 16.35
CA GLY E 129 -7.03 -22.64 15.44
C GLY E 129 -6.12 -21.51 15.88
N ALA E 130 -5.35 -21.66 16.95
CA ALA E 130 -4.42 -20.61 17.35
C ALA E 130 -3.20 -20.57 16.43
N PHE E 131 -2.32 -19.59 16.67
CA PHE E 131 -1.11 -19.40 15.89
C PHE E 131 0.12 -19.78 16.68
N PHE E 132 1.20 -20.03 15.95
CA PHE E 132 2.54 -20.17 16.51
C PHE E 132 3.29 -18.86 16.31
N LEU E 133 3.65 -18.21 17.41
CA LEU E 133 4.27 -16.90 17.40
C LEU E 133 5.79 -17.04 17.44
N TYR E 134 6.47 -16.42 16.47
CA TYR E 134 7.91 -16.36 16.35
C TYR E 134 8.34 -14.90 16.52
N ASP E 135 9.54 -14.57 16.06
CA ASP E 135 10.06 -13.21 16.14
C ASP E 135 9.32 -12.32 15.14
N ARG E 136 8.20 -11.75 15.58
CA ARG E 136 7.36 -10.80 14.85
C ARG E 136 6.74 -11.40 13.58
N LEU E 137 6.66 -12.72 13.49
CA LEU E 137 5.96 -13.40 12.42
C LEU E 137 5.20 -14.57 13.02
N ALA E 138 3.90 -14.66 12.74
CA ALA E 138 3.06 -15.75 13.19
C ALA E 138 2.74 -16.66 12.02
N SER E 139 2.91 -17.97 12.22
CA SER E 139 2.67 -18.96 11.19
C SER E 139 1.60 -19.93 11.65
N THR E 140 0.89 -20.52 10.69
CA THR E 140 -0.03 -21.60 10.98
C THR E 140 0.66 -22.94 11.23
N VAL E 141 1.94 -23.08 10.92
CA VAL E 141 2.62 -24.36 11.04
C VAL E 141 3.90 -24.22 11.86
N ILE E 142 4.39 -25.36 12.34
CA ILE E 142 5.60 -25.43 13.13
C ILE E 142 6.79 -25.64 12.21
N TYR E 143 7.83 -24.83 12.37
CA TYR E 143 9.09 -25.01 11.68
C TYR E 143 10.09 -25.70 12.59
N ARG E 144 11.03 -26.41 11.98
CA ARG E 144 12.00 -27.20 12.71
C ARG E 144 12.96 -26.29 13.49
N GLY E 145 13.23 -26.69 14.73
CA GLY E 145 14.28 -26.09 15.54
C GLY E 145 14.13 -24.62 15.88
N THR E 146 12.91 -24.10 15.88
CA THR E 146 12.67 -22.68 15.99
C THR E 146 11.69 -22.43 17.13
N THR E 147 12.13 -21.70 18.14
CA THR E 147 11.38 -21.49 19.37
C THR E 147 10.14 -20.64 19.11
N PHE E 148 8.97 -21.09 19.59
CA PHE E 148 7.71 -20.38 19.45
C PHE E 148 6.91 -20.34 20.73
N ALA E 149 5.97 -19.40 20.78
CA ALA E 149 4.94 -19.36 21.81
C ALA E 149 3.58 -19.59 21.17
N GLU E 150 2.65 -20.21 21.89
CA GLU E 150 1.30 -20.33 21.35
C GLU E 150 0.59 -19.01 21.59
N GLY E 151 -0.07 -18.48 20.56
CA GLY E 151 -0.71 -17.20 20.78
C GLY E 151 -1.65 -16.85 19.66
N VAL E 152 -2.19 -15.64 19.76
CA VAL E 152 -3.17 -15.11 18.82
C VAL E 152 -2.87 -13.62 18.62
N VAL E 153 -3.38 -13.06 17.52
CA VAL E 153 -3.03 -11.72 17.10
C VAL E 153 -4.24 -10.81 17.19
N ALA E 154 -4.02 -9.59 17.69
CA ALA E 154 -5.00 -8.52 17.73
C ALA E 154 -4.51 -7.32 16.92
N PHE E 155 -5.44 -6.52 16.44
CA PHE E 155 -5.16 -5.29 15.73
C PHE E 155 -5.83 -4.13 16.46
N LEU E 156 -5.09 -3.03 16.65
CA LEU E 156 -5.53 -1.91 17.47
C LEU E 156 -5.32 -0.56 16.80
N ILE E 157 -6.27 0.33 17.10
CA ILE E 157 -6.13 1.78 17.00
C ILE E 157 -5.74 2.35 18.37
N LEU E 158 -4.58 2.95 18.41
CA LEU E 158 -3.95 3.69 19.50
C LEU E 158 -4.51 5.11 19.56
N PRO E 159 -4.64 5.67 20.75
CA PRO E 159 -4.99 7.10 20.86
C PRO E 159 -3.87 8.03 20.43
N GLN E 160 -4.28 9.06 19.67
CA GLN E 160 -3.42 10.07 19.04
C GLN E 160 -2.56 10.86 20.03
N ALA E 161 -2.92 10.89 21.30
CA ALA E 161 -2.02 11.52 22.28
C ALA E 161 -0.72 10.75 22.36
N LYS E 162 0.37 11.52 22.36
CA LYS E 162 1.78 11.13 22.32
C LYS E 162 2.28 10.30 23.49
N LYS E 163 3.62 10.35 23.68
CA LYS E 163 4.41 9.68 24.72
C LYS E 163 4.69 8.23 24.32
N ASP E 164 3.92 7.69 23.35
CA ASP E 164 4.04 6.33 22.81
C ASP E 164 3.61 5.26 23.81
N PHE E 165 2.35 4.79 23.67
CA PHE E 165 1.62 3.84 24.53
C PHE E 165 2.56 2.83 25.19
N PHE E 166 3.33 2.08 24.40
CA PHE E 166 4.22 1.09 25.00
C PHE E 166 5.46 1.81 25.52
N SER E 167 6.13 1.16 26.48
CA SER E 167 7.35 1.60 27.18
C SER E 167 6.94 2.76 28.08
N SER E 168 5.87 2.52 28.84
CA SER E 168 5.42 3.40 29.91
C SER E 168 6.31 3.24 31.14
N HIS E 169 6.39 2.02 31.66
CA HIS E 169 7.41 1.64 32.62
C HIS E 169 8.61 1.16 31.82
N PRO E 170 9.77 0.93 32.44
CA PRO E 170 10.80 0.18 31.72
C PRO E 170 11.14 -1.13 32.43
N TYR E 186 16.19 -13.56 31.01
CA TYR E 186 16.52 -14.90 31.43
C TYR E 186 15.90 -16.05 30.65
N SER E 187 16.73 -17.00 30.25
CA SER E 187 16.29 -18.13 29.44
C SER E 187 16.84 -19.41 30.03
N THR E 188 16.02 -20.45 30.03
CA THR E 188 16.39 -21.73 30.63
C THR E 188 16.03 -22.83 29.64
N THR E 189 16.96 -23.70 29.31
CA THR E 189 16.57 -24.76 28.39
C THR E 189 16.10 -25.93 29.25
N ILE E 190 14.89 -26.40 28.98
CA ILE E 190 14.34 -27.57 29.65
C ILE E 190 14.13 -28.60 28.56
N ARG E 191 14.83 -29.73 28.68
CA ARG E 191 14.83 -30.71 27.61
C ARG E 191 13.86 -31.88 27.84
N TYR E 192 13.16 -32.31 26.77
CA TYR E 192 12.22 -33.43 26.85
C TYR E 192 12.39 -34.36 25.65
N GLN E 193 12.17 -35.68 25.85
CA GLN E 193 12.02 -36.66 24.77
C GLN E 193 10.59 -37.17 24.66
N ALA E 194 10.15 -37.45 23.44
CA ALA E 194 8.78 -37.89 23.24
C ALA E 194 8.73 -39.09 22.29
N THR E 195 7.79 -40.01 22.55
CA THR E 195 7.47 -41.09 21.62
C THR E 195 5.96 -41.07 21.35
N GLY E 196 5.59 -41.52 20.15
CA GLY E 196 4.22 -41.53 19.66
C GLY E 196 3.57 -40.16 19.61
N PHE E 197 4.34 -39.16 19.18
CA PHE E 197 3.90 -37.77 19.14
C PHE E 197 2.73 -37.55 18.18
N GLY E 198 1.77 -36.75 18.63
CA GLY E 198 0.59 -36.43 17.85
C GLY E 198 -0.44 -37.53 17.75
N THR E 199 -0.47 -38.44 18.71
CA THR E 199 -1.41 -39.55 18.73
C THR E 199 -2.06 -39.60 20.12
N ASN E 200 -2.87 -40.62 20.36
CA ASN E 200 -3.44 -40.84 21.68
C ASN E 200 -2.40 -41.32 22.70
N GLU E 201 -1.48 -42.18 22.28
CA GLU E 201 -0.50 -42.81 23.18
C GLU E 201 0.88 -42.10 23.21
N THR E 202 0.86 -40.79 23.49
CA THR E 202 2.11 -40.05 23.60
C THR E 202 2.74 -40.28 24.96
N GLU E 203 4.06 -40.45 24.97
CA GLU E 203 4.84 -40.65 26.18
C GLU E 203 5.95 -39.62 26.19
N TYR E 204 6.17 -39.01 27.35
CA TYR E 204 7.12 -37.93 27.55
C TYR E 204 8.17 -38.32 28.57
N LEU E 205 9.39 -37.85 28.33
CA LEU E 205 10.50 -38.04 29.25
C LEU E 205 11.12 -36.68 29.53
N PHE E 206 11.29 -36.34 30.80
CA PHE E 206 12.05 -35.15 31.14
C PHE E 206 13.51 -35.55 31.12
N GLU E 207 14.32 -34.74 30.44
CA GLU E 207 15.72 -35.01 30.21
C GLU E 207 16.54 -34.37 31.32
N VAL E 208 17.24 -35.20 32.09
CA VAL E 208 18.14 -34.75 33.14
C VAL E 208 19.55 -34.53 32.63
N ASP E 209 20.09 -35.54 31.98
CA ASP E 209 21.28 -35.40 31.15
C ASP E 209 21.11 -36.31 29.93
N ASN E 210 22.18 -36.46 29.15
CA ASN E 210 22.09 -37.22 27.92
C ASN E 210 21.87 -38.73 28.11
N LEU E 211 22.14 -39.29 29.29
CA LEU E 211 21.87 -40.72 29.49
C LEU E 211 20.96 -41.04 30.69
N THR E 212 20.40 -40.05 31.37
CA THR E 212 19.53 -40.30 32.52
C THR E 212 18.22 -39.57 32.32
N TYR E 213 17.11 -40.29 32.34
CA TYR E 213 15.85 -39.65 32.07
C TYR E 213 14.85 -40.04 33.14
N VAL E 214 13.77 -39.29 33.24
CA VAL E 214 12.66 -39.62 34.13
C VAL E 214 11.41 -39.52 33.29
N GLN E 215 10.47 -40.49 33.40
CA GLN E 215 9.29 -40.33 32.56
C GLN E 215 8.45 -39.21 33.10
N LEU E 216 8.21 -38.21 32.25
CA LEU E 216 7.57 -36.98 32.69
C LEU E 216 6.07 -37.16 32.51
N GLU E 217 5.32 -36.67 33.47
CA GLU E 217 3.87 -36.62 33.40
C GLU E 217 3.47 -35.15 33.43
N SER E 218 2.28 -34.93 32.90
CA SER E 218 1.63 -33.63 32.82
C SER E 218 1.48 -32.92 34.17
N ARG E 219 1.31 -33.64 35.26
CA ARG E 219 1.09 -32.94 36.52
C ARG E 219 2.33 -32.22 37.08
N PHE E 220 3.52 -32.39 36.50
CA PHE E 220 4.74 -31.71 36.97
C PHE E 220 4.84 -30.32 36.38
N THR E 221 4.88 -29.31 37.25
CA THR E 221 5.06 -27.92 36.85
C THR E 221 6.54 -27.64 36.60
N PRO E 222 6.90 -26.55 35.89
CA PRO E 222 8.33 -26.17 35.80
C PRO E 222 9.05 -25.94 37.14
N GLN E 223 8.39 -25.38 38.16
CA GLN E 223 9.10 -25.06 39.40
C GLN E 223 9.55 -26.30 40.17
N PHE E 224 8.70 -27.33 40.23
CA PHE E 224 9.10 -28.58 40.87
C PHE E 224 10.23 -29.27 40.11
N LEU E 225 10.16 -29.31 38.77
CA LEU E 225 11.22 -29.94 37.99
C LEU E 225 12.57 -29.27 38.24
N LEU E 226 12.62 -27.92 38.23
CA LEU E 226 13.90 -27.24 38.48
C LEU E 226 14.41 -27.49 39.91
N GLN E 227 13.48 -27.58 40.86
CA GLN E 227 13.85 -27.90 42.23
C GLN E 227 14.39 -29.32 42.32
N LEU E 228 13.71 -30.26 41.63
CA LEU E 228 14.17 -31.64 41.57
C LEU E 228 15.56 -31.74 40.96
N ASN E 229 15.85 -31.00 39.85
CA ASN E 229 17.18 -31.06 39.23
C ASN E 229 18.28 -30.62 40.19
N GLU E 230 18.06 -29.53 40.92
CA GLU E 230 19.11 -29.14 41.87
C GLU E 230 19.28 -30.15 43.02
N THR E 231 18.19 -30.78 43.49
CA THR E 231 18.34 -31.84 44.50
C THR E 231 19.06 -33.10 44.00
N ILE E 232 18.72 -33.61 42.81
CA ILE E 232 19.40 -34.81 42.26
C ILE E 232 20.87 -34.53 42.02
N TYR E 233 21.19 -33.32 41.51
CA TYR E 233 22.58 -32.95 41.27
C TYR E 233 23.38 -32.96 42.56
N THR E 234 22.85 -32.36 43.65
CA THR E 234 23.70 -32.40 44.84
C THR E 234 23.69 -33.79 45.49
N SER E 235 22.55 -34.50 45.42
CA SER E 235 22.52 -35.88 45.91
C SER E 235 23.27 -36.89 45.02
N GLY E 236 23.49 -36.63 43.73
CA GLY E 236 24.26 -37.62 43.01
C GLY E 236 23.53 -38.87 42.54
N LYS E 237 22.36 -38.76 41.91
CA LYS E 237 21.62 -39.96 41.53
C LYS E 237 21.56 -40.17 40.03
N ARG E 238 22.57 -39.71 39.30
CA ARG E 238 22.65 -40.05 37.89
C ARG E 238 23.23 -41.45 37.67
N SER E 239 23.05 -41.93 36.44
CA SER E 239 23.53 -43.25 36.01
C SER E 239 25.05 -43.34 35.95
N ASN E 240 25.56 -44.40 36.60
CA ASN E 240 26.97 -44.76 36.58
C ASN E 240 27.06 -46.12 35.88
N THR E 241 26.49 -46.17 34.68
CA THR E 241 26.34 -47.43 33.94
C THR E 241 26.00 -47.10 32.49
N THR E 242 26.43 -47.99 31.58
CA THR E 242 26.13 -47.88 30.15
C THR E 242 24.63 -47.79 29.85
N GLY E 243 23.82 -48.46 30.67
CA GLY E 243 22.38 -48.52 30.46
C GLY E 243 21.58 -47.39 31.05
N LYS E 244 20.29 -47.44 30.77
CA LYS E 244 19.33 -46.37 31.02
C LYS E 244 18.75 -46.55 32.43
N LEU E 245 18.75 -45.49 33.22
CA LEU E 245 18.20 -45.51 34.58
C LEU E 245 16.93 -44.68 34.50
N ILE E 246 15.79 -45.34 34.68
CA ILE E 246 14.46 -44.73 34.61
C ILE E 246 13.81 -44.69 36.00
N TRP E 247 13.73 -43.48 36.56
CA TRP E 247 13.08 -43.13 37.82
C TRP E 247 11.55 -43.09 37.74
N LYS E 248 10.91 -43.28 38.91
CA LYS E 248 9.46 -43.18 39.03
C LYS E 248 9.10 -42.30 40.22
N VAL E 249 7.95 -41.63 40.11
CA VAL E 249 7.39 -40.69 41.10
C VAL E 249 5.99 -41.16 41.44
N ASN E 250 5.80 -41.80 42.60
CA ASN E 250 4.46 -42.26 42.95
C ASN E 250 3.56 -41.04 43.29
N PRO E 251 2.24 -41.15 43.07
CA PRO E 251 1.38 -39.92 43.01
C PRO E 251 1.32 -39.10 44.29
N GLU E 252 1.60 -39.74 45.44
CA GLU E 252 1.55 -39.09 46.74
C GLU E 252 2.68 -38.10 46.99
N ILE E 253 3.65 -37.98 46.08
CA ILE E 253 4.61 -36.89 46.16
C ILE E 253 3.89 -35.60 45.78
N ASP E 254 4.07 -34.56 46.59
CA ASP E 254 3.43 -33.28 46.30
C ASP E 254 4.08 -32.56 45.14
N THR E 255 3.24 -31.84 44.39
CA THR E 255 3.62 -30.91 43.33
C THR E 255 2.61 -29.78 43.33
N THR E 256 3.03 -28.64 42.79
CA THR E 256 2.14 -27.48 42.66
C THR E 256 1.10 -27.69 41.56
N SER E 275 15.00 -29.99 48.56
CA SER E 275 15.51 -30.47 49.83
C SER E 275 15.90 -31.95 49.78
N GLU E 276 16.35 -32.42 50.95
CA GLU E 276 16.79 -33.78 51.25
C GLU E 276 15.67 -34.70 51.74
N GLU E 277 14.42 -34.44 51.35
CA GLU E 277 13.28 -35.23 51.80
C GLU E 277 12.90 -36.28 50.76
N LEU E 278 13.50 -36.23 49.58
CA LEU E 278 13.27 -37.17 48.49
C LEU E 278 14.24 -38.34 48.58
N SER E 279 13.70 -39.57 48.65
CA SER E 279 14.47 -40.82 48.66
C SER E 279 14.31 -41.76 47.45
N PHE E 280 15.43 -42.12 46.79
CA PHE E 280 15.44 -43.03 45.64
C PHE E 280 15.95 -44.41 45.98
N THR E 281 15.32 -45.44 45.40
CA THR E 281 15.70 -46.84 45.63
C THR E 281 15.49 -47.54 44.29
N VAL E 282 16.53 -48.23 43.82
CA VAL E 282 16.54 -48.89 42.51
C VAL E 282 16.03 -50.32 42.67
N VAL E 283 15.10 -50.70 41.80
CA VAL E 283 14.54 -52.05 41.81
C VAL E 283 15.46 -53.05 41.10
N UNK E 284 21.82 -53.00 29.99
CA UNK E 284 20.43 -53.10 29.55
C UNK E 284 19.61 -51.92 30.04
N UNK E 285 18.90 -52.11 31.14
CA UNK E 285 18.11 -51.04 31.74
C UNK E 285 17.96 -51.22 33.25
N UNK E 286 17.47 -50.18 33.91
CA UNK E 286 17.24 -50.22 35.35
C UNK E 286 16.07 -49.31 35.72
N UNK E 287 14.95 -49.94 36.08
CA UNK E 287 13.80 -49.23 36.61
C UNK E 287 13.93 -48.99 38.11
N UNK E 288 13.66 -47.76 38.53
CA UNK E 288 13.87 -47.36 39.93
C UNK E 288 12.63 -46.68 40.49
N UNK E 289 12.73 -46.11 41.70
CA UNK E 289 11.57 -45.46 42.32
C UNK E 289 11.95 -44.39 43.34
N UNK E 290 11.01 -43.45 43.55
CA UNK E 290 11.15 -42.42 44.57
C UNK E 290 10.05 -42.47 45.62
N UNK E 291 10.33 -41.83 46.76
CA UNK E 291 9.43 -41.83 47.90
C UNK E 291 9.75 -40.62 48.77
N UNK E 292 8.83 -40.28 49.67
CA UNK E 292 9.05 -39.19 50.60
C UNK E 292 9.20 -39.72 52.02
N SER F 4 12.74 9.87 11.76
CA SER F 4 12.08 9.70 10.47
C SER F 4 13.09 9.89 9.34
N ILE F 5 12.82 9.28 8.20
CA ILE F 5 13.59 9.45 6.98
C ILE F 5 13.38 10.83 6.36
N PRO F 6 14.44 11.62 6.16
CA PRO F 6 14.28 12.97 5.59
C PRO F 6 13.75 12.90 4.16
N LEU F 7 13.02 13.93 3.75
CA LEU F 7 12.50 13.94 2.38
C LEU F 7 12.81 15.24 1.66
N GLY F 8 13.51 15.11 0.54
CA GLY F 8 13.90 16.25 -0.28
C GLY F 8 12.74 16.70 -1.15
N VAL F 9 12.56 18.01 -1.29
CA VAL F 9 11.52 18.47 -2.21
C VAL F 9 12.07 19.63 -3.01
N ILE F 10 11.66 19.69 -4.28
CA ILE F 10 12.04 20.74 -5.22
C ILE F 10 10.91 21.76 -5.31
N HIS F 11 11.17 22.99 -4.91
CA HIS F 11 10.22 24.05 -5.23
C HIS F 11 11.03 25.19 -5.82
N ASN F 12 10.42 25.88 -6.81
CA ASN F 12 10.95 27.05 -7.54
C ASN F 12 12.43 26.85 -7.89
N SER F 13 12.69 25.71 -8.58
CA SER F 13 14.04 25.30 -9.02
C SER F 13 15.06 25.27 -7.88
N ALA F 14 14.63 24.84 -6.69
CA ALA F 14 15.50 24.84 -5.52
C ALA F 14 15.11 23.75 -4.52
N LEU F 15 16.15 23.08 -4.04
CA LEU F 15 16.12 22.00 -3.05
C LEU F 15 15.86 22.46 -1.61
N GLN F 16 14.92 21.76 -0.95
CA GLN F 16 14.56 22.00 0.44
C GLN F 16 14.47 20.62 1.08
N VAL F 17 14.58 20.57 2.39
CA VAL F 17 14.29 19.36 3.15
C VAL F 17 13.04 19.59 3.97
N SER F 18 12.14 18.61 3.95
CA SER F 18 10.90 18.67 4.70
C SER F 18 10.32 17.28 4.79
N ASP F 19 9.94 16.88 6.00
CA ASP F 19 9.35 15.56 6.18
C ASP F 19 7.88 15.72 5.84
N VAL F 20 7.04 14.71 6.09
CA VAL F 20 5.66 14.84 5.64
C VAL F 20 4.93 15.81 6.57
N ASP F 21 5.10 17.10 6.25
CA ASP F 21 4.47 18.27 6.84
C ASP F 21 4.20 19.29 5.74
N LYS F 22 4.03 18.81 4.50
CA LYS F 22 3.78 19.59 3.30
C LYS F 22 2.35 20.08 3.21
N LEU F 23 1.67 20.24 4.33
CA LEU F 23 0.36 20.84 4.41
C LEU F 23 0.37 22.36 4.29
N VAL F 24 1.08 22.85 3.28
CA VAL F 24 1.14 24.27 2.95
C VAL F 24 0.23 24.53 1.75
N CYS F 25 -0.26 23.47 1.11
CA CYS F 25 -1.15 23.37 -0.06
C CYS F 25 -0.57 23.95 -1.35
N ARG F 26 0.45 24.82 -1.29
CA ARG F 26 1.01 25.22 -2.57
C ARG F 26 1.95 24.14 -3.08
N ASP F 27 2.52 23.35 -2.17
CA ASP F 27 3.21 22.12 -2.52
C ASP F 27 2.18 21.18 -3.14
N LYS F 28 2.52 20.55 -4.27
CA LYS F 28 1.53 19.70 -4.93
C LYS F 28 2.10 18.31 -5.14
N LEU F 29 1.43 17.30 -4.59
CA LEU F 29 1.75 15.89 -4.85
C LEU F 29 0.48 15.26 -5.43
N SER F 30 0.34 15.28 -6.75
CA SER F 30 -0.88 14.79 -7.38
C SER F 30 -0.79 13.36 -7.89
N SER F 31 0.35 12.68 -7.74
CA SER F 31 0.50 11.31 -8.23
C SER F 31 1.75 10.70 -7.65
N THR F 32 1.74 9.36 -7.55
CA THR F 32 2.92 8.59 -7.18
C THR F 32 4.08 8.66 -8.19
N ASN F 33 3.84 9.10 -9.44
CA ASN F 33 4.98 9.34 -10.34
C ASN F 33 5.89 10.47 -9.83
N GLN F 34 5.34 11.41 -9.05
CA GLN F 34 6.14 12.48 -8.46
C GLN F 34 7.06 12.02 -7.34
N LEU F 35 6.90 10.82 -6.80
CA LEU F 35 7.81 10.34 -5.77
C LEU F 35 8.95 9.58 -6.43
N ARG F 36 10.19 9.93 -6.08
CA ARG F 36 11.31 9.23 -6.71
C ARG F 36 12.39 8.89 -5.68
N SER F 37 12.98 7.71 -5.78
CA SER F 37 14.18 7.36 -5.02
C SER F 37 15.39 7.30 -5.95
N VAL F 38 16.52 7.86 -5.52
CA VAL F 38 17.70 8.03 -6.37
C VAL F 38 18.94 7.60 -5.59
N GLY F 39 19.80 6.81 -6.24
CA GLY F 39 21.09 6.41 -5.68
C GLY F 39 22.20 7.30 -6.20
N LEU F 40 23.00 7.84 -5.28
CA LEU F 40 24.13 8.70 -5.58
C LEU F 40 25.44 8.10 -5.08
N ASN F 41 26.49 8.22 -5.89
CA ASN F 41 27.77 7.56 -5.64
C ASN F 41 28.66 8.43 -4.75
N LEU F 42 29.28 7.80 -3.77
CA LEU F 42 30.25 8.44 -2.87
C LEU F 42 31.40 9.13 -3.59
N GLU F 43 31.83 8.59 -4.73
CA GLU F 43 32.70 9.21 -5.74
C GLU F 43 32.53 10.71 -5.90
N GLY F 44 31.29 11.17 -6.09
CA GLY F 44 31.03 12.57 -6.33
C GLY F 44 31.36 13.48 -5.16
N ASN F 45 31.61 12.94 -3.96
CA ASN F 45 32.05 13.75 -2.83
C ASN F 45 33.55 13.70 -2.59
N GLY F 46 34.31 13.04 -3.45
CA GLY F 46 35.75 13.08 -3.37
C GLY F 46 36.41 12.02 -2.53
N VAL F 47 35.71 10.94 -2.18
CA VAL F 47 36.34 9.88 -1.40
C VAL F 47 37.30 9.15 -2.32
N ALA F 48 38.38 8.63 -1.74
CA ALA F 48 39.34 7.85 -2.52
C ALA F 48 38.67 6.61 -3.09
N THR F 49 38.83 6.40 -4.39
CA THR F 49 38.15 5.31 -5.07
C THR F 49 39.07 4.16 -5.43
N ASP F 50 40.37 4.35 -5.31
CA ASP F 50 41.35 3.29 -5.43
C ASP F 50 41.04 2.14 -4.47
N VAL F 51 41.30 0.92 -4.96
CA VAL F 51 40.98 -0.29 -4.18
C VAL F 51 41.55 -0.38 -2.76
N PRO F 52 42.85 -0.06 -2.49
CA PRO F 52 43.31 -0.15 -1.08
C PRO F 52 42.60 0.75 -0.08
N SER F 53 42.31 2.00 -0.47
CA SER F 53 41.60 2.90 0.41
C SER F 53 40.13 2.50 0.55
N ALA F 54 39.50 2.15 -0.57
CA ALA F 54 38.07 1.79 -0.59
C ALA F 54 37.78 0.54 0.25
N THR F 55 38.58 -0.51 0.11
CA THR F 55 38.31 -1.78 0.80
C THR F 55 38.48 -1.69 2.31
N LYS F 56 39.27 -0.74 2.82
CA LYS F 56 39.39 -0.53 4.25
C LYS F 56 38.10 0.01 4.87
N ARG F 57 37.19 0.55 4.07
CA ARG F 57 35.89 0.98 4.56
C ARG F 57 34.90 -0.15 4.78
N TRP F 58 35.21 -1.38 4.39
CA TRP F 58 34.30 -2.51 4.57
C TRP F 58 34.86 -3.48 5.60
N GLY F 59 33.95 -4.14 6.34
CA GLY F 59 34.36 -5.02 7.42
C GLY F 59 33.32 -6.07 7.74
N PHE F 60 33.78 -7.20 8.29
CA PHE F 60 32.92 -8.34 8.60
C PHE F 60 32.35 -8.27 10.00
N ARG F 61 31.11 -8.74 10.13
CA ARG F 61 30.33 -8.71 11.37
C ARG F 61 29.28 -9.81 11.29
N SER F 62 29.05 -10.47 12.42
CA SER F 62 27.97 -11.46 12.57
C SER F 62 26.85 -10.90 13.43
N GLY F 63 25.70 -11.56 13.36
CA GLY F 63 24.57 -11.21 14.19
C GLY F 63 23.60 -10.18 13.63
N VAL F 64 23.93 -9.51 12.54
CA VAL F 64 23.07 -8.47 11.97
C VAL F 64 22.50 -8.98 10.65
N PRO F 65 21.19 -9.24 10.56
CA PRO F 65 20.57 -9.69 9.30
C PRO F 65 20.64 -8.64 8.20
N PRO F 66 20.92 -9.04 6.96
CA PRO F 66 20.94 -8.10 5.83
C PRO F 66 19.56 -7.54 5.50
N LYS F 67 19.58 -6.38 4.83
CA LYS F 67 18.37 -5.65 4.44
C LYS F 67 18.57 -5.04 3.06
N VAL F 68 17.48 -4.99 2.28
CA VAL F 68 17.52 -4.53 0.89
C VAL F 68 16.41 -3.49 0.70
N VAL F 69 16.71 -2.40 -0.01
CA VAL F 69 15.74 -1.33 -0.32
C VAL F 69 15.91 -0.92 -1.79
N ASN F 70 14.81 -0.71 -2.49
CA ASN F 70 14.90 -0.36 -3.91
C ASN F 70 15.19 1.12 -4.12
N TYR F 71 15.70 1.44 -5.32
CA TYR F 71 15.86 2.82 -5.76
C TYR F 71 15.64 2.85 -7.26
N GLU F 72 15.06 3.94 -7.76
CA GLU F 72 14.55 3.96 -9.12
C GLU F 72 15.52 4.50 -10.17
N ALA F 73 16.47 5.35 -9.79
CA ALA F 73 17.36 6.01 -10.74
C ALA F 73 18.75 6.15 -10.14
N GLY F 74 19.78 6.12 -10.99
CA GLY F 74 21.14 6.17 -10.52
C GLY F 74 22.06 7.04 -11.37
N GLU F 75 23.33 7.03 -10.97
CA GLU F 75 24.40 7.84 -11.52
C GLU F 75 25.42 6.96 -12.24
N TRP F 76 25.95 7.44 -13.38
CA TRP F 76 27.03 6.69 -14.02
C TRP F 76 28.25 6.70 -13.13
N ALA F 77 28.82 5.54 -12.89
CA ALA F 77 29.97 5.43 -12.01
C ALA F 77 31.21 5.35 -12.86
N GLU F 78 32.27 6.01 -12.42
CA GLU F 78 33.59 5.75 -12.99
C GLU F 78 34.14 4.43 -12.49
N ASN F 79 33.93 4.13 -11.21
CA ASN F 79 34.53 2.99 -10.54
C ASN F 79 33.44 2.15 -9.89
N CYS F 80 33.41 0.87 -10.25
CA CYS F 80 32.59 -0.13 -9.60
C CYS F 80 33.51 -1.28 -9.15
N TYR F 81 32.99 -2.15 -8.28
CA TYR F 81 33.78 -3.20 -7.66
C TYR F 81 33.12 -4.57 -7.72
N ASN F 82 33.96 -5.61 -7.71
CA ASN F 82 33.52 -7.00 -7.85
C ASN F 82 34.45 -7.92 -7.07
N LEU F 83 33.94 -8.58 -6.04
CA LEU F 83 34.78 -9.32 -5.08
C LEU F 83 34.55 -10.81 -5.20
N GLU F 84 35.65 -11.55 -5.31
CA GLU F 84 35.72 -13.01 -5.27
C GLU F 84 36.69 -13.38 -4.17
N ILE F 85 36.20 -13.37 -2.93
CA ILE F 85 37.03 -13.59 -1.76
C ILE F 85 36.71 -14.98 -1.21
N LYS F 86 37.76 -15.75 -0.92
CA LYS F 86 37.62 -17.04 -0.27
C LYS F 86 38.35 -17.03 1.05
N LYS F 87 37.99 -17.96 1.92
CA LYS F 87 38.81 -18.24 3.09
C LYS F 87 40.00 -19.11 2.69
N PRO F 88 41.06 -19.15 3.51
CA PRO F 88 42.20 -20.05 3.23
C PRO F 88 41.83 -21.52 3.01
N ASP F 89 40.76 -22.01 3.62
CA ASP F 89 40.26 -23.35 3.37
C ASP F 89 39.46 -23.48 2.07
N GLY F 90 39.39 -22.42 1.27
CA GLY F 90 38.73 -22.46 -0.02
C GLY F 90 37.25 -22.14 0.02
N SER F 91 36.66 -22.04 1.20
CA SER F 91 35.24 -21.75 1.33
C SER F 91 34.95 -20.28 1.11
N GLU F 92 33.74 -19.99 0.66
CA GLU F 92 33.36 -18.64 0.28
C GLU F 92 33.12 -17.74 1.49
N CYS F 93 33.63 -16.51 1.39
CA CYS F 93 33.44 -15.49 2.41
C CYS F 93 32.13 -14.75 2.21
N LEU F 94 31.63 -14.66 0.98
CA LEU F 94 30.46 -13.87 0.63
C LEU F 94 29.32 -14.75 0.14
N PRO F 95 28.07 -14.40 0.47
CA PRO F 95 26.94 -15.21 0.01
C PRO F 95 26.62 -14.99 -1.46
N ALA F 96 25.99 -16.00 -2.06
CA ALA F 96 25.53 -15.89 -3.44
C ALA F 96 24.44 -14.85 -3.57
N ALA F 97 24.40 -14.20 -4.73
CA ALA F 97 23.38 -13.22 -5.09
C ALA F 97 21.97 -13.78 -5.02
N PRO F 98 21.05 -13.17 -4.26
CA PRO F 98 19.63 -13.53 -4.35
C PRO F 98 19.06 -13.39 -5.76
N ASP F 99 17.95 -14.10 -6.00
CA ASP F 99 17.21 -14.03 -7.24
C ASP F 99 16.80 -12.61 -7.61
N GLY F 100 17.15 -12.18 -8.82
CA GLY F 100 16.74 -10.87 -9.29
C GLY F 100 17.59 -9.70 -8.85
N ILE F 101 18.74 -9.92 -8.23
CA ILE F 101 19.68 -8.86 -7.93
C ILE F 101 20.85 -8.95 -8.93
N ARG F 102 20.85 -8.04 -9.91
CA ARG F 102 21.91 -7.98 -10.92
C ARG F 102 22.88 -6.83 -10.65
N GLY F 103 23.99 -6.86 -11.39
CA GLY F 103 25.04 -5.87 -11.22
C GLY F 103 24.62 -4.47 -11.62
N PHE F 104 25.37 -3.49 -11.11
CA PHE F 104 25.16 -2.09 -11.46
C PHE F 104 25.31 -1.87 -12.97
N PRO F 105 24.33 -1.23 -13.62
CA PRO F 105 24.26 -1.27 -15.09
C PRO F 105 25.21 -0.35 -15.83
N ARG F 106 25.82 0.66 -15.19
CA ARG F 106 26.66 1.63 -15.89
C ARG F 106 27.94 1.89 -15.10
N CYS F 107 29.02 1.21 -15.47
CA CYS F 107 30.34 1.35 -14.86
C CYS F 107 31.35 1.59 -15.97
N ARG F 108 32.13 2.67 -15.84
CA ARG F 108 33.21 2.90 -16.78
C ARG F 108 34.38 1.94 -16.53
N TYR F 109 34.77 1.81 -15.27
CA TYR F 109 35.82 0.87 -14.85
C TYR F 109 35.23 -0.04 -13.80
N VAL F 110 35.34 -1.34 -14.01
CA VAL F 110 34.94 -2.35 -13.02
C VAL F 110 36.20 -2.90 -12.37
N HIS F 111 36.40 -2.61 -11.08
CA HIS F 111 37.54 -3.10 -10.31
C HIS F 111 37.19 -4.48 -9.76
N LYS F 112 37.67 -5.53 -10.40
CA LYS F 112 37.34 -6.89 -10.02
C LYS F 112 38.44 -7.44 -9.12
N VAL F 113 38.15 -7.64 -7.84
CA VAL F 113 39.14 -8.06 -6.86
C VAL F 113 38.87 -9.51 -6.49
N SER F 114 39.90 -10.34 -6.60
CA SER F 114 39.88 -11.74 -6.18
C SER F 114 40.94 -11.96 -5.12
N GLY F 115 40.72 -12.88 -4.20
CA GLY F 115 41.77 -13.13 -3.23
C GLY F 115 41.29 -13.75 -1.94
N THR F 116 42.07 -13.51 -0.88
CA THR F 116 41.89 -14.19 0.39
C THR F 116 41.91 -13.19 1.54
N GLY F 117 41.21 -13.55 2.63
CA GLY F 117 41.24 -12.82 3.87
C GLY F 117 40.77 -13.73 4.99
N PRO F 118 40.92 -13.29 6.25
CA PRO F 118 40.39 -14.12 7.36
C PRO F 118 38.88 -14.16 7.46
N CYS F 119 38.19 -13.11 7.01
CA CYS F 119 36.72 -13.01 6.91
C CYS F 119 36.02 -13.43 8.20
N ALA F 120 36.37 -12.74 9.29
CA ALA F 120 35.93 -13.16 10.63
C ALA F 120 34.54 -12.59 10.93
N GLY F 121 33.56 -13.09 10.19
CA GLY F 121 32.20 -12.61 10.32
C GLY F 121 31.32 -13.04 9.18
N ASP F 122 30.02 -13.14 9.44
CA ASP F 122 29.10 -13.67 8.43
C ASP F 122 28.79 -12.69 7.30
N PHE F 123 28.78 -11.39 7.56
CA PHE F 123 28.49 -10.46 6.47
C PHE F 123 29.44 -9.26 6.48
N ALA F 124 29.63 -8.68 5.30
CA ALA F 124 30.48 -7.50 5.13
C ALA F 124 29.64 -6.24 5.02
N PHE F 125 29.87 -5.29 5.94
CA PHE F 125 29.14 -4.03 5.99
C PHE F 125 30.08 -2.88 5.69
N HIS F 126 29.49 -1.72 5.41
CA HIS F 126 30.24 -0.49 5.20
C HIS F 126 30.46 0.17 6.57
N LYS F 127 31.73 0.44 6.90
CA LYS F 127 32.06 0.98 8.23
C LYS F 127 31.56 2.41 8.42
N GLU F 128 31.32 3.14 7.34
CA GLU F 128 30.75 4.48 7.43
C GLU F 128 29.24 4.47 7.24
N GLY F 129 28.62 3.29 7.16
CA GLY F 129 27.19 3.19 7.03
C GLY F 129 26.60 3.41 5.67
N ALA F 130 27.41 3.50 4.62
CA ALA F 130 26.85 3.65 3.27
C ALA F 130 26.26 2.34 2.77
N PHE F 131 25.68 2.38 1.56
CA PHE F 131 25.06 1.23 0.93
C PHE F 131 25.89 0.75 -0.24
N PHE F 132 25.64 -0.50 -0.62
CA PHE F 132 26.13 -1.07 -1.87
C PHE F 132 25.01 -1.05 -2.89
N LEU F 133 25.19 -0.30 -3.97
CA LEU F 133 24.17 -0.09 -4.98
C LEU F 133 24.34 -1.09 -6.12
N TYR F 134 23.26 -1.82 -6.42
CA TYR F 134 23.17 -2.80 -7.50
C TYR F 134 22.15 -2.27 -8.52
N ASP F 135 21.63 -3.17 -9.36
CA ASP F 135 20.63 -2.79 -10.35
C ASP F 135 19.30 -2.52 -9.65
N ARG F 136 19.10 -1.27 -9.25
CA ARG F 136 17.88 -0.73 -8.64
C ARG F 136 17.54 -1.40 -7.30
N LEU F 137 18.52 -2.01 -6.65
CA LEU F 137 18.37 -2.56 -5.30
C LEU F 137 19.64 -2.25 -4.53
N ALA F 138 19.49 -1.65 -3.35
CA ALA F 138 20.62 -1.35 -2.48
C ALA F 138 20.59 -2.28 -1.28
N SER F 139 21.74 -2.88 -0.98
CA SER F 139 21.86 -3.84 0.13
C SER F 139 22.88 -3.34 1.12
N THR F 140 22.72 -3.74 2.36
CA THR F 140 23.73 -3.50 3.39
C THR F 140 24.94 -4.41 3.28
N VAL F 141 24.89 -5.48 2.50
CA VAL F 141 25.98 -6.44 2.44
C VAL F 141 26.41 -6.69 1.01
N ILE F 142 27.61 -7.24 0.87
CA ILE F 142 28.19 -7.57 -0.44
C ILE F 142 27.81 -8.99 -0.81
N TYR F 143 27.28 -9.17 -2.02
CA TYR F 143 27.02 -10.47 -2.58
C TYR F 143 28.15 -10.88 -3.52
N ARG F 144 28.35 -12.19 -3.65
CA ARG F 144 29.44 -12.73 -4.44
C ARG F 144 29.25 -12.44 -5.92
N GLY F 145 30.33 -12.03 -6.57
CA GLY F 145 30.40 -11.92 -8.02
C GLY F 145 29.46 -10.93 -8.67
N THR F 146 29.03 -9.91 -7.94
CA THR F 146 27.98 -9.02 -8.40
C THR F 146 28.48 -7.59 -8.30
N THR F 147 28.55 -6.91 -9.44
CA THR F 147 29.14 -5.57 -9.53
C THR F 147 28.29 -4.54 -8.80
N PHE F 148 28.92 -3.72 -7.95
CA PHE F 148 28.24 -2.67 -7.20
C PHE F 148 29.00 -1.36 -7.23
N ALA F 149 28.29 -0.29 -6.90
CA ALA F 149 28.86 1.02 -6.63
C ALA F 149 28.61 1.38 -5.17
N GLU F 150 29.53 2.12 -4.55
CA GLU F 150 29.25 2.59 -3.20
C GLU F 150 28.36 3.81 -3.30
N GLY F 151 27.30 3.86 -2.51
CA GLY F 151 26.42 5.00 -2.66
C GLY F 151 25.42 5.07 -1.53
N VAL F 152 24.53 6.05 -1.65
CA VAL F 152 23.51 6.36 -0.67
C VAL F 152 22.23 6.75 -1.41
N VAL F 153 21.09 6.67 -0.71
CA VAL F 153 19.78 6.81 -1.34
C VAL F 153 19.10 8.07 -0.82
N ALA F 154 18.47 8.81 -1.72
CA ALA F 154 17.65 9.97 -1.43
C ALA F 154 16.22 9.72 -1.92
N PHE F 155 15.27 10.41 -1.29
CA PHE F 155 13.86 10.37 -1.67
C PHE F 155 13.41 11.78 -1.98
N LEU F 156 12.69 11.95 -3.09
CA LEU F 156 12.32 13.26 -3.62
C LEU F 156 10.86 13.36 -4.00
N ILE F 157 10.33 14.57 -3.79
CA ILE F 157 9.13 15.11 -4.45
C ILE F 157 9.55 15.96 -5.64
N LEU F 158 9.13 15.53 -6.81
CA LEU F 158 9.26 16.14 -8.12
C LEU F 158 8.17 17.20 -8.30
N PRO F 159 8.47 18.28 -9.02
CA PRO F 159 7.42 19.24 -9.37
C PRO F 159 6.45 18.70 -10.42
N GLN F 160 5.16 18.99 -10.16
CA GLN F 160 4.00 18.54 -10.93
C GLN F 160 4.03 18.96 -12.39
N ALA F 161 4.79 19.98 -12.75
CA ALA F 161 4.93 20.31 -14.17
C ALA F 161 5.62 19.17 -14.90
N LYS F 162 5.04 18.83 -16.06
CA LYS F 162 5.35 17.73 -16.96
C LYS F 162 6.73 17.74 -17.58
N LYS F 163 6.83 17.03 -18.72
CA LYS F 163 8.03 16.85 -19.58
C LYS F 163 8.92 15.74 -19.00
N ASP F 164 8.71 15.38 -17.71
CA ASP F 164 9.44 14.33 -16.98
C ASP F 164 10.89 14.72 -16.70
N PHE F 165 11.14 15.21 -15.47
CA PHE F 165 12.41 15.74 -14.92
C PHE F 165 13.63 15.07 -15.55
N PHE F 166 13.73 13.74 -15.46
CA PHE F 166 14.89 13.08 -16.03
C PHE F 166 14.69 12.95 -17.54
N SER F 167 15.81 12.80 -18.25
CA SER F 167 15.93 12.66 -19.70
C SER F 167 15.58 14.01 -20.30
N SER F 168 16.22 15.05 -19.75
CA SER F 168 16.21 16.40 -20.29
C SER F 168 17.11 16.51 -21.51
N HIS F 169 18.39 16.20 -21.32
CA HIS F 169 19.30 15.97 -22.43
C HIS F 169 19.21 14.48 -22.76
N PRO F 170 19.81 14.02 -23.86
CA PRO F 170 19.97 12.57 -23.99
C PRO F 170 21.43 12.17 -24.06
N TYR F 186 30.33 2.22 -22.16
CA TYR F 186 31.66 1.63 -22.07
C TYR F 186 32.05 1.00 -20.73
N SER F 187 32.56 -0.23 -20.79
CA SER F 187 32.92 -0.97 -19.60
C SER F 187 34.31 -1.55 -19.78
N THR F 188 35.10 -1.53 -18.71
CA THR F 188 36.48 -2.01 -18.77
C THR F 188 36.71 -2.89 -17.56
N THR F 189 37.21 -4.10 -17.76
CA THR F 189 37.45 -4.91 -16.58
C THR F 189 38.88 -4.63 -16.15
N ILE F 190 39.06 -4.25 -14.89
CA ILE F 190 40.38 -4.05 -14.32
C ILE F 190 40.51 -5.07 -13.21
N ARG F 191 41.46 -5.97 -13.33
CA ARG F 191 41.56 -7.10 -12.41
C ARG F 191 42.59 -6.88 -11.29
N TYR F 192 42.25 -7.30 -10.06
CA TYR F 192 43.15 -7.18 -8.91
C TYR F 192 43.14 -8.46 -8.07
N GLN F 193 44.28 -8.82 -7.47
CA GLN F 193 44.37 -9.85 -6.41
C GLN F 193 44.66 -9.24 -5.05
N ALA F 194 44.11 -9.85 -4.00
CA ALA F 194 44.30 -9.31 -2.67
C ALA F 194 44.63 -10.42 -1.68
N THR F 195 45.49 -10.10 -0.71
CA THR F 195 45.75 -10.97 0.44
C THR F 195 45.54 -10.17 1.73
N GLY F 196 45.12 -10.87 2.78
CA GLY F 196 44.79 -10.30 4.09
C GLY F 196 43.68 -9.29 4.04
N PHE F 197 42.64 -9.55 3.25
CA PHE F 197 41.52 -8.64 3.04
C PHE F 197 40.74 -8.39 4.32
N GLY F 198 40.37 -7.11 4.52
CA GLY F 198 39.60 -6.69 5.67
C GLY F 198 40.38 -6.61 6.96
N THR F 199 41.69 -6.44 6.90
CA THR F 199 42.55 -6.36 8.06
C THR F 199 43.44 -5.13 7.91
N ASN F 200 44.36 -4.94 8.85
CA ASN F 200 45.35 -3.87 8.73
C ASN F 200 46.39 -4.14 7.63
N GLU F 201 46.82 -5.39 7.48
CA GLU F 201 47.89 -5.76 6.53
C GLU F 201 47.38 -6.29 5.18
N THR F 202 46.54 -5.49 4.51
CA THR F 202 46.06 -5.86 3.19
C THR F 202 47.11 -5.53 2.14
N GLU F 203 47.28 -6.45 1.19
CA GLU F 203 48.20 -6.30 0.08
C GLU F 203 47.42 -6.52 -1.20
N TYR F 204 47.69 -5.67 -2.19
CA TYR F 204 46.99 -5.63 -3.47
C TYR F 204 47.95 -5.86 -4.61
N LEU F 205 47.46 -6.57 -5.64
CA LEU F 205 48.20 -6.80 -6.85
C LEU F 205 47.33 -6.39 -8.03
N PHE F 206 47.87 -5.55 -8.91
CA PHE F 206 47.17 -5.27 -10.15
C PHE F 206 47.50 -6.40 -11.11
N GLU F 207 46.46 -6.94 -11.74
CA GLU F 207 46.56 -8.10 -12.59
C GLU F 207 46.78 -7.64 -14.03
N VAL F 208 47.92 -8.01 -14.60
CA VAL F 208 48.25 -7.72 -15.99
C VAL F 208 47.78 -8.83 -16.91
N ASP F 209 48.17 -10.05 -16.61
CA ASP F 209 47.57 -11.24 -17.18
C ASP F 209 47.51 -12.32 -16.08
N ASN F 210 47.17 -13.54 -16.47
CA ASN F 210 46.98 -14.60 -15.49
C ASN F 210 48.28 -15.05 -14.80
N LEU F 211 49.46 -14.77 -15.34
CA LEU F 211 50.70 -15.14 -14.64
C LEU F 211 51.68 -13.99 -14.39
N THR F 212 51.31 -12.75 -14.69
CA THR F 212 52.21 -11.61 -14.48
C THR F 212 51.49 -10.56 -13.68
N TYR F 213 52.05 -10.18 -12.52
CA TYR F 213 51.34 -9.24 -11.68
C TYR F 213 52.30 -8.13 -11.28
N VAL F 214 51.74 -7.03 -10.80
CA VAL F 214 52.55 -5.94 -10.24
C VAL F 214 51.91 -5.61 -8.90
N GLN F 215 52.71 -5.39 -7.84
CA GLN F 215 52.04 -5.10 -6.58
C GLN F 215 51.47 -3.69 -6.65
N LEU F 216 50.17 -3.59 -6.47
CA LEU F 216 49.46 -2.34 -6.70
C LEU F 216 49.47 -1.57 -5.39
N GLU F 217 49.67 -0.28 -5.47
CA GLU F 217 49.55 0.63 -4.35
C GLU F 217 48.41 1.59 -4.65
N SER F 218 47.89 2.13 -3.56
CA SER F 218 46.81 3.11 -3.56
C SER F 218 47.09 4.35 -4.39
N ARG F 219 48.34 4.79 -4.49
CA ARG F 219 48.57 6.03 -5.22
C ARG F 219 48.39 5.93 -6.75
N PHE F 220 48.19 4.73 -7.31
CA PHE F 220 47.99 4.57 -8.76
C PHE F 220 46.52 4.80 -9.13
N THR F 221 46.28 5.78 -10.00
CA THR F 221 44.95 6.08 -10.50
C THR F 221 44.62 5.12 -11.65
N PRO F 222 43.33 4.97 -12.02
CA PRO F 222 43.02 4.18 -13.24
C PRO F 222 43.68 4.65 -14.53
N GLN F 223 43.86 5.96 -14.75
CA GLN F 223 44.41 6.42 -16.04
C GLN F 223 45.87 6.02 -16.25
N PHE F 224 46.68 6.10 -15.20
CA PHE F 224 48.07 5.65 -15.30
C PHE F 224 48.16 4.15 -15.52
N LEU F 225 47.36 3.35 -14.79
CA LEU F 225 47.38 1.90 -14.98
C LEU F 225 47.03 1.52 -16.43
N LEU F 226 45.99 2.11 -17.02
CA LEU F 226 45.64 1.76 -18.41
C LEU F 226 46.73 2.20 -19.38
N GLN F 227 47.38 3.34 -19.09
CA GLN F 227 48.49 3.79 -19.92
C GLN F 227 49.67 2.83 -19.79
N LEU F 228 49.96 2.40 -18.55
CA LEU F 228 51.00 1.41 -18.30
C LEU F 228 50.73 0.10 -19.04
N ASN F 229 49.47 -0.41 -19.02
CA ASN F 229 49.15 -1.66 -19.73
C ASN F 229 49.44 -1.56 -21.22
N GLU F 230 49.03 -0.46 -21.85
CA GLU F 230 49.36 -0.37 -23.28
C GLU F 230 50.86 -0.25 -23.55
N THR F 231 51.62 0.43 -22.68
CA THR F 231 53.08 0.45 -22.85
C THR F 231 53.77 -0.90 -22.65
N ILE F 232 53.41 -1.67 -21.61
CA ILE F 232 54.02 -2.98 -21.37
C ILE F 232 53.69 -3.93 -22.50
N TYR F 233 52.43 -3.89 -22.99
CA TYR F 233 52.02 -4.74 -24.11
C TYR F 233 52.86 -4.46 -25.35
N THR F 234 53.06 -3.19 -25.71
CA THR F 234 53.85 -3.01 -26.93
C THR F 234 55.33 -3.27 -26.65
N SER F 235 55.83 -2.91 -25.47
CA SER F 235 57.20 -3.26 -25.11
C SER F 235 57.45 -4.74 -24.84
N GLY F 236 56.45 -5.55 -24.49
CA GLY F 236 56.79 -6.95 -24.32
C GLY F 236 57.45 -7.36 -23.02
N LYS F 237 56.95 -6.94 -21.86
CA LYS F 237 57.64 -7.28 -20.61
C LYS F 237 56.85 -8.25 -19.75
N ARG F 238 56.06 -9.13 -20.36
CA ARG F 238 55.44 -10.20 -19.59
C ARG F 238 56.41 -11.36 -19.37
N SER F 239 56.02 -12.22 -18.43
CA SER F 239 56.77 -13.42 -18.04
C SER F 239 56.85 -14.46 -19.15
N ASN F 240 58.09 -14.89 -19.43
CA ASN F 240 58.39 -15.96 -20.36
C ASN F 240 59.02 -17.10 -19.53
N THR F 241 58.30 -17.50 -18.48
CA THR F 241 58.81 -18.44 -17.49
C THR F 241 57.63 -18.96 -16.65
N THR F 242 57.77 -20.20 -16.19
CA THR F 242 56.78 -20.83 -15.31
C THR F 242 56.50 -20.03 -14.04
N GLY F 243 57.51 -19.32 -13.54
CA GLY F 243 57.40 -18.58 -12.30
C GLY F 243 56.86 -17.17 -12.44
N LYS F 244 56.70 -16.54 -11.27
CA LYS F 244 56.01 -15.27 -11.10
C LYS F 244 57.02 -14.12 -11.26
N LEU F 245 56.68 -13.14 -12.09
CA LEU F 245 57.54 -11.97 -12.31
C LEU F 245 56.80 -10.82 -11.63
N ILE F 246 57.41 -10.29 -10.56
CA ILE F 246 56.86 -9.20 -9.76
C ILE F 246 57.69 -7.92 -9.96
N TRP F 247 57.09 -6.96 -10.66
CA TRP F 247 57.59 -5.61 -10.93
C TRP F 247 57.48 -4.68 -9.72
N LYS F 248 58.35 -3.65 -9.70
CA LYS F 248 58.32 -2.59 -8.69
C LYS F 248 58.36 -1.23 -9.36
N VAL F 249 57.74 -0.25 -8.68
CA VAL F 249 57.62 1.15 -9.13
C VAL F 249 58.18 2.03 -8.01
N ASN F 250 59.39 2.57 -8.17
CA ASN F 250 59.95 3.42 -7.11
C ASN F 250 59.19 4.76 -7.09
N PRO F 251 59.10 5.42 -5.92
CA PRO F 251 58.09 6.51 -5.73
C PRO F 251 58.25 7.71 -6.64
N GLU F 252 59.46 7.95 -7.15
CA GLU F 252 59.77 9.08 -8.01
C GLU F 252 59.19 8.98 -9.42
N ILE F 253 58.54 7.87 -9.77
CA ILE F 253 57.76 7.82 -10.99
C ILE F 253 56.50 8.65 -10.79
N ASP F 254 56.20 9.52 -11.75
CA ASP F 254 55.02 10.35 -11.63
C ASP F 254 53.73 9.57 -11.87
N THR F 255 52.69 9.99 -11.16
CA THR F 255 51.31 9.54 -11.31
C THR F 255 50.40 10.72 -11.00
N THR F 256 49.19 10.66 -11.53
CA THR F 256 48.19 11.69 -11.26
C THR F 256 47.64 11.57 -9.84
N SER F 275 54.10 5.93 -23.01
CA SER F 275 55.29 6.16 -23.82
C SER F 275 56.42 5.17 -23.50
N GLU F 276 57.53 5.39 -24.21
CA GLU F 276 58.78 4.65 -24.13
C GLU F 276 59.79 5.22 -23.14
N GLU F 277 59.31 5.90 -22.09
CA GLU F 277 60.18 6.52 -21.11
C GLU F 277 60.36 5.63 -19.88
N LEU F 278 59.58 4.55 -19.79
CA LEU F 278 59.63 3.60 -18.69
C LEU F 278 60.62 2.48 -19.00
N SER F 279 61.61 2.28 -18.12
CA SER F 279 62.61 1.22 -18.19
C SER F 279 62.57 0.13 -17.10
N PHE F 280 62.48 -1.15 -17.50
CA PHE F 280 62.46 -2.28 -16.56
C PHE F 280 63.77 -3.06 -16.57
N THR F 281 64.19 -3.49 -15.38
CA THR F 281 65.42 -4.26 -15.21
C THR F 281 65.14 -5.28 -14.10
N VAL F 282 65.41 -6.55 -14.40
CA VAL F 282 65.10 -7.66 -13.49
C VAL F 282 66.30 -7.93 -12.59
N VAL F 283 66.04 -8.04 -11.29
CA VAL F 283 67.09 -8.32 -10.31
C VAL F 283 67.43 -9.82 -10.27
N UNK F 284 60.58 -20.60 -9.79
CA UNK F 284 60.35 -20.05 -8.47
C UNK F 284 59.72 -18.66 -8.56
N UNK F 285 60.54 -17.63 -8.47
CA UNK F 285 60.07 -16.26 -8.59
C UNK F 285 61.15 -15.33 -9.14
N UNK F 286 60.74 -14.12 -9.50
CA UNK F 286 61.67 -13.12 -10.00
C UNK F 286 61.17 -11.72 -9.66
N UNK F 287 61.86 -11.08 -8.72
CA UNK F 287 61.61 -9.69 -8.37
C UNK F 287 62.37 -8.74 -9.30
N UNK F 288 61.67 -7.73 -9.81
CA UNK F 288 62.23 -6.82 -10.81
C UNK F 288 62.02 -5.36 -10.40
N UNK F 289 62.33 -4.43 -11.30
CA UNK F 289 62.20 -3.00 -10.98
C UNK F 289 62.01 -2.11 -12.20
N UNK F 290 61.39 -0.95 -11.97
CA UNK F 290 61.24 0.07 -13.00
C UNK F 290 61.90 1.39 -12.64
N UNK F 291 62.11 2.20 -13.66
CA UNK F 291 62.80 3.48 -13.53
C UNK F 291 62.42 4.37 -14.70
N UNK F 292 62.70 5.67 -14.57
CA UNK F 292 62.43 6.61 -15.63
C UNK F 292 63.73 7.14 -16.22
N GLU G 1 -18.93 -3.03 20.31
CA GLU G 1 -19.41 -3.90 21.37
C GLU G 1 -18.49 -3.74 22.57
N ALA G 2 -19.00 -3.91 23.79
CA ALA G 2 -18.05 -4.03 24.89
C ALA G 2 -17.51 -5.46 24.96
N ILE G 3 -16.29 -5.58 25.46
CA ILE G 3 -15.64 -6.87 25.69
C ILE G 3 -15.73 -7.35 27.13
N VAL G 4 -16.36 -8.50 27.31
CA VAL G 4 -16.49 -9.19 28.57
C VAL G 4 -15.64 -10.43 28.43
N ASN G 5 -14.52 -10.46 29.15
CA ASN G 5 -13.59 -11.59 29.12
C ASN G 5 -14.30 -12.82 29.66
N ALA G 6 -14.41 -13.81 28.80
CA ALA G 6 -15.11 -15.06 29.09
C ALA G 6 -14.20 -16.28 29.07
N GLN G 7 -12.98 -16.11 29.48
CA GLN G 7 -11.95 -17.13 29.56
C GLN G 7 -11.92 -17.72 30.97
N PRO G 8 -11.39 -18.95 31.13
CA PRO G 8 -11.27 -19.51 32.49
C PRO G 8 -10.42 -18.69 33.46
N LYS G 9 -9.28 -18.14 33.00
CA LYS G 9 -8.50 -17.21 33.81
C LYS G 9 -8.09 -15.99 32.98
N CYS G 10 -7.57 -14.97 33.67
CA CYS G 10 -6.97 -13.81 33.02
C CYS G 10 -5.71 -13.46 33.80
N ASN G 11 -4.55 -13.46 33.14
CA ASN G 11 -3.36 -12.86 33.73
C ASN G 11 -3.50 -11.34 33.60
N PRO G 12 -3.69 -10.62 34.72
CA PRO G 12 -3.99 -9.17 34.63
C PRO G 12 -2.80 -8.26 34.31
N ASN G 13 -1.57 -8.77 34.28
CA ASN G 13 -0.43 -7.93 33.95
C ASN G 13 0.18 -8.36 32.62
N LEU G 14 0.62 -7.38 31.85
CA LEU G 14 1.18 -7.62 30.51
C LEU G 14 2.61 -7.12 30.54
N HIS G 15 3.55 -8.04 30.71
CA HIS G 15 4.97 -7.74 30.60
C HIS G 15 5.33 -7.88 29.12
N TYR G 16 5.49 -6.75 28.44
CA TYR G 16 5.66 -6.71 27.00
C TYR G 16 7.06 -6.36 26.54
N TRP G 17 7.32 -6.71 25.27
CA TRP G 17 8.47 -6.30 24.48
C TRP G 17 7.99 -5.76 23.13
N THR G 18 8.74 -4.80 22.59
CA THR G 18 8.52 -4.32 21.23
C THR G 18 9.83 -3.76 20.69
N THR G 19 9.82 -3.30 19.44
CA THR G 19 11.04 -2.71 18.91
C THR G 19 11.07 -1.19 18.99
N GLN G 20 12.30 -0.70 19.11
CA GLN G 20 12.73 0.70 18.99
C GLN G 20 13.10 1.04 17.55
N ASP G 21 12.18 1.69 16.82
CA ASP G 21 12.38 2.05 15.41
C ASP G 21 13.59 2.97 15.22
N GLU G 22 13.94 3.76 16.25
CA GLU G 22 15.16 4.57 16.25
C GLU G 22 15.80 4.31 17.62
N GLY G 23 16.51 3.19 17.69
CA GLY G 23 17.28 2.74 18.83
C GLY G 23 18.58 3.42 19.13
N ALA G 24 19.05 4.34 18.28
CA ALA G 24 20.19 5.16 18.64
C ALA G 24 20.19 6.46 17.84
N ALA G 25 20.74 7.47 18.44
CA ALA G 25 20.68 8.86 17.99
C ALA G 25 22.07 9.46 17.88
N ILE G 26 22.93 9.17 18.86
CA ILE G 26 24.24 9.78 18.99
C ILE G 26 25.29 8.69 18.73
N GLY G 27 26.49 9.09 18.32
CA GLY G 27 27.55 8.15 18.02
C GLY G 27 27.35 7.32 16.75
N LEU G 28 28.10 6.22 16.70
CA LEU G 28 28.13 5.34 15.55
C LEU G 28 27.21 4.14 15.66
N ALA G 29 26.41 4.05 16.73
CA ALA G 29 25.56 2.90 16.98
C ALA G 29 24.49 2.69 15.91
N TRP G 30 24.13 3.73 15.14
CA TRP G 30 23.19 3.56 14.03
C TRP G 30 23.78 2.79 12.87
N ILE G 31 25.11 2.78 12.73
CA ILE G 31 25.77 2.03 11.67
C ILE G 31 25.63 0.54 11.95
N PRO G 32 25.04 -0.23 11.02
CA PRO G 32 24.84 -1.69 11.22
C PRO G 32 26.07 -2.47 11.68
N TYR G 33 27.23 -2.18 11.09
CA TYR G 33 28.49 -2.81 11.47
C TYR G 33 28.79 -2.65 12.96
N PHE G 34 28.51 -1.46 13.51
CA PHE G 34 28.78 -1.19 14.91
C PHE G 34 27.60 -1.44 15.85
N GLY G 35 26.38 -1.43 15.35
CA GLY G 35 25.20 -1.49 16.19
C GLY G 35 24.95 -2.82 16.89
N PRO G 36 23.80 -2.93 17.56
CA PRO G 36 23.49 -4.17 18.29
C PRO G 36 23.15 -5.33 17.37
N ALA G 37 23.29 -6.55 17.92
CA ALA G 37 22.84 -7.74 17.24
C ALA G 37 21.31 -7.85 17.27
N ALA G 38 20.82 -8.86 16.53
CA ALA G 38 19.39 -9.19 16.44
C ALA G 38 18.68 -9.28 17.79
N GLU G 39 19.36 -9.80 18.81
CA GLU G 39 18.74 -10.01 20.12
C GLU G 39 18.61 -8.73 20.94
N GLY G 40 19.33 -7.68 20.60
CA GLY G 40 19.35 -6.47 21.42
C GLY G 40 18.61 -5.24 20.93
N ILE G 41 17.65 -5.38 20.02
CA ILE G 41 16.96 -4.21 19.49
C ILE G 41 15.65 -3.93 20.18
N TYR G 42 15.30 -4.69 21.20
CA TYR G 42 13.98 -4.64 21.83
C TYR G 42 13.99 -3.74 23.07
N ILE G 43 12.85 -3.10 23.30
CA ILE G 43 12.58 -2.41 24.55
C ILE G 43 11.46 -3.18 25.24
N GLU G 44 11.35 -2.98 26.55
CA GLU G 44 10.36 -3.67 27.36
C GLU G 44 9.59 -2.72 28.25
N GLY G 45 8.44 -3.20 28.73
CA GLY G 45 7.68 -2.46 29.72
C GLY G 45 6.63 -3.33 30.36
N LEU G 46 5.93 -2.75 31.33
CA LEU G 46 4.93 -3.46 32.12
C LEU G 46 3.64 -2.65 32.21
N MET G 47 2.52 -3.26 31.78
CA MET G 47 1.20 -2.66 31.87
C MET G 47 0.34 -3.44 32.85
N HIS G 48 -0.40 -2.72 33.66
CA HIS G 48 -1.31 -3.27 34.64
C HIS G 48 -2.75 -3.21 34.12
N ASN G 49 -3.66 -3.80 34.87
CA ASN G 49 -5.03 -4.06 34.42
C ASN G 49 -5.98 -2.91 34.69
N GLN G 50 -5.55 -1.66 34.49
CA GLN G 50 -6.45 -0.53 34.61
C GLN G 50 -7.58 -0.65 33.58
N ASP G 51 -8.82 -0.45 34.04
CA ASP G 51 -10.05 -0.56 33.26
C ASP G 51 -10.27 -1.96 32.68
N GLY G 52 -9.64 -2.98 33.26
CA GLY G 52 -9.66 -4.32 32.70
C GLY G 52 -9.18 -4.45 31.26
N LEU G 53 -8.29 -3.55 30.82
CA LEU G 53 -7.95 -3.51 29.39
C LEU G 53 -7.15 -4.71 28.95
N ILE G 54 -6.38 -5.29 29.85
CA ILE G 54 -5.62 -6.48 29.49
C ILE G 54 -6.56 -7.66 29.28
N CYS G 55 -7.49 -7.88 30.23
CA CYS G 55 -8.48 -8.94 30.09
C CYS G 55 -9.37 -8.78 28.87
N GLY G 56 -9.75 -7.56 28.53
CA GLY G 56 -10.48 -7.35 27.28
C GLY G 56 -9.69 -7.74 26.05
N LEU G 57 -8.41 -7.31 25.98
CA LEU G 57 -7.56 -7.54 24.81
C LEU G 57 -7.33 -9.02 24.50
N ARG G 58 -7.13 -9.83 25.53
CA ARG G 58 -6.97 -11.27 25.36
C ARG G 58 -8.19 -11.90 24.70
N GLN G 59 -9.38 -11.51 25.15
CA GLN G 59 -10.62 -12.02 24.56
C GLN G 59 -10.75 -11.59 23.12
N LEU G 60 -10.37 -10.33 22.85
CA LEU G 60 -10.42 -9.78 21.50
C LEU G 60 -9.56 -10.59 20.54
N ALA G 61 -8.36 -10.95 21.00
CA ALA G 61 -7.44 -11.74 20.18
C ALA G 61 -8.08 -13.07 19.82
N ASN G 62 -8.69 -13.73 20.83
CA ASN G 62 -9.47 -14.94 20.66
C ASN G 62 -10.52 -14.78 19.56
N GLU G 63 -11.37 -13.75 19.68
CA GLU G 63 -12.43 -13.54 18.70
C GLU G 63 -11.92 -13.17 17.32
N THR G 64 -10.75 -12.55 17.22
CA THR G 64 -10.20 -12.23 15.90
C THR G 64 -9.79 -13.47 15.10
N THR G 65 -9.48 -14.57 15.79
CA THR G 65 -8.76 -15.70 15.19
C THR G 65 -9.47 -16.31 13.99
N GLN G 66 -10.78 -16.58 14.14
CA GLN G 66 -11.58 -17.19 13.09
C GLN G 66 -11.55 -16.40 11.80
N ALA G 67 -11.89 -15.10 11.88
CA ALA G 67 -11.91 -14.26 10.70
C ALA G 67 -10.55 -14.14 10.05
N LEU G 68 -9.50 -14.04 10.88
CA LEU G 68 -8.14 -13.97 10.38
C LEU G 68 -7.76 -15.22 9.61
N GLN G 69 -8.09 -16.39 10.18
CA GLN G 69 -7.78 -17.66 9.51
C GLN G 69 -8.49 -17.78 8.16
N LEU G 70 -9.75 -17.34 8.08
CA LEU G 70 -10.46 -17.39 6.80
C LEU G 70 -9.86 -16.45 5.76
N PHE G 71 -9.36 -15.29 6.20
CA PHE G 71 -8.68 -14.37 5.30
C PHE G 71 -7.42 -15.02 4.74
N LEU G 72 -6.67 -15.72 5.58
CA LEU G 72 -5.43 -16.34 5.15
C LEU G 72 -5.72 -17.48 4.18
N ARG G 73 -6.87 -18.15 4.34
CA ARG G 73 -7.28 -19.16 3.37
C ARG G 73 -7.43 -18.60 1.95
N ALA G 74 -7.94 -17.38 1.80
CA ALA G 74 -8.22 -16.89 0.45
C ALA G 74 -7.03 -16.26 -0.27
N THR G 75 -5.96 -15.87 0.43
CA THR G 75 -4.81 -15.28 -0.24
C THR G 75 -3.82 -16.33 -0.74
N THR G 76 -3.09 -15.95 -1.80
CA THR G 76 -1.99 -16.70 -2.38
C THR G 76 -0.63 -16.15 -1.99
N GLU G 77 -0.60 -15.01 -1.29
CA GLU G 77 0.64 -14.49 -0.72
C GLU G 77 1.20 -15.41 0.34
N LEU G 78 2.52 -15.59 0.33
CA LEU G 78 3.13 -16.49 1.31
C LEU G 78 3.25 -15.80 2.67
N ARG G 79 3.63 -14.52 2.67
CA ARG G 79 3.73 -13.71 3.89
C ARG G 79 2.93 -12.44 3.71
N THR G 80 1.96 -12.20 4.58
CA THR G 80 1.06 -11.06 4.47
C THR G 80 1.52 -9.96 5.42
N PHE G 81 1.90 -8.81 4.86
CA PHE G 81 2.34 -7.65 5.63
C PHE G 81 1.39 -6.48 5.49
N SER G 82 0.31 -6.64 4.73
CA SER G 82 -0.48 -5.53 4.22
C SER G 82 -1.87 -5.35 4.84
N ILE G 83 -2.22 -6.08 5.91
CA ILE G 83 -3.58 -6.01 6.45
C ILE G 83 -3.89 -4.62 7.01
N LEU G 84 -2.95 -4.03 7.76
CA LEU G 84 -3.18 -2.71 8.33
C LEU G 84 -3.15 -1.61 7.28
N ASN G 85 -2.28 -1.74 6.27
CA ASN G 85 -2.27 -0.78 5.17
C ASN G 85 -3.56 -0.85 4.36
N ARG G 86 -4.09 -2.05 4.16
CA ARG G 86 -5.36 -2.21 3.45
C ARG G 86 -6.52 -1.65 4.25
N LYS G 87 -6.48 -1.82 5.59
CA LYS G 87 -7.45 -1.17 6.46
C LYS G 87 -7.41 0.36 6.32
N ALA G 88 -6.20 0.93 6.30
CA ALA G 88 -6.04 2.38 6.13
C ALA G 88 -6.61 2.85 4.79
N ILE G 89 -6.34 2.08 3.72
CA ILE G 89 -6.87 2.38 2.39
C ILE G 89 -8.39 2.29 2.38
N ASP G 90 -8.95 1.27 3.04
CA ASP G 90 -10.40 1.13 3.11
C ASP G 90 -11.04 2.25 3.92
N PHE G 91 -10.40 2.69 5.00
CA PHE G 91 -10.82 3.89 5.75
C PHE G 91 -10.92 5.11 4.83
N LEU G 92 -9.88 5.33 4.02
CA LEU G 92 -9.87 6.47 3.12
C LEU G 92 -10.94 6.35 2.06
N LEU G 93 -11.13 5.15 1.50
CA LEU G 93 -12.16 5.00 0.48
C LEU G 93 -13.56 5.11 1.08
N GLN G 94 -13.73 4.66 2.33
CA GLN G 94 -15.00 4.82 3.04
C GLN G 94 -15.37 6.29 3.19
N ARG G 95 -14.41 7.15 3.55
CA ARG G 95 -14.87 8.53 3.72
C ARG G 95 -14.80 9.36 2.45
N TRP G 96 -13.70 9.29 1.73
CA TRP G 96 -13.49 10.22 0.63
C TRP G 96 -13.41 9.53 -0.72
N GLY G 97 -13.72 8.23 -0.77
CA GLY G 97 -13.67 7.53 -2.04
C GLY G 97 -14.85 7.88 -2.92
N GLY G 98 -15.90 8.44 -2.33
CA GLY G 98 -17.04 8.94 -3.08
C GLY G 98 -17.41 10.33 -2.64
N THR G 99 -18.54 10.82 -3.14
CA THR G 99 -19.09 12.10 -2.73
C THR G 99 -19.55 12.12 -1.27
N CYS G 100 -19.11 13.15 -0.54
CA CYS G 100 -19.43 13.36 0.88
C CYS G 100 -20.74 14.16 0.98
N HIS G 101 -21.83 13.51 1.43
CA HIS G 101 -23.12 14.20 1.60
C HIS G 101 -23.22 14.78 3.00
N ILE G 102 -23.21 16.11 3.10
CA ILE G 102 -23.18 16.81 4.40
C ILE G 102 -24.50 16.60 5.14
N LEU G 103 -24.42 16.41 6.47
CA LEU G 103 -25.43 15.99 7.46
C LEU G 103 -25.71 14.50 7.41
N GLY G 104 -25.14 13.76 6.47
CA GLY G 104 -25.28 12.33 6.44
C GLY G 104 -24.45 11.67 7.52
N PRO G 105 -24.80 10.42 7.87
CA PRO G 105 -24.06 9.72 8.92
C PRO G 105 -22.68 9.25 8.50
N ASP G 106 -22.38 9.25 7.20
CA ASP G 106 -21.08 8.82 6.75
C ASP G 106 -20.17 9.94 6.25
N CYS G 107 -20.60 11.20 6.30
CA CYS G 107 -19.70 12.29 5.95
C CYS G 107 -19.26 13.01 7.22
N CYS G 108 -17.97 13.00 7.50
CA CYS G 108 -17.41 13.64 8.70
C CYS G 108 -16.84 15.04 8.44
N ILE G 109 -17.64 15.94 7.88
CA ILE G 109 -17.23 17.34 7.73
C ILE G 109 -18.16 18.20 8.59
N GLU G 110 -17.54 18.99 9.47
CA GLU G 110 -18.27 19.90 10.34
C GLU G 110 -18.17 21.35 9.86
N PRO G 111 -19.26 21.96 9.43
CA PRO G 111 -19.16 23.39 9.13
C PRO G 111 -19.77 24.26 10.23
N HIS G 112 -19.82 23.76 11.47
CA HIS G 112 -20.41 24.51 12.58
C HIS G 112 -19.61 25.77 12.94
N ASP G 113 -18.28 25.67 13.06
CA ASP G 113 -17.53 26.91 13.27
C ASP G 113 -17.58 27.78 12.02
N TRP G 114 -17.66 27.13 10.86
CA TRP G 114 -17.90 27.81 9.60
C TRP G 114 -19.31 28.41 9.62
N THR G 115 -20.24 27.77 10.34
CA THR G 115 -21.55 28.40 10.55
C THR G 115 -21.44 29.63 11.42
N LYS G 116 -20.70 29.59 12.55
CA LYS G 116 -20.58 30.82 13.34
C LYS G 116 -19.84 31.94 12.61
N ASN G 117 -18.94 31.61 11.66
CA ASN G 117 -18.30 32.64 10.83
C ASN G 117 -19.26 33.23 9.80
N ILE G 118 -20.19 32.44 9.24
CA ILE G 118 -21.05 33.05 8.22
C ILE G 118 -22.28 33.63 8.88
N THR G 119 -22.69 33.13 10.05
CA THR G 119 -23.80 33.76 10.72
C THR G 119 -23.39 35.04 11.46
N ASP G 120 -22.13 35.16 11.92
CA ASP G 120 -21.66 36.49 12.32
C ASP G 120 -21.46 37.43 11.12
N LYS G 121 -21.02 36.93 9.95
CA LYS G 121 -20.90 37.84 8.81
C LYS G 121 -22.23 38.10 8.07
N ILE G 122 -23.36 37.66 8.61
CA ILE G 122 -24.64 38.15 8.11
C ILE G 122 -24.77 39.64 8.43
N ASP G 123 -24.35 40.01 9.62
CA ASP G 123 -24.38 41.37 10.15
C ASP G 123 -23.26 42.29 9.63
N GLN G 124 -22.31 41.78 8.83
CA GLN G 124 -21.24 42.62 8.28
C GLN G 124 -21.69 43.64 7.23
N ILE G 125 -22.81 43.40 6.53
CA ILE G 125 -23.36 44.35 5.56
C ILE G 125 -24.83 44.66 5.79
N ILE G 126 -25.55 43.74 6.42
CA ILE G 126 -26.96 43.97 6.68
C ILE G 126 -27.18 45.00 7.78
N HIS G 127 -26.30 45.11 8.78
CA HIS G 127 -26.57 46.20 9.72
C HIS G 127 -26.08 47.55 9.19
N ASP G 128 -24.88 47.60 8.59
CA ASP G 128 -24.41 48.80 7.91
C ASP G 128 -24.81 48.77 6.43
N PHE G 129 -26.11 48.99 6.17
CA PHE G 129 -26.60 49.03 4.79
C PHE G 129 -27.34 50.33 4.55
N VAL G 130 -26.60 51.43 4.65
CA VAL G 130 -27.23 52.76 4.63
C VAL G 130 -27.56 53.17 3.21
N GLU H 1 14.60 23.03 5.48
CA GLU H 1 15.95 23.57 5.69
C GLU H 1 16.59 23.79 4.34
N ALA H 2 17.49 24.76 4.21
CA ALA H 2 18.29 24.77 3.00
C ALA H 2 19.46 23.79 3.14
N ILE H 3 19.90 23.27 2.01
CA ILE H 3 21.06 22.37 1.93
C ILE H 3 22.34 23.08 1.51
N VAL H 4 23.32 23.03 2.38
CA VAL H 4 24.66 23.57 2.15
C VAL H 4 25.54 22.34 2.08
N ASN H 5 26.04 22.06 0.88
CA ASN H 5 26.93 20.91 0.65
C ASN H 5 28.20 21.11 1.45
N ALA H 6 28.44 20.19 2.38
CA ALA H 6 29.56 20.22 3.29
C ALA H 6 30.52 19.05 3.10
N GLN H 7 30.67 18.60 1.89
CA GLN H 7 31.54 17.51 1.48
C GLN H 7 32.89 18.06 1.01
N PRO H 8 33.96 17.25 1.04
CA PRO H 8 35.25 17.72 0.52
C PRO H 8 35.23 18.15 -0.93
N LYS H 9 34.55 17.41 -1.82
CA LYS H 9 34.35 17.84 -3.20
C LYS H 9 32.90 17.65 -3.62
N CYS H 10 32.55 18.22 -4.77
CA CYS H 10 31.25 17.99 -5.40
C CYS H 10 31.50 17.82 -6.90
N ASN H 11 31.12 16.68 -7.48
CA ASN H 11 31.05 16.56 -8.92
C ASN H 11 29.77 17.28 -9.39
N PRO H 12 29.91 18.43 -10.08
CA PRO H 12 28.73 19.25 -10.41
C PRO H 12 27.86 18.72 -11.54
N ASN H 13 28.26 17.69 -12.26
CA ASN H 13 27.42 17.15 -13.34
C ASN H 13 26.93 15.76 -12.97
N LEU H 14 25.69 15.46 -13.35
CA LEU H 14 25.05 14.19 -13.02
C LEU H 14 24.72 13.53 -14.35
N HIS H 15 25.55 12.60 -14.77
CA HIS H 15 25.28 11.76 -15.93
C HIS H 15 24.47 10.57 -15.43
N TYR H 16 23.17 10.58 -15.69
CA TYR H 16 22.23 9.63 -15.13
C TYR H 16 21.69 8.61 -16.14
N TRP H 17 21.18 7.51 -15.58
CA TRP H 17 20.39 6.49 -16.24
C TRP H 17 19.12 6.24 -15.46
N THR H 18 18.04 5.88 -16.16
CA THR H 18 16.80 5.44 -15.52
C THR H 18 16.07 4.53 -16.50
N THR H 19 14.92 3.99 -16.09
CA THR H 19 14.14 3.17 -17.00
C THR H 19 13.02 3.92 -17.70
N GLN H 20 12.74 3.44 -18.92
CA GLN H 20 11.59 3.75 -19.76
C GLN H 20 10.43 2.80 -19.49
N ASP H 21 9.45 3.26 -18.70
CA ASP H 21 8.28 2.45 -18.33
C ASP H 21 7.48 1.99 -19.54
N GLU H 22 7.52 2.76 -20.63
CA GLU H 22 6.92 2.36 -21.91
C GLU H 22 8.00 2.67 -22.96
N GLY H 23 8.92 1.73 -23.08
CA GLY H 23 10.01 1.70 -24.03
C GLY H 23 9.69 1.37 -25.46
N ALA H 24 8.45 1.01 -25.79
CA ALA H 24 8.07 0.87 -27.18
C ALA H 24 6.57 1.01 -27.33
N ALA H 25 6.16 1.50 -28.47
CA ALA H 25 4.80 1.92 -28.78
C ALA H 25 4.31 1.26 -30.05
N ILE H 26 5.16 1.15 -31.06
CA ILE H 26 4.80 0.68 -32.39
C ILE H 26 5.51 -0.66 -32.61
N GLY H 27 4.95 -1.48 -33.51
CA GLY H 27 5.53 -2.79 -33.77
C GLY H 27 5.37 -3.82 -32.66
N LEU H 28 6.20 -4.85 -32.77
CA LEU H 28 6.16 -5.99 -31.86
C LEU H 28 7.15 -5.90 -30.71
N ALA H 29 7.87 -4.77 -30.58
CA ALA H 29 8.90 -4.63 -29.56
C ALA H 29 8.36 -4.70 -28.13
N TRP H 30 7.07 -4.44 -27.91
CA TRP H 30 6.48 -4.59 -26.59
C TRP H 30 6.36 -6.04 -26.15
N ILE H 31 6.31 -6.98 -27.09
CA ILE H 31 6.24 -8.39 -26.79
C ILE H 31 7.57 -8.84 -26.20
N PRO H 32 7.57 -9.39 -24.97
CA PRO H 32 8.83 -9.83 -24.31
C PRO H 32 9.74 -10.70 -25.14
N TYR H 33 9.18 -11.67 -25.86
CA TYR H 33 9.94 -12.54 -26.76
C TYR H 33 10.75 -11.75 -27.79
N PHE H 34 10.18 -10.68 -28.33
CA PHE H 34 10.85 -9.87 -29.34
C PHE H 34 11.61 -8.68 -28.78
N GLY H 35 11.26 -8.19 -27.59
CA GLY H 35 11.81 -6.96 -27.07
C GLY H 35 13.27 -7.00 -26.67
N PRO H 36 13.76 -5.92 -26.07
CA PRO H 36 15.17 -5.85 -25.66
C PRO H 36 15.49 -6.75 -24.48
N ALA H 37 16.78 -7.07 -24.35
CA ALA H 37 17.28 -7.77 -23.17
C ALA H 37 17.34 -6.82 -21.97
N ALA H 38 17.65 -7.43 -20.81
CA ALA H 38 17.81 -6.73 -19.52
C ALA H 38 18.72 -5.51 -19.60
N GLU H 39 19.78 -5.57 -20.41
CA GLU H 39 20.76 -4.48 -20.48
C GLU H 39 20.28 -3.28 -21.30
N GLY H 40 19.26 -3.45 -22.13
CA GLY H 40 18.83 -2.41 -23.04
C GLY H 40 17.56 -1.64 -22.76
N ILE H 41 17.07 -1.64 -21.52
CA ILE H 41 15.81 -0.98 -21.21
C ILE H 41 15.99 0.42 -20.65
N TYR H 42 17.22 0.90 -20.57
CA TYR H 42 17.55 2.15 -19.89
C TYR H 42 17.62 3.31 -20.87
N ILE H 43 17.25 4.49 -20.37
CA ILE H 43 17.51 5.74 -21.05
C ILE H 43 18.50 6.52 -20.21
N GLU H 44 19.17 7.48 -20.84
CA GLU H 44 20.21 8.27 -20.19
C GLU H 44 20.00 9.76 -20.43
N GLY H 45 20.66 10.55 -19.58
CA GLY H 45 20.69 11.98 -19.79
C GLY H 45 21.75 12.64 -18.93
N LEU H 46 21.89 13.95 -19.11
CA LEU H 46 22.91 14.73 -18.42
C LEU H 46 22.32 15.99 -17.81
N MET H 47 22.49 16.16 -16.50
CA MET H 47 22.05 17.35 -15.77
C MET H 47 23.26 18.11 -15.26
N HIS H 48 23.19 19.42 -15.39
CA HIS H 48 24.21 20.34 -14.92
C HIS H 48 23.80 20.96 -13.59
N ASN H 49 24.72 21.73 -13.02
CA ASN H 49 24.62 22.21 -11.63
C ASN H 49 23.85 23.53 -11.51
N GLN H 50 22.78 23.71 -12.27
CA GLN H 50 21.95 24.90 -12.10
C GLN H 50 21.37 24.94 -10.68
N ASP H 51 21.47 26.11 -10.04
CA ASP H 51 21.05 26.37 -8.67
C ASP H 51 21.77 25.50 -7.64
N GLY H 52 22.94 24.96 -7.97
CA GLY H 52 23.63 24.01 -7.13
C GLY H 52 22.83 22.76 -6.75
N LEU H 53 21.87 22.35 -7.59
CA LEU H 53 20.94 21.29 -7.17
C LEU H 53 21.61 19.94 -7.08
N ILE H 54 22.66 19.72 -7.87
CA ILE H 54 23.37 18.45 -7.78
C ILE H 54 24.12 18.37 -6.46
N CYS H 55 24.88 19.43 -6.12
CA CYS H 55 25.59 19.47 -4.85
C CYS H 55 24.68 19.39 -3.63
N GLY H 56 23.51 20.01 -3.68
CA GLY H 56 22.55 19.80 -2.61
C GLY H 56 22.09 18.36 -2.45
N LEU H 57 21.74 17.72 -3.58
CA LEU H 57 21.21 16.35 -3.57
C LEU H 57 22.16 15.32 -2.99
N ARG H 58 23.45 15.43 -3.30
CA ARG H 58 24.46 14.54 -2.74
C ARG H 58 24.51 14.62 -1.22
N GLN H 59 24.47 15.86 -0.69
CA GLN H 59 24.46 16.05 0.77
C GLN H 59 23.21 15.46 1.39
N LEU H 60 22.07 15.63 0.70
CA LEU H 60 20.80 15.12 1.17
C LEU H 60 20.84 13.62 1.31
N ALA H 61 21.43 12.94 0.32
CA ALA H 61 21.56 11.49 0.34
C ALA H 61 22.34 11.05 1.56
N ASN H 62 23.47 11.73 1.80
CA ASN H 62 24.30 11.55 3.00
C ASN H 62 23.46 11.64 4.27
N GLU H 63 22.71 12.74 4.43
CA GLU H 63 21.91 12.92 5.64
C GLU H 63 20.76 11.93 5.77
N THR H 64 20.23 11.43 4.65
CA THR H 64 19.18 10.43 4.73
C THR H 64 19.64 9.09 5.33
N THR H 65 20.94 8.79 5.21
CA THR H 65 21.45 7.44 5.42
C THR H 65 21.16 6.88 6.80
N GLN H 66 21.43 7.67 7.85
CA GLN H 66 21.23 7.26 9.23
C GLN H 66 19.80 6.83 9.51
N ALA H 67 18.84 7.71 9.19
CA ALA H 67 17.44 7.41 9.43
C ALA H 67 16.97 6.20 8.65
N LEU H 68 17.45 6.07 7.41
CA LEU H 68 17.10 4.93 6.57
C LEU H 68 17.60 3.63 7.17
N GLN H 69 18.86 3.64 7.64
CA GLN H 69 19.42 2.44 8.25
C GLN H 69 18.65 2.01 9.49
N LEU H 70 18.23 2.98 10.32
CA LEU H 70 17.44 2.64 11.51
C LEU H 70 16.09 2.06 11.17
N PHE H 71 15.47 2.56 10.09
CA PHE H 71 14.20 2.01 9.61
C PHE H 71 14.37 0.56 9.19
N LEU H 72 15.47 0.26 8.49
CA LEU H 72 15.71 -1.08 8.02
C LEU H 72 15.98 -2.03 9.17
N ARG H 73 16.57 -1.52 10.26
CA ARG H 73 16.73 -2.33 11.47
C ARG H 73 15.40 -2.83 12.04
N ALA H 74 14.35 -2.00 12.00
CA ALA H 74 13.11 -2.41 12.67
C ALA H 74 12.20 -3.31 11.84
N THR H 75 12.35 -3.38 10.53
CA THR H 75 11.51 -4.26 9.71
C THR H 75 12.02 -5.68 9.63
N THR H 76 11.08 -6.61 9.42
CA THR H 76 11.31 -8.02 9.18
C THR H 76 11.17 -8.39 7.70
N GLU H 77 10.73 -7.45 6.87
CA GLU H 77 10.70 -7.65 5.43
C GLU H 77 12.11 -7.80 4.87
N LEU H 78 12.27 -8.73 3.94
CA LEU H 78 13.59 -8.95 3.36
C LEU H 78 13.92 -7.89 2.31
N ARG H 79 12.94 -7.52 1.49
CA ARG H 79 13.07 -6.46 0.49
C ARG H 79 11.95 -5.46 0.66
N THR H 80 12.30 -4.20 0.89
CA THR H 80 11.32 -3.16 1.16
C THR H 80 11.07 -2.35 -0.12
N PHE H 81 9.84 -2.39 -0.62
CA PHE H 81 9.44 -1.65 -1.81
C PHE H 81 8.41 -0.58 -1.50
N SER H 82 8.04 -0.42 -0.23
CA SER H 82 6.84 0.30 0.16
C SER H 82 7.05 1.65 0.85
N ILE H 83 8.29 2.17 0.90
CA ILE H 83 8.54 3.40 1.66
C ILE H 83 7.81 4.60 1.05
N LEU H 84 7.85 4.73 -0.28
CA LEU H 84 7.19 5.85 -0.94
C LEU H 84 5.66 5.72 -0.90
N ASN H 85 5.15 4.49 -1.03
CA ASN H 85 3.71 4.26 -0.90
C ASN H 85 3.22 4.57 0.51
N ARG H 86 4.02 4.22 1.52
CA ARG H 86 3.67 4.53 2.90
C ARG H 86 3.71 6.02 3.17
N LYS H 87 4.68 6.72 2.57
CA LYS H 87 4.70 8.18 2.61
C LYS H 87 3.43 8.78 2.01
N ALA H 88 3.00 8.27 0.85
CA ALA H 88 1.77 8.75 0.22
C ALA H 88 0.55 8.53 1.12
N ILE H 89 0.48 7.35 1.74
CA ILE H 89 -0.60 7.01 2.67
C ILE H 89 -0.57 7.94 3.88
N ASP H 90 0.62 8.20 4.42
CA ASP H 90 0.74 9.11 5.55
C ASP H 90 0.37 10.55 5.19
N PHE H 91 0.72 11.01 3.98
CA PHE H 91 0.26 12.29 3.44
C PHE H 91 -1.27 12.38 3.47
N LEU H 92 -1.93 11.34 2.95
CA LEU H 92 -3.39 11.31 2.90
C LEU H 92 -3.99 11.30 4.30
N LEU H 93 -3.41 10.51 5.22
CA LEU H 93 -3.95 10.48 6.57
C LEU H 93 -3.69 11.79 7.30
N GLN H 94 -2.55 12.45 7.03
CA GLN H 94 -2.28 13.77 7.58
C GLN H 94 -3.32 14.79 7.18
N ARG H 95 -3.74 14.80 5.91
CA ARG H 95 -4.72 15.85 5.61
C ARG H 95 -6.16 15.43 5.84
N TRP H 96 -6.54 14.25 5.37
CA TRP H 96 -7.94 13.89 5.34
C TRP H 96 -8.26 12.70 6.24
N GLY H 97 -7.28 12.25 7.03
CA GLY H 97 -7.55 11.12 7.91
C GLY H 97 -8.40 11.51 9.10
N GLY H 98 -8.48 12.80 9.38
CA GLY H 98 -9.35 13.31 10.41
C GLY H 98 -10.18 14.48 9.90
N THR H 99 -10.90 15.11 10.82
CA THR H 99 -11.65 16.32 10.50
C THR H 99 -10.75 17.51 10.14
N CYS H 100 -11.08 18.17 9.02
CA CYS H 100 -10.36 19.33 8.50
C CYS H 100 -10.95 20.61 9.12
N HIS H 101 -10.18 21.26 10.00
CA HIS H 101 -10.64 22.51 10.63
C HIS H 101 -10.21 23.71 9.79
N ILE H 102 -11.18 24.40 9.17
CA ILE H 102 -10.91 25.49 8.22
C ILE H 102 -10.30 26.67 8.97
N LEU H 103 -9.32 27.34 8.34
CA LEU H 103 -8.39 28.40 8.80
C LEU H 103 -7.27 27.84 9.66
N GLY H 104 -7.28 26.55 10.00
CA GLY H 104 -6.19 25.95 10.71
C GLY H 104 -4.98 25.75 9.82
N PRO H 105 -3.80 25.60 10.44
CA PRO H 105 -2.57 25.44 9.65
C PRO H 105 -2.44 24.08 8.99
N ASP H 106 -3.25 23.10 9.39
CA ASP H 106 -3.18 21.78 8.79
C ASP H 106 -4.34 21.43 7.88
N CYS H 107 -5.29 22.34 7.64
CA CYS H 107 -6.34 22.07 6.67
C CYS H 107 -6.09 22.91 5.42
N CYS H 108 -5.87 22.23 4.30
CA CYS H 108 -5.61 22.90 3.01
C CYS H 108 -6.84 23.04 2.12
N ILE H 109 -7.92 23.65 2.64
CA ILE H 109 -9.09 23.95 1.81
C ILE H 109 -9.23 25.47 1.75
N GLU H 110 -9.28 25.99 0.52
CA GLU H 110 -9.46 27.41 0.28
C GLU H 110 -10.89 27.74 -0.17
N PRO H 111 -11.64 28.47 0.62
CA PRO H 111 -12.95 28.90 0.10
C PRO H 111 -12.95 30.36 -0.33
N HIS H 112 -11.78 30.91 -0.69
CA HIS H 112 -11.68 32.33 -1.09
C HIS H 112 -12.42 32.61 -2.40
N ASP H 113 -12.23 31.80 -3.44
CA ASP H 113 -13.04 32.03 -4.64
C ASP H 113 -14.50 31.72 -4.34
N TRP H 114 -14.73 30.75 -3.45
CA TRP H 114 -16.05 30.47 -2.94
C TRP H 114 -16.54 31.66 -2.11
N THR H 115 -15.61 32.39 -1.48
CA THR H 115 -16.00 33.65 -0.84
C THR H 115 -16.41 34.70 -1.87
N LYS H 116 -15.64 34.89 -2.95
CA LYS H 116 -16.09 35.87 -3.95
C LYS H 116 -17.42 35.49 -4.62
N ASN H 117 -17.73 34.18 -4.72
CA ASN H 117 -19.03 33.75 -5.24
C ASN H 117 -20.16 34.03 -4.24
N ILE H 118 -19.92 33.91 -2.93
CA ILE H 118 -21.05 34.12 -2.03
C ILE H 118 -21.12 35.59 -1.64
N THR H 119 -20.01 36.31 -1.69
CA THR H 119 -20.11 37.74 -1.42
C THR H 119 -20.62 38.52 -2.63
N ASP H 120 -20.40 38.05 -3.87
CA ASP H 120 -21.17 38.62 -4.98
C ASP H 120 -22.65 38.22 -4.95
N LYS H 121 -22.99 36.99 -4.50
CA LYS H 121 -24.41 36.65 -4.42
C LYS H 121 -25.11 37.18 -3.15
N ILE H 122 -24.45 38.02 -2.36
CA ILE H 122 -25.17 38.77 -1.33
C ILE H 122 -26.13 39.75 -2.01
N ASP H 123 -25.67 40.37 -3.07
CA ASP H 123 -26.38 41.36 -3.86
C ASP H 123 -27.39 40.77 -4.85
N GLN H 124 -27.49 39.44 -4.99
CA GLN H 124 -28.47 38.81 -5.89
C GLN H 124 -29.93 38.94 -5.45
N ILE H 125 -30.20 39.12 -4.16
CA ILE H 125 -31.56 39.33 -3.65
C ILE H 125 -31.69 40.55 -2.77
N ILE H 126 -30.60 40.97 -2.15
CA ILE H 126 -30.64 42.13 -1.27
C ILE H 126 -30.77 43.43 -2.07
N HIS H 127 -30.20 43.53 -3.28
CA HIS H 127 -30.46 44.78 -3.98
C HIS H 127 -31.82 44.78 -4.67
N ASP H 128 -32.21 43.69 -5.31
CA ASP H 128 -33.56 43.54 -5.84
C ASP H 128 -34.48 42.88 -4.80
N PHE H 129 -34.84 43.65 -3.78
CA PHE H 129 -35.75 43.15 -2.74
C PHE H 129 -36.94 44.10 -2.60
N VAL H 130 -37.72 44.21 -3.67
CA VAL H 130 -38.76 45.22 -3.74
C VAL H 130 -39.99 44.76 -2.95
N VAL I 2 38.46 36.01 18.28
CA VAL I 2 38.28 35.69 16.86
C VAL I 2 37.86 36.95 16.08
N GLN I 3 38.32 37.08 14.84
CA GLN I 3 38.05 38.29 14.06
C GLN I 3 37.91 37.92 12.58
N LEU I 4 37.08 38.69 11.88
CA LEU I 4 37.05 38.70 10.42
C LEU I 4 37.45 40.06 9.88
N LEU I 5 38.55 40.11 9.13
CA LEU I 5 39.10 41.33 8.55
C LEU I 5 38.89 41.31 7.03
N GLU I 6 38.07 42.22 6.51
CA GLU I 6 37.78 42.24 5.08
C GLU I 6 38.70 43.25 4.37
N SER I 7 39.00 42.99 3.09
CA SER I 7 39.79 43.92 2.27
C SER I 7 39.47 43.76 0.78
N GLY I 8 39.94 44.75 0.01
CA GLY I 8 39.83 44.80 -1.44
C GLY I 8 38.92 45.87 -1.99
N GLY I 9 38.22 46.62 -1.15
CA GLY I 9 37.26 47.61 -1.62
C GLY I 9 37.90 48.83 -2.28
N GLY I 10 37.05 49.65 -2.88
CA GLY I 10 37.43 50.92 -3.47
C GLY I 10 36.66 51.19 -4.74
N LEU I 11 37.15 52.15 -5.55
CA LEU I 11 36.47 52.56 -6.78
C LEU I 11 36.85 51.66 -7.94
N VAL I 12 35.84 51.25 -8.72
CA VAL I 12 36.08 50.47 -9.95
C VAL I 12 35.09 50.86 -11.02
N GLN I 13 35.55 50.92 -12.28
CA GLN I 13 34.70 51.26 -13.42
C GLN I 13 33.74 50.11 -13.75
N PRO I 14 32.53 50.41 -14.22
CA PRO I 14 31.64 49.35 -14.75
C PRO I 14 32.28 48.50 -15.85
N GLY I 15 31.96 47.20 -15.80
CA GLY I 15 32.57 46.20 -16.65
C GLY I 15 33.86 45.58 -16.16
N GLY I 16 34.47 46.10 -15.09
CA GLY I 16 35.75 45.61 -14.66
C GLY I 16 35.61 44.40 -13.73
N SER I 17 36.77 43.87 -13.32
CA SER I 17 36.82 42.75 -12.38
C SER I 17 37.53 43.18 -11.11
N LEU I 18 37.19 42.51 -10.00
CA LEU I 18 37.82 42.83 -8.72
C LEU I 18 37.68 41.62 -7.79
N ARG I 19 38.72 41.34 -7.02
CA ARG I 19 38.65 40.24 -6.06
C ARG I 19 38.74 40.83 -4.67
N LEU I 20 37.77 40.47 -3.83
CA LEU I 20 37.71 40.78 -2.41
C LEU I 20 38.21 39.59 -1.59
N SER I 21 38.82 39.89 -0.46
CA SER I 21 39.24 38.85 0.46
C SER I 21 38.75 39.14 1.86
N CYS I 22 38.63 38.07 2.63
CA CYS I 22 38.14 38.11 4.00
C CYS I 22 39.02 37.13 4.78
N GLU I 23 39.78 37.63 5.75
CA GLU I 23 40.68 36.76 6.52
C GLU I 23 40.14 36.50 7.93
N ALA I 24 40.10 35.22 8.27
CA ALA I 24 39.67 34.73 9.57
C ALA I 24 40.87 34.67 10.51
N SER I 25 40.64 34.97 11.79
CA SER I 25 41.68 34.79 12.79
C SER I 25 41.09 34.28 14.09
N GLY I 26 41.83 33.39 14.76
CA GLY I 26 41.39 32.82 16.01
C GLY I 26 40.53 31.58 15.97
N PHE I 27 40.20 31.04 14.80
CA PHE I 27 39.42 29.81 14.74
C PHE I 27 39.74 29.10 13.44
N PRO I 28 39.57 27.76 13.38
CA PRO I 28 39.88 27.03 12.15
C PRO I 28 38.76 27.18 11.14
N LEU I 29 39.09 27.84 10.02
CA LEU I 29 38.15 28.18 8.95
C LEU I 29 37.46 26.97 8.33
N ARG I 30 38.14 25.82 8.21
CA ARG I 30 37.61 24.64 7.53
C ARG I 30 36.34 24.06 8.17
N ASP I 31 35.99 24.45 9.39
CA ASP I 31 34.86 23.87 10.11
C ASP I 31 33.54 24.61 9.89
N TYR I 32 33.50 25.68 9.08
CA TYR I 32 32.31 26.50 9.01
C TYR I 32 32.05 26.98 7.58
N ALA I 33 30.76 27.04 7.24
CA ALA I 33 30.29 27.70 6.04
C ALA I 33 30.47 29.20 6.15
N MET I 34 30.78 29.86 5.03
CA MET I 34 31.10 31.28 5.05
C MET I 34 30.25 31.98 4.00
N SER I 35 29.80 33.20 4.30
CA SER I 35 28.89 33.87 3.39
C SER I 35 29.29 35.32 3.15
N TRP I 36 28.70 35.89 2.10
CA TRP I 36 28.78 37.31 1.76
C TRP I 36 27.38 37.90 1.73
N VAL I 37 27.25 39.06 2.38
CA VAL I 37 26.02 39.82 2.56
C VAL I 37 26.36 41.28 2.25
N ARG I 38 25.49 42.01 1.54
CA ARG I 38 25.87 43.37 1.19
C ARG I 38 24.79 44.32 1.65
N GLN I 39 25.20 45.57 1.86
CA GLN I 39 24.33 46.63 2.31
C GLN I 39 24.52 47.84 1.39
N ALA I 40 23.53 48.06 0.52
CA ALA I 40 23.51 49.24 -0.33
C ALA I 40 23.16 50.48 0.49
N PRO I 41 23.57 51.69 0.05
CA PRO I 41 23.35 52.90 0.86
C PRO I 41 21.88 53.18 1.14
N GLY I 42 21.58 53.43 2.42
CA GLY I 42 20.22 53.67 2.86
C GLY I 42 19.28 52.49 2.83
N ARG I 43 19.77 51.29 2.53
CA ARG I 43 18.97 50.10 2.38
C ARG I 43 19.33 49.10 3.47
N GLY I 44 18.70 47.94 3.41
CA GLY I 44 18.90 46.90 4.41
C GLY I 44 19.97 45.92 3.97
N LEU I 45 19.88 44.71 4.53
CA LEU I 45 20.83 43.65 4.25
C LEU I 45 20.29 42.72 3.17
N GLN I 46 21.15 42.35 2.24
CA GLN I 46 20.81 41.43 1.16
C GLN I 46 21.87 40.35 1.13
N TRP I 47 21.43 39.10 1.15
CA TRP I 47 22.38 38.01 1.02
C TRP I 47 22.86 37.94 -0.42
N VAL I 48 24.16 37.74 -0.59
CA VAL I 48 24.81 37.70 -1.89
C VAL I 48 25.22 36.29 -2.27
N SER I 49 25.95 35.62 -1.39
CA SER I 49 26.43 34.29 -1.75
C SER I 49 26.79 33.53 -0.49
N THR I 50 26.82 32.21 -0.63
CA THR I 50 27.30 31.35 0.45
C THR I 50 28.23 30.33 -0.19
N ILE I 51 29.32 30.01 0.49
CA ILE I 51 30.17 28.89 0.12
C ILE I 51 30.27 27.90 1.28
N GLY I 52 29.98 26.64 0.96
CA GLY I 52 30.21 25.49 1.81
C GLY I 52 31.64 24.98 1.75
N GLY I 53 31.77 23.70 2.08
CA GLY I 53 33.07 23.12 2.33
C GLY I 53 33.98 22.97 1.12
N ASN I 54 33.41 22.86 -0.09
CA ASN I 54 34.17 22.74 -1.34
C ASN I 54 33.88 23.88 -2.30
N ASP I 55 34.86 24.16 -3.20
CA ASP I 55 34.74 25.32 -4.10
C ASP I 55 33.53 25.23 -5.03
N ASN I 56 33.00 24.03 -5.26
CA ASN I 56 31.85 23.87 -6.13
C ASN I 56 30.55 23.96 -5.35
N ALA I 57 30.60 24.23 -4.05
CA ALA I 57 29.39 24.28 -3.24
C ALA I 57 29.01 25.72 -2.95
N ALA I 58 28.62 26.39 -4.01
CA ALA I 58 28.35 27.82 -3.97
C ALA I 58 26.88 28.04 -4.27
N ASN I 59 26.26 28.95 -3.54
CA ASN I 59 24.88 29.30 -3.83
C ASN I 59 24.84 30.81 -3.95
N TYR I 60 23.96 31.28 -4.84
CA TYR I 60 23.98 32.67 -5.22
C TYR I 60 22.57 33.24 -5.28
N ALA I 61 22.48 34.52 -4.96
CA ALA I 61 21.30 35.30 -5.30
C ALA I 61 21.19 35.36 -6.82
N ASP I 62 19.94 35.29 -7.32
CA ASP I 62 19.67 35.30 -8.76
C ASP I 62 20.36 36.45 -9.50
N SER I 63 20.38 37.63 -8.88
CA SER I 63 20.89 38.84 -9.51
C SER I 63 22.42 38.88 -9.60
N VAL I 64 23.13 37.91 -9.04
CA VAL I 64 24.58 37.82 -9.19
C VAL I 64 25.04 36.57 -9.92
N LYS I 65 24.14 35.64 -10.25
CA LYS I 65 24.51 34.43 -10.97
C LYS I 65 25.14 34.78 -12.32
N GLY I 66 26.26 34.13 -12.63
CA GLY I 66 26.95 34.37 -13.87
C GLY I 66 27.91 35.54 -13.85
N ARG I 67 27.88 36.35 -12.79
CA ARG I 67 28.68 37.54 -12.65
C ARG I 67 29.67 37.48 -11.49
N PHE I 68 29.31 36.84 -10.39
CA PHE I 68 30.12 36.78 -9.18
C PHE I 68 30.51 35.34 -8.93
N THR I 69 31.73 35.12 -8.43
CA THR I 69 32.15 33.78 -8.00
C THR I 69 32.76 33.89 -6.60
N VAL I 70 32.28 33.05 -5.70
CA VAL I 70 32.79 32.96 -4.34
C VAL I 70 33.69 31.74 -4.22
N SER I 71 34.77 31.85 -3.46
CA SER I 71 35.70 30.73 -3.32
C SER I 71 36.45 30.87 -2.01
N ARG I 72 37.20 29.82 -1.65
CA ARG I 72 37.94 29.82 -0.39
C ARG I 72 39.30 29.18 -0.59
N ASP I 73 40.26 29.57 0.26
CA ASP I 73 41.55 28.90 0.35
C ASP I 73 41.77 28.67 1.85
N ASN I 74 41.37 27.47 2.31
CA ASN I 74 41.45 27.13 3.73
C ASN I 74 42.88 27.11 4.24
N SER I 75 43.85 26.75 3.40
CA SER I 75 45.25 26.67 3.84
C SER I 75 45.82 28.04 4.16
N LYS I 76 45.31 29.09 3.54
CA LYS I 76 45.70 30.46 3.86
C LYS I 76 44.65 31.15 4.72
N SER I 77 43.63 30.40 5.19
CA SER I 77 42.52 30.92 6.01
C SER I 77 41.85 32.16 5.40
N THR I 78 41.62 32.14 4.09
CA THR I 78 41.09 33.31 3.42
C THR I 78 39.90 32.93 2.55
N ILE I 79 38.89 33.81 2.49
CA ILE I 79 37.74 33.67 1.61
C ILE I 79 37.86 34.75 0.53
N TYR I 80 37.35 34.47 -0.68
CA TYR I 80 37.45 35.39 -1.79
C TYR I 80 36.09 35.57 -2.46
N LEU I 81 35.89 36.75 -3.03
CA LEU I 81 34.78 37.05 -3.93
C LEU I 81 35.32 37.72 -5.18
N GLN I 82 35.30 37.00 -6.30
CA GLN I 82 35.77 37.51 -7.58
C GLN I 82 34.58 38.02 -8.39
N MET I 83 34.51 39.32 -8.60
CA MET I 83 33.38 39.93 -9.29
C MET I 83 33.79 40.33 -10.70
N ASN I 84 32.83 40.24 -11.61
CA ASN I 84 32.96 40.62 -13.01
C ASN I 84 31.68 41.33 -13.41
N SER I 85 31.76 42.09 -14.51
CA SER I 85 30.61 42.75 -15.14
C SER I 85 29.83 43.61 -14.16
N LEU I 86 30.58 44.46 -13.45
CA LEU I 86 30.01 45.24 -12.36
C LEU I 86 29.12 46.34 -12.89
N ARG I 87 28.10 46.70 -12.11
CA ARG I 87 27.15 47.72 -12.49
C ARG I 87 26.96 48.69 -11.33
N ALA I 88 26.24 49.79 -11.61
CA ALA I 88 25.97 50.81 -10.59
C ALA I 88 25.23 50.26 -9.38
N GLU I 89 24.36 49.29 -9.59
CA GLU I 89 23.61 48.66 -8.50
C GLU I 89 24.48 47.89 -7.51
N ASP I 90 25.72 47.55 -7.86
CA ASP I 90 26.63 46.83 -6.96
C ASP I 90 27.44 47.67 -5.97
N THR I 91 27.45 49.00 -6.05
CA THR I 91 28.12 49.78 -5.00
C THR I 91 27.44 49.52 -3.65
N ALA I 92 28.24 49.11 -2.65
CA ALA I 92 27.71 48.68 -1.35
C ALA I 92 28.85 48.39 -0.39
N LEU I 93 28.50 48.37 0.90
CA LEU I 93 29.34 47.81 1.95
C LEU I 93 29.13 46.29 2.00
N TYR I 94 30.18 45.53 1.77
CA TYR I 94 30.14 44.08 1.72
C TYR I 94 30.66 43.52 3.05
N PHE I 95 29.85 42.68 3.68
CA PHE I 95 30.15 41.98 4.92
C PHE I 95 30.45 40.52 4.61
N CYS I 96 31.43 40.00 5.33
CA CYS I 96 31.65 38.57 5.51
C CYS I 96 30.90 38.10 6.74
N ALA I 97 30.50 36.83 6.73
CA ALA I 97 29.68 36.31 7.82
C ALA I 97 30.02 34.85 8.05
N LYS I 98 30.20 34.46 9.32
CA LYS I 98 30.51 33.08 9.67
C LYS I 98 29.23 32.37 10.11
N SER I 99 29.00 31.16 9.63
CA SER I 99 27.92 30.33 10.14
C SER I 99 28.32 29.62 11.43
N VAL I 100 27.33 29.21 12.23
CA VAL I 100 27.68 28.38 13.38
C VAL I 100 28.15 26.97 13.01
N ARG I 101 27.91 26.52 11.78
CA ARG I 101 28.35 25.20 11.37
C ARG I 101 28.59 25.20 9.87
N LEU I 102 29.06 24.07 9.34
CA LEU I 102 29.41 23.91 7.94
C LEU I 102 28.22 23.53 7.07
N SER I 103 27.32 22.68 7.57
CA SER I 103 26.30 21.98 6.81
C SER I 103 24.98 22.72 6.71
N ARG I 104 24.84 23.86 7.38
CA ARG I 104 23.67 24.72 7.34
C ARG I 104 24.15 26.15 7.18
N PRO I 105 23.39 27.02 6.51
CA PRO I 105 23.94 28.33 6.17
C PRO I 105 23.90 29.37 7.27
N SER I 106 23.08 29.22 8.30
CA SER I 106 22.99 30.22 9.33
C SER I 106 22.59 29.54 10.64
N PRO I 107 22.57 30.28 11.80
CA PRO I 107 22.79 31.68 12.23
C PRO I 107 24.21 32.21 12.00
N PHE I 108 24.33 33.51 11.78
CA PHE I 108 25.63 34.16 11.57
C PHE I 108 26.16 34.65 12.91
N ASP I 109 27.07 33.91 13.51
CA ASP I 109 27.50 34.26 14.87
C ASP I 109 28.72 35.16 14.92
N LEU I 110 29.35 35.47 13.79
CA LEU I 110 30.46 36.42 13.76
C LEU I 110 30.43 37.17 12.44
N TRP I 111 30.57 38.49 12.50
CA TRP I 111 30.53 39.32 11.29
C TRP I 111 31.79 40.17 11.21
N GLY I 112 32.33 40.32 10.00
CA GLY I 112 33.37 41.30 9.76
C GLY I 112 32.86 42.73 9.81
N GLN I 113 33.82 43.68 9.79
CA GLN I 113 33.48 45.09 9.89
C GLN I 113 32.95 45.66 8.58
N GLY I 114 33.20 45.00 7.44
CA GLY I 114 32.76 45.50 6.16
C GLY I 114 33.83 46.18 5.31
N SER I 115 33.84 45.89 4.01
CA SER I 115 34.65 46.57 3.02
C SER I 115 33.76 47.17 1.94
N LEU I 116 33.92 48.46 1.67
CA LEU I 116 33.10 49.17 0.69
C LEU I 116 33.64 49.02 -0.74
N VAL I 117 32.80 48.52 -1.64
CA VAL I 117 33.13 48.47 -3.06
C VAL I 117 32.21 49.44 -3.80
N THR I 118 32.78 50.44 -4.45
CA THR I 118 31.99 51.44 -5.17
C THR I 118 32.23 51.35 -6.67
N VAL I 119 31.19 50.96 -7.41
CA VAL I 119 31.22 50.86 -8.85
C VAL I 119 30.60 52.15 -9.37
N SER I 120 31.41 53.07 -9.88
CA SER I 120 30.91 54.37 -10.31
C SER I 120 31.89 55.02 -11.26
N SER I 121 31.34 55.82 -12.17
CA SER I 121 32.14 56.60 -13.11
C SER I 121 32.44 57.97 -12.53
N VAL J 2 -16.37 3.95 -53.09
CA VAL J 2 -17.00 3.05 -52.13
C VAL J 2 -18.46 3.43 -51.92
N GLN J 3 -19.34 2.44 -51.72
CA GLN J 3 -20.77 2.70 -51.61
C GLN J 3 -21.40 1.73 -50.63
N LEU J 4 -22.45 2.19 -49.95
CA LEU J 4 -23.36 1.32 -49.21
C LEU J 4 -24.76 1.38 -49.81
N LEU J 5 -25.25 0.24 -50.30
CA LEU J 5 -26.57 0.12 -50.93
C LEU J 5 -27.48 -0.69 -50.01
N GLU J 6 -28.54 -0.06 -49.49
CA GLU J 6 -29.45 -0.74 -48.58
C GLU J 6 -30.66 -1.28 -49.34
N SER J 7 -31.24 -2.38 -48.83
CA SER J 7 -32.47 -2.93 -49.40
C SER J 7 -33.27 -3.71 -48.37
N GLY J 8 -34.53 -4.02 -48.75
CA GLY J 8 -35.46 -4.81 -47.96
C GLY J 8 -36.66 -4.07 -47.43
N GLY J 9 -36.74 -2.75 -47.61
CA GLY J 9 -37.82 -1.96 -47.03
C GLY J 9 -39.17 -2.20 -47.70
N GLY J 10 -40.19 -1.64 -47.08
CA GLY J 10 -41.55 -1.65 -47.60
C GLY J 10 -42.57 -1.80 -46.47
N LEU J 11 -43.81 -2.15 -46.85
CA LEU J 11 -44.90 -2.28 -45.89
C LEU J 11 -44.92 -3.64 -45.24
N VAL J 12 -45.10 -3.68 -43.91
CA VAL J 12 -45.25 -4.94 -43.18
C VAL J 12 -46.23 -4.78 -42.03
N GLN J 13 -47.05 -5.81 -41.80
CA GLN J 13 -48.03 -5.81 -40.72
C GLN J 13 -47.34 -5.94 -39.35
N PRO J 14 -47.89 -5.31 -38.30
CA PRO J 14 -47.40 -5.57 -36.94
C PRO J 14 -47.40 -7.04 -36.53
N GLY J 15 -46.37 -7.42 -35.78
CA GLY J 15 -46.10 -8.80 -35.43
C GLY J 15 -45.29 -9.61 -36.42
N GLY J 16 -45.03 -9.10 -37.62
CA GLY J 16 -44.36 -9.89 -38.64
C GLY J 16 -42.83 -9.81 -38.50
N SER J 17 -42.14 -10.54 -39.38
CA SER J 17 -40.70 -10.52 -39.42
C SER J 17 -40.22 -10.01 -40.77
N LEU J 18 -39.02 -9.43 -40.79
CA LEU J 18 -38.46 -8.90 -42.03
C LEU J 18 -36.94 -8.81 -41.89
N ARG J 19 -36.22 -9.13 -42.95
CA ARG J 19 -34.77 -9.03 -42.93
C ARG J 19 -34.36 -7.95 -43.94
N LEU J 20 -33.59 -6.99 -43.45
CA LEU J 20 -32.93 -5.94 -44.23
C LEU J 20 -31.49 -6.33 -44.53
N SER J 21 -31.02 -5.88 -45.69
CA SER J 21 -29.63 -6.08 -46.04
C SER J 21 -29.00 -4.77 -46.48
N CYS J 22 -27.68 -4.73 -46.33
CA CYS J 22 -26.86 -3.58 -46.65
C CYS J 22 -25.61 -4.11 -47.30
N GLU J 23 -25.38 -3.76 -48.58
CA GLU J 23 -24.21 -4.28 -49.28
C GLU J 23 -23.14 -3.21 -49.48
N ALA J 24 -21.92 -3.57 -49.09
CA ALA J 24 -20.74 -2.74 -49.21
C ALA J 24 -20.09 -2.96 -50.57
N SER J 25 -19.54 -1.89 -51.14
CA SER J 25 -18.77 -2.02 -52.37
C SER J 25 -17.56 -1.09 -52.35
N GLY J 26 -16.44 -1.58 -52.88
CA GLY J 26 -15.22 -0.80 -52.94
C GLY J 26 -14.28 -0.86 -51.75
N PHE J 27 -14.60 -1.61 -50.71
CA PHE J 27 -13.68 -1.73 -49.57
C PHE J 27 -13.92 -3.07 -48.89
N PRO J 28 -12.91 -3.61 -48.19
CA PRO J 28 -13.10 -4.91 -47.53
C PRO J 28 -13.86 -4.74 -46.22
N LEU J 29 -15.06 -5.33 -46.19
CA LEU J 29 -16.00 -5.22 -45.07
C LEU J 29 -15.46 -5.73 -43.74
N ARG J 30 -14.62 -6.77 -43.75
CA ARG J 30 -14.12 -7.39 -42.53
C ARG J 30 -13.29 -6.48 -41.64
N ASP J 31 -12.85 -5.32 -42.13
CA ASP J 31 -11.97 -4.44 -41.37
C ASP J 31 -12.69 -3.38 -40.55
N TYR J 32 -14.02 -3.35 -40.55
CA TYR J 32 -14.75 -2.25 -39.93
C TYR J 32 -16.00 -2.72 -39.22
N ALA J 33 -16.28 -2.09 -38.08
CA ALA J 33 -17.56 -2.21 -37.39
C ALA J 33 -18.66 -1.54 -38.20
N MET J 34 -19.86 -2.12 -38.14
CA MET J 34 -20.96 -1.64 -38.97
C MET J 34 -22.18 -1.42 -38.10
N SER J 35 -22.95 -0.37 -38.39
CA SER J 35 -24.06 -0.03 -37.51
C SER J 35 -25.33 0.26 -38.29
N TRP J 36 -26.44 0.25 -37.55
CA TRP J 36 -27.76 0.66 -38.00
C TRP J 36 -28.27 1.82 -37.16
N VAL J 37 -28.78 2.84 -37.84
CA VAL J 37 -29.28 4.09 -37.30
C VAL J 37 -30.61 4.38 -38.00
N ARG J 38 -31.63 4.84 -37.28
CA ARG J 38 -32.91 5.03 -37.94
C ARG J 38 -33.39 6.45 -37.72
N GLN J 39 -34.24 6.90 -38.64
CA GLN J 39 -34.80 8.23 -38.62
C GLN J 39 -36.32 8.11 -38.80
N ALA J 40 -37.04 8.32 -37.71
CA ALA J 40 -38.50 8.37 -37.75
C ALA J 40 -38.96 9.68 -38.38
N PRO J 41 -40.18 9.71 -38.97
CA PRO J 41 -40.64 10.91 -39.70
C PRO J 41 -40.71 12.15 -38.82
N GLY J 42 -40.12 13.24 -39.31
CA GLY J 42 -40.05 14.51 -38.58
C GLY J 42 -39.14 14.52 -37.37
N ARG J 43 -38.39 13.47 -37.12
CA ARG J 43 -37.56 13.32 -35.93
C ARG J 43 -36.09 13.29 -36.35
N GLY J 44 -35.22 13.10 -35.37
CA GLY J 44 -33.79 13.09 -35.60
C GLY J 44 -33.27 11.69 -35.80
N LEU J 45 -31.99 11.52 -35.52
CA LEU J 45 -31.31 10.24 -35.68
C LEU J 45 -31.26 9.49 -34.36
N GLN J 46 -31.54 8.19 -34.41
CA GLN J 46 -31.49 7.32 -33.24
C GLN J 46 -30.64 6.12 -33.61
N TRP J 47 -29.65 5.83 -32.78
CA TRP J 47 -28.87 4.62 -33.01
C TRP J 47 -29.70 3.41 -32.63
N VAL J 48 -29.63 2.38 -33.47
CA VAL J 48 -30.39 1.17 -33.31
C VAL J 48 -29.51 0.01 -32.87
N SER J 49 -28.43 -0.24 -33.59
CA SER J 49 -27.61 -1.40 -33.24
C SER J 49 -26.23 -1.22 -33.84
N THR J 50 -25.28 -1.93 -33.25
CA THR J 50 -23.93 -1.99 -33.81
C THR J 50 -23.51 -3.45 -33.79
N ILE J 51 -22.83 -3.89 -34.85
CA ILE J 51 -22.16 -5.18 -34.86
C ILE J 51 -20.66 -5.01 -35.11
N GLY J 52 -19.88 -5.60 -34.21
CA GLY J 52 -18.45 -5.77 -34.36
C GLY J 52 -18.06 -6.96 -35.21
N GLY J 53 -16.85 -7.44 -34.96
CA GLY J 53 -16.22 -8.40 -35.86
C GLY J 53 -16.84 -9.78 -35.90
N ASN J 54 -17.51 -10.21 -34.82
CA ASN J 54 -18.17 -11.50 -34.73
C ASN J 54 -19.68 -11.38 -34.50
N ASP J 55 -20.45 -12.41 -34.93
CA ASP J 55 -21.91 -12.36 -34.85
C ASP J 55 -22.43 -12.18 -33.43
N ASN J 56 -21.64 -12.55 -32.42
CA ASN J 56 -22.07 -12.42 -31.04
C ASN J 56 -21.68 -11.07 -30.46
N ALA J 57 -21.07 -10.19 -31.25
CA ALA J 57 -20.63 -8.90 -30.73
C ALA J 57 -21.59 -7.81 -31.18
N ALA J 58 -22.79 -7.88 -30.63
CA ALA J 58 -23.88 -7.01 -31.00
C ALA J 58 -24.26 -6.16 -29.82
N ASN J 59 -24.53 -4.89 -30.07
CA ASN J 59 -25.00 -4.02 -29.01
C ASN J 59 -26.26 -3.37 -29.52
N TYR J 60 -27.19 -3.11 -28.60
CA TYR J 60 -28.54 -2.71 -28.99
C TYR J 60 -29.03 -1.58 -28.11
N ALA J 61 -29.84 -0.72 -28.71
CA ALA J 61 -30.68 0.19 -27.95
C ALA J 61 -31.67 -0.63 -27.14
N ASP J 62 -31.95 -0.17 -25.91
CA ASP J 62 -32.84 -0.88 -24.99
C ASP J 62 -34.20 -1.22 -25.61
N SER J 63 -34.74 -0.32 -26.43
CA SER J 63 -36.07 -0.45 -27.00
C SER J 63 -36.14 -1.47 -28.13
N VAL J 64 -35.01 -2.03 -28.57
CA VAL J 64 -35.02 -3.08 -29.58
C VAL J 64 -34.49 -4.42 -29.07
N LYS J 65 -33.97 -4.47 -27.83
CA LYS J 65 -33.46 -5.72 -27.27
C LYS J 65 -34.56 -6.79 -27.23
N GLY J 66 -34.23 -7.99 -27.69
CA GLY J 66 -35.18 -9.09 -27.70
C GLY J 66 -36.08 -9.13 -28.92
N ARG J 67 -36.05 -8.08 -29.74
CA ARG J 67 -36.89 -7.94 -30.92
C ARG J 67 -36.11 -7.90 -32.22
N PHE J 68 -34.92 -7.31 -32.23
CA PHE J 68 -34.11 -7.10 -33.42
C PHE J 68 -32.82 -7.88 -33.27
N THR J 69 -32.33 -8.46 -34.37
CA THR J 69 -31.01 -9.09 -34.36
C THR J 69 -30.21 -8.58 -35.56
N VAL J 70 -29.00 -8.11 -35.29
CA VAL J 70 -28.08 -7.66 -36.33
C VAL J 70 -27.04 -8.74 -36.58
N SER J 71 -26.63 -8.91 -37.84
CA SER J 71 -25.65 -9.95 -38.17
C SER J 71 -24.94 -9.55 -39.45
N ARG J 72 -23.89 -10.30 -39.78
CA ARG J 72 -23.10 -10.02 -40.96
C ARG J 72 -22.69 -11.31 -41.65
N ASP J 73 -22.46 -11.21 -42.97
CA ASP J 73 -21.85 -12.30 -43.75
C ASP J 73 -20.74 -11.63 -44.55
N ASN J 74 -19.53 -11.66 -43.99
CA ASN J 74 -18.37 -11.01 -44.61
C ASN J 74 -18.01 -11.60 -45.97
N SER J 75 -18.25 -12.92 -46.15
CA SER J 75 -17.90 -13.58 -47.40
C SER J 75 -18.76 -13.10 -48.57
N LYS J 76 -19.99 -12.66 -48.29
CA LYS J 76 -20.85 -12.07 -49.29
C LYS J 76 -20.87 -10.55 -49.19
N SER J 77 -20.01 -9.96 -48.34
CA SER J 77 -19.92 -8.52 -48.10
C SER J 77 -21.27 -7.87 -47.77
N THR J 78 -22.07 -8.54 -46.95
CA THR J 78 -23.43 -8.05 -46.69
C THR J 78 -23.68 -8.01 -45.18
N ILE J 79 -24.42 -6.99 -44.74
CA ILE J 79 -24.88 -6.86 -43.36
C ILE J 79 -26.39 -7.08 -43.36
N TYR J 80 -26.92 -7.62 -42.25
CA TYR J 80 -28.34 -7.93 -42.15
C TYR J 80 -28.91 -7.38 -40.85
N LEU J 81 -30.20 -7.04 -40.89
CA LEU J 81 -31.00 -6.75 -39.71
C LEU J 81 -32.30 -7.55 -39.78
N GLN J 82 -32.43 -8.56 -38.92
CA GLN J 82 -33.63 -9.40 -38.86
C GLN J 82 -34.52 -8.88 -37.75
N MET J 83 -35.69 -8.37 -38.12
CA MET J 83 -36.61 -7.78 -37.16
C MET J 83 -37.80 -8.70 -36.95
N ASN J 84 -38.30 -8.69 -35.71
CA ASN J 84 -39.46 -9.45 -35.27
C ASN J 84 -40.29 -8.54 -34.39
N SER J 85 -41.56 -8.90 -34.21
CA SER J 85 -42.50 -8.25 -33.27
C SER J 85 -42.57 -6.74 -33.52
N LEU J 86 -42.78 -6.39 -34.78
CA LEU J 86 -42.72 -5.00 -35.20
C LEU J 86 -43.94 -4.23 -34.69
N ARG J 87 -43.74 -2.94 -34.44
CA ARG J 87 -44.80 -2.08 -33.93
C ARG J 87 -44.84 -0.80 -34.75
N ALA J 88 -45.88 0.00 -34.50
CA ALA J 88 -46.06 1.27 -35.22
C ALA J 88 -44.89 2.23 -35.02
N GLU J 89 -44.26 2.20 -33.84
CA GLU J 89 -43.11 3.04 -33.56
C GLU J 89 -41.88 2.74 -34.41
N ASP J 90 -41.81 1.56 -35.06
CA ASP J 90 -40.67 1.20 -35.90
C ASP J 90 -40.71 1.69 -37.35
N THR J 91 -41.80 2.25 -37.87
CA THR J 91 -41.74 2.83 -39.21
C THR J 91 -40.72 3.97 -39.26
N ALA J 92 -39.76 3.87 -40.19
CA ALA J 92 -38.63 4.80 -40.26
C ALA J 92 -37.79 4.52 -41.48
N LEU J 93 -36.98 5.52 -41.84
CA LEU J 93 -35.87 5.35 -42.77
C LEU J 93 -34.66 4.81 -42.02
N TYR J 94 -34.19 3.64 -42.43
CA TYR J 94 -33.08 2.96 -41.78
C TYR J 94 -31.81 3.17 -42.61
N PHE J 95 -30.78 3.68 -41.95
CA PHE J 95 -29.46 3.92 -42.51
C PHE J 95 -28.49 2.85 -42.00
N CYS J 96 -27.62 2.42 -42.89
CA CYS J 96 -26.40 1.71 -42.57
C CYS J 96 -25.26 2.72 -42.41
N ALA J 97 -24.27 2.37 -41.58
CA ALA J 97 -23.21 3.33 -41.29
C ALA J 97 -21.91 2.56 -41.07
N LYS J 98 -20.82 3.03 -41.68
CA LYS J 98 -19.52 2.40 -41.54
C LYS J 98 -18.71 3.15 -40.49
N SER J 99 -18.06 2.43 -39.57
CA SER J 99 -17.10 3.03 -38.65
C SER J 99 -15.75 3.24 -39.33
N VAL J 100 -14.94 4.16 -38.79
CA VAL J 100 -13.56 4.26 -39.29
C VAL J 100 -12.69 3.07 -38.89
N ARG J 101 -13.10 2.25 -37.92
CA ARG J 101 -12.30 1.10 -37.51
C ARG J 101 -13.25 0.03 -36.97
N LEU J 102 -12.67 -1.10 -36.61
CA LEU J 102 -13.41 -2.27 -36.13
C LEU J 102 -13.67 -2.22 -34.62
N SER J 103 -12.71 -1.74 -33.84
CA SER J 103 -12.65 -1.88 -32.39
C SER J 103 -13.32 -0.75 -31.63
N ARG J 104 -13.80 0.28 -32.32
CA ARG J 104 -14.51 1.41 -31.73
C ARG J 104 -15.71 1.67 -32.61
N PRO J 105 -16.83 2.17 -32.04
CA PRO J 105 -18.07 2.22 -32.83
C PRO J 105 -18.19 3.40 -33.76
N SER J 106 -17.45 4.49 -33.57
CA SER J 106 -17.60 5.65 -34.42
C SER J 106 -16.26 6.37 -34.48
N PRO J 107 -16.12 7.44 -35.35
CA PRO J 107 -16.95 8.22 -36.28
C PRO J 107 -17.48 7.42 -37.48
N PHE J 108 -18.64 7.83 -37.99
CA PHE J 108 -19.26 7.18 -39.16
C PHE J 108 -18.80 7.89 -40.42
N ASP J 109 -17.84 7.32 -41.13
CA ASP J 109 -17.26 8.04 -42.25
C ASP J 109 -17.92 7.72 -43.59
N LEU J 110 -18.86 6.77 -43.64
CA LEU J 110 -19.60 6.49 -44.86
C LEU J 110 -21.01 6.06 -44.50
N TRP J 111 -22.01 6.64 -45.17
CA TRP J 111 -23.40 6.31 -44.88
C TRP J 111 -24.11 5.85 -46.15
N GLY J 112 -24.97 4.84 -46.02
CA GLY J 112 -25.87 4.49 -47.11
C GLY J 112 -26.97 5.52 -47.32
N GLN J 113 -27.70 5.34 -48.43
CA GLN J 113 -28.76 6.28 -48.79
C GLN J 113 -30.04 6.09 -47.97
N GLY J 114 -30.20 4.93 -47.33
CA GLY J 114 -31.40 4.65 -46.56
C GLY J 114 -32.44 3.79 -47.24
N SER J 115 -33.01 2.84 -46.49
CA SER J 115 -34.17 2.04 -46.90
C SER J 115 -35.31 2.23 -45.92
N LEU J 116 -36.50 2.57 -46.44
CA LEU J 116 -37.66 2.83 -45.60
C LEU J 116 -38.43 1.56 -45.25
N VAL J 117 -38.61 1.31 -43.96
CA VAL J 117 -39.45 0.20 -43.49
C VAL J 117 -40.67 0.80 -42.82
N THR J 118 -41.86 0.51 -43.34
CA THR J 118 -43.09 1.04 -42.78
C THR J 118 -43.96 -0.07 -42.19
N VAL J 119 -44.12 -0.04 -40.86
CA VAL J 119 -44.94 -1.00 -40.14
C VAL J 119 -46.28 -0.30 -39.93
N SER J 120 -47.31 -0.70 -40.66
CA SER J 120 -48.60 -0.02 -40.59
C SER J 120 -49.69 -0.93 -41.14
N SER J 121 -50.89 -0.76 -40.59
CA SER J 121 -52.07 -1.47 -41.06
C SER J 121 -52.77 -0.66 -42.14
N GLU K 1 10.35 33.15 -3.67
CA GLU K 1 11.13 33.30 -2.44
C GLU K 1 10.19 33.58 -1.26
N ILE K 2 10.68 33.36 -0.04
CA ILE K 2 9.96 33.72 1.17
C ILE K 2 10.27 35.15 1.61
N VAL K 3 9.26 36.01 1.60
CA VAL K 3 9.40 37.43 1.93
C VAL K 3 9.21 37.56 3.44
N LEU K 4 10.14 38.23 4.11
CA LEU K 4 10.04 38.52 5.54
C LEU K 4 9.74 39.99 5.80
N THR K 5 8.68 40.25 6.55
CA THR K 5 8.22 41.61 6.86
C THR K 5 8.31 41.86 8.36
N GLN K 6 9.08 42.88 8.76
CA GLN K 6 9.23 43.23 10.17
C GLN K 6 8.33 44.42 10.47
N SER K 7 7.75 44.42 11.67
CA SER K 7 6.99 45.58 12.14
C SER K 7 7.11 45.76 13.65
N PRO K 8 6.95 47.01 14.15
CA PRO K 8 6.87 48.31 13.49
C PRO K 8 8.22 48.80 12.92
N ALA K 9 8.18 49.86 12.10
CA ALA K 9 9.40 50.44 11.55
C ALA K 9 10.21 51.30 12.53
N THR K 10 9.58 51.98 13.48
CA THR K 10 10.28 52.81 14.45
C THR K 10 9.75 52.62 15.87
N LEU K 11 10.63 52.76 16.88
CA LEU K 11 10.27 52.59 18.29
C LEU K 11 11.02 53.60 19.12
N SER K 12 10.28 54.39 19.90
CA SER K 12 10.86 55.42 20.75
C SER K 12 10.35 55.05 22.14
N LEU K 13 11.25 54.64 23.03
CA LEU K 13 10.88 54.17 24.36
C LEU K 13 11.90 54.60 25.40
N SER K 14 11.46 54.73 26.65
CA SER K 14 12.33 55.17 27.72
C SER K 14 13.13 53.97 28.23
N PRO K 15 14.31 54.20 28.85
CA PRO K 15 15.02 53.09 29.51
C PRO K 15 14.16 52.37 30.54
N GLY K 16 14.30 51.05 30.61
CA GLY K 16 13.49 50.26 31.52
C GLY K 16 12.21 49.68 30.94
N GLU K 17 11.74 50.18 29.81
CA GLU K 17 10.51 49.69 29.21
C GLU K 17 10.75 48.40 28.41
N ARG K 18 9.68 47.64 28.24
CA ARG K 18 9.64 46.41 27.45
C ARG K 18 9.37 46.76 25.98
N ALA K 19 10.14 46.15 25.08
CA ALA K 19 10.02 46.34 23.65
C ALA K 19 9.67 45.02 22.96
N THR K 20 8.66 45.06 22.08
CA THR K 20 8.17 43.89 21.36
C THR K 20 8.26 44.15 19.86
N LEU K 21 9.07 43.34 19.18
CA LEU K 21 9.32 43.45 17.75
C LEU K 21 8.75 42.20 17.07
N SER K 22 8.23 42.35 15.84
CA SER K 22 7.51 41.28 15.18
CA SER K 22 7.52 41.27 15.18
C SER K 22 8.07 41.01 13.79
N CYS K 23 8.12 39.72 13.42
CA CYS K 23 8.55 39.29 12.09
C CYS K 23 7.51 38.31 11.55
N ARG K 24 6.95 38.60 10.36
CA ARG K 24 5.95 37.76 9.71
C ARG K 24 6.46 37.27 8.34
N ALA K 25 6.25 35.98 8.09
CA ALA K 25 6.60 35.29 6.86
C ALA K 25 5.36 34.96 6.02
N SER K 26 5.54 34.98 4.70
CA SER K 26 4.45 34.74 3.75
C SER K 26 3.99 33.29 3.73
N GLN K 27 4.83 32.37 4.22
CA GLN K 27 4.46 30.97 4.38
C GLN K 27 5.32 30.45 5.53
N SER K 28 4.94 29.26 6.03
CA SER K 28 5.56 28.75 7.25
C SER K 28 7.05 28.48 7.04
N VAL K 29 7.84 28.92 8.01
CA VAL K 29 9.25 28.66 8.18
C VAL K 29 9.51 27.88 9.48
N SER K 30 8.46 27.25 10.02
CA SER K 30 8.45 26.51 11.28
C SER K 30 9.22 27.27 12.36
N THR K 31 10.34 26.75 12.88
CA THR K 31 11.14 27.54 13.81
C THR K 31 12.50 27.96 13.26
N TYR K 32 12.71 27.95 11.94
CA TYR K 32 14.00 28.32 11.34
C TYR K 32 14.22 29.82 11.16
N LEU K 33 14.29 30.55 12.28
CA LEU K 33 14.28 32.00 12.26
C LEU K 33 15.23 32.56 13.31
N ALA K 34 16.13 33.44 12.90
CA ALA K 34 17.09 34.04 13.80
C ALA K 34 16.95 35.56 13.80
N TRP K 35 17.45 36.18 14.87
CA TRP K 35 17.47 37.62 15.05
C TRP K 35 18.90 38.10 15.32
N TYR K 36 19.26 39.21 14.67
CA TYR K 36 20.56 39.84 14.74
C TYR K 36 20.40 41.30 15.14
N GLN K 37 21.34 41.81 15.93
CA GLN K 37 21.43 43.23 16.23
C GLN K 37 22.56 43.85 15.42
N HIS K 38 22.32 45.02 14.82
CA HIS K 38 23.33 45.81 14.13
C HIS K 38 23.30 47.25 14.60
N GLN K 39 24.24 47.62 15.46
CA GLN K 39 24.41 48.96 16.00
C GLN K 39 25.33 49.78 15.08
N PRO K 40 25.08 51.13 14.95
CA PRO K 40 25.72 51.94 13.89
C PRO K 40 27.24 51.86 13.76
N GLY K 41 27.70 51.32 12.63
CA GLY K 41 29.09 51.21 12.24
C GLY K 41 29.91 50.16 12.96
N GLN K 42 29.28 49.31 13.77
CA GLN K 42 29.92 48.13 14.35
C GLN K 42 29.44 46.90 13.59
N ALA K 43 30.17 45.80 13.74
CA ALA K 43 29.75 44.55 13.13
C ALA K 43 28.42 44.08 13.72
N PRO K 44 27.53 43.51 12.91
CA PRO K 44 26.33 42.84 13.45
C PRO K 44 26.64 41.75 14.47
N ARG K 45 25.66 41.47 15.32
CA ARG K 45 25.81 40.54 16.43
C ARG K 45 24.60 39.62 16.51
N LEU K 46 24.85 38.31 16.63
CA LEU K 46 23.77 37.35 16.78
C LEU K 46 23.15 37.43 18.17
N LEU K 47 21.82 37.55 18.21
CA LEU K 47 21.08 37.57 19.45
C LEU K 47 20.29 36.29 19.71
N ILE K 48 19.51 35.85 18.74
CA ILE K 48 18.54 34.77 18.96
C ILE K 48 18.59 33.84 17.75
N TYR K 49 18.52 32.53 18.00
CA TYR K 49 18.39 31.57 16.93
C TYR K 49 17.33 30.55 17.30
N GLU K 50 16.84 29.84 16.27
CA GLU K 50 15.78 28.83 16.36
C GLU K 50 14.54 29.38 17.07
N ALA K 51 14.23 30.66 16.75
CA ALA K 51 13.10 31.46 17.23
C ALA K 51 13.15 31.84 18.71
N SER K 52 13.72 30.99 19.57
CA SER K 52 13.62 31.20 21.01
C SER K 52 14.91 31.06 21.82
N ASN K 53 16.01 30.64 21.22
CA ASN K 53 17.23 30.31 21.97
C ASN K 53 18.13 31.53 22.08
N ARG K 54 18.49 31.91 23.31
CA ARG K 54 19.37 33.05 23.54
C ARG K 54 20.83 32.68 23.27
N ALA K 55 21.51 33.51 22.48
CA ALA K 55 22.92 33.32 22.16
C ALA K 55 23.80 33.62 23.38
N THR K 56 24.99 33.03 23.36
CA THR K 56 25.98 33.21 24.43
C THR K 56 26.36 34.68 24.60
N GLY K 57 26.43 35.13 25.86
CA GLY K 57 26.86 36.47 26.17
C GLY K 57 25.79 37.54 26.03
N ILE K 58 24.59 37.16 25.59
CA ILE K 58 23.49 38.11 25.40
C ILE K 58 22.77 38.25 26.74
N PRO K 59 22.42 39.48 27.14
CA PRO K 59 21.73 39.71 28.42
C PRO K 59 20.38 39.01 28.49
N ALA K 60 19.97 38.69 29.72
CA ALA K 60 18.75 37.93 29.97
C ALA K 60 17.48 38.68 29.59
N ARG K 61 17.54 40.00 29.39
CA ARG K 61 16.36 40.74 28.96
C ARG K 61 15.92 40.40 27.55
N PHE K 62 16.77 39.77 26.74
CA PHE K 62 16.40 39.38 25.39
C PHE K 62 15.80 37.98 25.38
N SER K 63 14.64 37.85 24.77
CA SER K 63 14.00 36.55 24.60
C SER K 63 13.27 36.54 23.26
N GLY K 64 13.04 35.33 22.74
CA GLY K 64 12.30 35.19 21.50
C GLY K 64 11.21 34.14 21.64
N SER K 65 10.14 34.35 20.89
CA SER K 65 9.00 33.44 20.86
C SER K 65 8.41 33.41 19.47
N GLY K 66 7.59 32.40 19.22
CA GLY K 66 6.81 32.30 18.01
C GLY K 66 7.09 31.05 17.22
N SER K 67 6.27 30.87 16.17
CA SER K 67 6.34 29.72 15.29
C SER K 67 5.46 29.94 14.07
N GLY K 68 5.75 29.18 13.02
CA GLY K 68 4.90 29.20 11.86
C GLY K 68 5.18 30.38 10.95
N THR K 69 4.27 31.32 11.01
CA THR K 69 4.39 32.56 10.27
C THR K 69 4.50 33.76 11.19
N GLU K 70 4.53 33.57 12.51
CA GLU K 70 4.54 34.72 13.40
C GLU K 70 5.60 34.58 14.48
N PHE K 71 6.47 35.60 14.61
CA PHE K 71 7.56 35.55 15.56
C PHE K 71 7.66 36.90 16.26
N THR K 72 8.16 36.87 17.50
CA THR K 72 8.38 38.06 18.30
C THR K 72 9.71 38.01 19.04
N LEU K 73 10.40 39.14 19.05
CA LEU K 73 11.56 39.42 19.92
C LEU K 73 11.19 40.39 21.02
N THR K 74 11.46 40.03 22.27
CA THR K 74 11.17 40.90 23.41
C THR K 74 12.47 41.32 24.10
N ILE K 75 12.54 42.62 24.42
CA ILE K 75 13.55 43.21 25.28
C ILE K 75 12.88 43.70 26.55
N SER K 76 13.12 43.02 27.69
CA SER K 76 12.28 43.21 28.86
C SER K 76 12.49 44.55 29.56
N SER K 77 13.70 45.14 29.48
CA SER K 77 13.94 46.41 30.18
C SER K 77 15.08 47.16 29.48
N LEU K 78 14.73 48.19 28.71
CA LEU K 78 15.71 48.90 27.88
C LEU K 78 16.77 49.66 28.69
N GLU K 79 17.98 49.63 28.17
CA GLU K 79 19.19 50.37 28.53
C GLU K 79 19.63 51.19 27.32
N PRO K 80 20.39 52.29 27.53
CA PRO K 80 20.85 53.11 26.39
C PRO K 80 21.60 52.38 25.27
N GLU K 81 22.37 51.33 25.56
CA GLU K 81 23.14 50.61 24.54
C GLU K 81 22.28 49.82 23.53
N ASP K 82 20.97 49.73 23.70
CA ASP K 82 20.23 48.97 22.70
C ASP K 82 19.86 49.73 21.44
N VAL K 83 20.18 51.03 21.31
CA VAL K 83 19.98 51.71 20.02
C VAL K 83 20.76 50.97 18.93
N ALA K 84 20.03 50.54 17.90
CA ALA K 84 20.47 49.63 16.84
C ALA K 84 19.30 49.39 15.89
N VAL K 85 19.61 48.76 14.74
CA VAL K 85 18.63 48.09 13.88
C VAL K 85 18.66 46.57 14.09
N TYR K 86 17.49 45.94 14.20
CA TYR K 86 17.32 44.51 14.43
C TYR K 86 16.73 43.80 13.21
N TYR K 87 17.31 42.67 12.84
CA TYR K 87 16.91 41.94 11.64
C TYR K 87 16.52 40.51 11.97
N CYS K 88 15.44 40.02 11.36
CA CYS K 88 15.15 38.58 11.35
C CYS K 88 15.67 37.97 10.04
N GLN K 89 15.81 36.65 10.05
CA GLN K 89 16.42 35.95 8.92
C GLN K 89 15.93 34.53 8.95
N GLN K 90 15.50 34.01 7.79
CA GLN K 90 15.00 32.65 7.68
C GLN K 90 15.99 31.77 6.94
N ARG K 91 16.02 30.49 7.32
CA ARG K 91 16.86 29.50 6.66
C ARG K 91 16.12 28.24 6.20
N ALA K 92 14.80 28.30 6.04
CA ALA K 92 14.05 27.14 5.54
C ALA K 92 14.27 26.86 4.07
N SER K 93 14.53 27.89 3.26
CA SER K 93 14.63 27.71 1.82
C SER K 93 15.62 28.69 1.25
N TRP K 94 16.28 28.27 0.14
CA TRP K 94 17.01 29.23 -0.68
C TRP K 94 16.07 30.04 -1.55
N PRO K 95 16.37 31.34 -1.78
CA PRO K 95 17.43 32.18 -1.22
C PRO K 95 17.23 32.54 0.27
N LEU K 96 18.31 32.67 1.04
CA LEU K 96 18.21 33.23 2.38
C LEU K 96 17.73 34.67 2.28
N THR K 97 16.82 35.06 3.16
CA THR K 97 16.28 36.41 3.11
C THR K 97 16.35 37.03 4.49
N PHE K 98 16.42 38.37 4.53
CA PHE K 98 16.43 39.16 5.75
C PHE K 98 15.22 40.08 5.75
N GLY K 99 14.73 40.39 6.94
CA GLY K 99 13.77 41.47 7.06
C GLY K 99 14.41 42.82 6.87
N GLY K 100 13.57 43.85 6.83
CA GLY K 100 14.08 45.18 6.54
C GLY K 100 14.68 45.89 7.73
N GLY K 101 14.57 45.31 8.90
CA GLY K 101 15.18 45.85 10.10
C GLY K 101 14.20 46.71 10.88
N THR K 102 14.42 46.78 12.19
CA THR K 102 13.77 47.76 13.04
C THR K 102 14.80 48.63 13.76
N LYS K 103 14.72 49.94 13.55
CA LYS K 103 15.58 50.90 14.23
C LYS K 103 14.91 51.33 15.53
N VAL K 104 15.56 51.04 16.65
CA VAL K 104 15.02 51.37 17.97
C VAL K 104 15.73 52.62 18.49
N GLU K 105 14.96 53.65 18.81
CA GLU K 105 15.53 54.88 19.36
C GLU K 105 15.21 54.96 20.85
N ILE K 106 16.19 55.39 21.64
CA ILE K 106 16.06 55.49 23.08
C ILE K 106 15.63 56.91 23.44
N LYS K 107 14.46 57.04 24.04
CA LYS K 107 13.86 58.34 24.32
C LYS K 107 14.32 58.77 25.71
N ARG K 108 15.47 59.43 25.75
CA ARG K 108 16.01 59.91 27.02
C ARG K 108 15.46 61.28 27.40
N GLU L 1 -28.51 7.18 -19.94
CA GLU L 1 -27.73 7.56 -21.11
C GLU L 1 -27.11 8.94 -20.93
N ILE L 2 -26.09 9.24 -21.72
CA ILE L 2 -25.53 10.59 -21.77
C ILE L 2 -26.33 11.36 -22.81
N VAL L 3 -27.04 12.38 -22.37
CA VAL L 3 -27.92 13.15 -23.23
C VAL L 3 -27.10 14.27 -23.87
N LEU L 4 -27.18 14.39 -25.19
CA LEU L 4 -26.52 15.46 -25.94
C LEU L 4 -27.55 16.46 -26.42
N THR L 5 -27.34 17.72 -26.07
CA THR L 5 -28.23 18.83 -26.39
C THR L 5 -27.51 19.82 -27.30
N GLN L 6 -28.04 20.04 -28.50
CA GLN L 6 -27.44 20.98 -29.44
C GLN L 6 -28.21 22.29 -29.37
N SER L 7 -27.48 23.40 -29.50
CA SER L 7 -28.11 24.71 -29.59
C SER L 7 -27.32 25.64 -30.49
N PRO L 8 -27.99 26.64 -31.11
CA PRO L 8 -29.43 26.88 -31.23
C PRO L 8 -30.15 25.92 -32.20
N ALA L 9 -31.48 25.93 -32.18
CA ALA L 9 -32.28 25.09 -33.07
C ALA L 9 -32.32 25.57 -34.53
N THR L 10 -32.27 26.87 -34.78
CA THR L 10 -32.29 27.39 -36.14
C THR L 10 -31.25 28.49 -36.33
N LEU L 11 -30.71 28.58 -37.55
CA LEU L 11 -29.70 29.57 -37.90
C LEU L 11 -29.99 30.05 -39.31
N SER L 12 -30.13 31.35 -39.46
CA SER L 12 -30.42 31.98 -40.75
C SER L 12 -29.28 32.96 -40.90
N LEU L 13 -28.38 32.72 -41.85
CA LEU L 13 -27.22 33.59 -42.01
C LEU L 13 -26.90 33.75 -43.48
N SER L 14 -26.30 34.90 -43.81
CA SER L 14 -25.96 35.22 -45.19
C SER L 14 -24.63 34.56 -45.54
N PRO L 15 -24.36 34.33 -46.84
CA PRO L 15 -23.02 33.84 -47.24
C PRO L 15 -21.88 34.75 -46.75
N GLY L 16 -20.76 34.12 -46.36
CA GLY L 16 -19.61 34.84 -45.84
C GLY L 16 -19.53 34.98 -44.34
N GLU L 17 -20.65 34.76 -43.65
CA GLU L 17 -20.69 34.89 -42.20
C GLU L 17 -20.18 33.64 -41.47
N ARG L 18 -19.75 33.85 -40.22
CA ARG L 18 -19.28 32.81 -39.30
C ARG L 18 -20.46 32.21 -38.55
N ALA L 19 -20.50 30.88 -38.46
CA ALA L 19 -21.56 30.15 -37.78
C ALA L 19 -20.95 29.35 -36.63
N THR L 20 -21.56 29.46 -35.45
CA THR L 20 -21.10 28.81 -34.23
C THR L 20 -22.21 27.91 -33.70
N LEU L 21 -21.96 26.61 -33.66
CA LEU L 21 -22.92 25.61 -33.21
C LEU L 21 -22.38 24.98 -31.93
N SER L 22 -23.27 24.61 -31.01
CA SER L 22 -22.84 24.14 -29.69
CA SER L 22 -22.84 24.14 -29.69
C SER L 22 -23.50 22.81 -29.35
N CYS L 23 -22.72 21.94 -28.70
CA CYS L 23 -23.20 20.64 -28.21
C CYS L 23 -22.78 20.51 -26.76
N ARG L 24 -23.75 20.28 -25.87
CA ARG L 24 -23.52 20.09 -24.44
C ARG L 24 -23.95 18.72 -23.95
N ALA L 25 -23.11 18.08 -23.14
CA ALA L 25 -23.32 16.78 -22.54
C ALA L 25 -23.59 16.88 -21.05
N SER L 26 -24.43 15.96 -20.55
CA SER L 26 -24.86 15.95 -19.17
C SER L 26 -23.75 15.53 -18.21
N GLN L 27 -22.71 14.87 -18.71
CA GLN L 27 -21.51 14.55 -17.95
C GLN L 27 -20.37 14.48 -18.96
N SER L 28 -19.13 14.46 -18.45
CA SER L 28 -17.97 14.58 -19.33
C SER L 28 -17.87 13.38 -20.26
N VAL L 29 -17.60 13.69 -21.53
CA VAL L 29 -17.28 12.76 -22.60
C VAL L 29 -15.87 13.03 -23.12
N SER L 30 -15.05 13.73 -22.32
CA SER L 30 -13.69 14.17 -22.65
C SER L 30 -13.60 14.70 -24.08
N THR L 31 -12.85 14.07 -24.98
CA THR L 31 -12.90 14.51 -26.38
C THR L 31 -13.54 13.51 -27.34
N TYR L 32 -14.34 12.56 -26.85
CA TYR L 32 -14.98 11.55 -27.70
C TYR L 32 -16.27 12.01 -28.38
N LEU L 33 -16.13 12.99 -29.27
CA LEU L 33 -17.29 13.68 -29.84
C LEU L 33 -17.05 13.99 -31.31
N ALA L 34 -18.00 13.58 -32.16
CA ALA L 34 -17.89 13.82 -33.58
C ALA L 34 -19.08 14.62 -34.09
N TRP L 35 -18.90 15.26 -35.24
CA TRP L 35 -19.92 16.05 -35.93
C TRP L 35 -20.11 15.53 -37.34
N TYR L 36 -21.38 15.44 -37.75
CA TYR L 36 -21.81 14.95 -39.06
C TYR L 36 -22.70 15.98 -39.72
N GLN L 37 -22.58 16.13 -41.03
CA GLN L 37 -23.50 16.92 -41.83
C GLN L 37 -24.48 16.01 -42.56
N HIS L 38 -25.76 16.35 -42.54
CA HIS L 38 -26.81 15.66 -43.30
C HIS L 38 -27.64 16.67 -44.10
N GLN L 39 -27.38 16.77 -45.40
CA GLN L 39 -28.08 17.62 -46.34
C GLN L 39 -29.29 16.88 -46.93
N PRO L 40 -30.42 17.60 -47.22
CA PRO L 40 -31.72 16.94 -47.53
C PRO L 40 -31.71 15.84 -48.59
N GLY L 41 -31.99 14.61 -48.17
CA GLY L 41 -32.13 13.44 -49.02
C GLY L 41 -30.84 12.86 -49.58
N GLN L 42 -29.69 13.34 -49.15
CA GLN L 42 -28.40 12.73 -49.45
C GLN L 42 -27.92 11.99 -48.21
N ALA L 43 -26.95 11.09 -48.40
CA ALA L 43 -26.37 10.39 -47.28
C ALA L 43 -25.65 11.38 -46.36
N PRO L 44 -25.72 11.18 -45.04
CA PRO L 44 -24.87 11.96 -44.11
C PRO L 44 -23.38 11.87 -44.41
N ARG L 45 -22.64 12.88 -43.95
CA ARG L 45 -21.22 13.02 -44.24
C ARG L 45 -20.47 13.40 -42.97
N LEU L 46 -19.38 12.68 -42.70
CA LEU L 46 -18.54 13.01 -41.55
C LEU L 46 -17.75 14.28 -41.77
N LEU L 47 -17.84 15.21 -40.82
CA LEU L 47 -17.10 16.46 -40.86
C LEU L 47 -15.94 16.49 -39.87
N ILE L 48 -16.21 16.19 -38.60
CA ILE L 48 -15.24 16.42 -37.53
C ILE L 48 -15.27 15.21 -36.61
N TYR L 49 -14.09 14.79 -36.15
CA TYR L 49 -14.01 13.76 -35.14
C TYR L 49 -12.99 14.16 -34.09
N GLU L 50 -13.08 13.50 -32.93
CA GLU L 50 -12.24 13.74 -31.74
C GLU L 50 -12.25 15.22 -31.35
N ALA L 51 -13.44 15.83 -31.45
CA ALA L 51 -13.79 17.21 -31.13
C ALA L 51 -13.16 18.28 -32.04
N SER L 52 -11.96 18.04 -32.58
CA SER L 52 -11.23 19.09 -33.29
C SER L 52 -10.61 18.70 -34.63
N ASN L 53 -10.63 17.44 -35.02
CA ASN L 53 -9.90 16.97 -36.20
C ASN L 53 -10.78 17.05 -37.44
N ARG L 54 -10.31 17.75 -38.47
CA ARG L 54 -11.04 17.87 -39.72
C ARG L 54 -10.90 16.62 -40.58
N ALA L 55 -12.03 16.10 -41.05
CA ALA L 55 -12.04 14.92 -41.92
C ALA L 55 -11.52 15.25 -43.30
N THR L 56 -11.04 14.21 -43.99
CA THR L 56 -10.50 14.32 -45.35
C THR L 56 -11.54 14.88 -46.32
N GLY L 57 -11.12 15.82 -47.16
CA GLY L 57 -11.97 16.38 -48.18
C GLY L 57 -12.90 17.48 -47.71
N ILE L 58 -12.91 17.78 -46.42
CA ILE L 58 -13.77 18.80 -45.85
C ILE L 58 -13.08 20.15 -45.99
N PRO L 59 -13.80 21.20 -46.40
CA PRO L 59 -13.20 22.52 -46.58
C PRO L 59 -12.62 23.09 -45.28
N ALA L 60 -11.62 23.96 -45.44
CA ALA L 60 -10.89 24.52 -44.31
C ALA L 60 -11.73 25.43 -43.43
N ARG L 61 -12.89 25.89 -43.91
CA ARG L 61 -13.75 26.73 -43.08
C ARG L 61 -14.38 25.98 -41.91
N PHE L 62 -14.35 24.65 -41.92
CA PHE L 62 -14.91 23.88 -40.81
C PHE L 62 -13.83 23.60 -39.79
N SER L 63 -14.13 23.90 -38.52
CA SER L 63 -13.23 23.59 -37.42
C SER L 63 -14.05 23.22 -36.20
N GLY L 64 -13.44 22.48 -35.29
CA GLY L 64 -14.10 22.11 -34.05
C GLY L 64 -13.22 22.40 -32.86
N SER L 65 -13.87 22.69 -31.74
CA SER L 65 -13.20 22.97 -30.48
C SER L 65 -14.04 22.47 -29.32
N GLY L 66 -13.40 22.35 -28.17
CA GLY L 66 -14.09 22.06 -26.93
C GLY L 66 -13.58 20.79 -26.26
N SER L 67 -14.11 20.58 -25.06
CA SER L 67 -13.75 19.45 -24.21
C SER L 67 -14.70 19.36 -23.02
N GLY L 68 -14.75 18.18 -22.43
CA GLY L 68 -15.50 18.01 -21.21
C GLY L 68 -16.98 17.85 -21.47
N THR L 69 -17.70 18.91 -21.17
CA THR L 69 -19.12 18.97 -21.41
C THR L 69 -19.50 20.04 -22.43
N GLU L 70 -18.52 20.74 -23.02
CA GLU L 70 -18.85 21.83 -23.93
C GLU L 70 -18.07 21.74 -25.23
N PHE L 71 -18.77 21.75 -26.36
CA PHE L 71 -18.12 21.61 -27.65
C PHE L 71 -18.75 22.60 -28.61
N THR L 72 -17.97 23.03 -29.60
CA THR L 72 -18.42 23.95 -30.65
C THR L 72 -17.90 23.53 -32.02
N LEU L 73 -18.78 23.63 -33.00
CA LEU L 73 -18.43 23.57 -34.42
C LEU L 73 -18.52 24.95 -35.04
N THR L 74 -17.45 25.39 -35.72
CA THR L 74 -17.44 26.68 -36.37
C THR L 74 -17.31 26.51 -37.88
N ILE L 75 -18.13 27.27 -38.61
CA ILE L 75 -18.02 27.46 -40.05
C ILE L 75 -17.63 28.91 -40.32
N SER L 76 -16.38 29.15 -40.74
CA SER L 76 -15.85 30.51 -40.71
C SER L 76 -16.46 31.42 -41.77
N SER L 77 -16.90 30.88 -42.92
CA SER L 77 -17.44 31.74 -43.98
C SER L 77 -18.41 30.95 -44.85
N LEU L 78 -19.71 31.16 -44.65
CA LEU L 78 -20.74 30.37 -45.31
C LEU L 78 -20.81 30.57 -46.83
N GLU L 79 -21.09 29.48 -47.54
CA GLU L 79 -21.42 29.32 -48.93
C GLU L 79 -22.80 28.68 -49.01
N PRO L 80 -23.53 28.85 -50.12
CA PRO L 80 -24.88 28.24 -50.24
C PRO L 80 -24.98 26.73 -49.98
N GLU L 81 -23.95 25.91 -50.31
CA GLU L 81 -24.02 24.46 -50.12
C GLU L 81 -24.07 23.98 -48.66
N ASP L 82 -23.91 24.85 -47.66
CA ASP L 82 -23.96 24.33 -46.29
C ASP L 82 -25.37 24.15 -45.72
N VAL L 83 -26.45 24.50 -46.44
CA VAL L 83 -27.80 24.19 -45.95
C VAL L 83 -27.90 22.67 -45.73
N ALA L 84 -28.21 22.30 -44.49
CA ALA L 84 -28.16 20.94 -43.94
C ALA L 84 -28.58 20.99 -42.47
N VAL L 85 -28.78 19.78 -41.89
CA VAL L 85 -28.81 19.55 -40.45
C VAL L 85 -27.47 18.96 -39.97
N TYR L 86 -26.95 19.48 -38.85
CA TYR L 86 -25.67 19.06 -38.27
C TYR L 86 -25.89 18.34 -36.94
N TYR L 87 -25.23 17.19 -36.74
CA TYR L 87 -25.42 16.38 -35.55
C TYR L 87 -24.11 16.13 -34.84
N CYS L 88 -24.11 16.21 -33.50
CA CYS L 88 -23.01 15.70 -32.68
C CYS L 88 -23.33 14.29 -32.21
N GLN L 89 -22.30 13.58 -31.79
CA GLN L 89 -22.44 12.17 -31.42
C GLN L 89 -21.30 11.81 -30.48
N GLN L 90 -21.64 11.13 -29.39
CA GLN L 90 -20.64 10.72 -28.40
C GLN L 90 -20.40 9.22 -28.46
N ARG L 91 -19.15 8.83 -28.16
CA ARG L 91 -18.77 7.43 -28.10
C ARG L 91 -18.08 7.00 -26.81
N ALA L 92 -18.25 7.74 -25.71
CA ALA L 92 -17.64 7.34 -24.44
C ALA L 92 -18.31 6.12 -23.80
N SER L 93 -19.61 5.95 -24.00
CA SER L 93 -20.33 4.88 -23.32
C SER L 93 -21.46 4.36 -24.20
N TRP L 94 -21.76 3.07 -24.04
CA TRP L 94 -23.01 2.57 -24.59
C TRP L 94 -24.20 3.00 -23.71
N PRO L 95 -25.36 3.31 -24.32
CA PRO L 95 -25.69 3.44 -25.74
C PRO L 95 -25.06 4.66 -26.44
N LEU L 96 -24.70 4.53 -27.72
CA LEU L 96 -24.33 5.69 -28.53
C LEU L 96 -25.53 6.61 -28.66
N THR L 97 -25.30 7.92 -28.54
CA THR L 97 -26.38 8.88 -28.63
C THR L 97 -26.01 9.98 -29.61
N PHE L 98 -27.03 10.59 -30.22
CA PHE L 98 -26.89 11.71 -31.14
C PHE L 98 -27.61 12.93 -30.58
N GLY L 99 -27.12 14.11 -30.91
CA GLY L 99 -27.89 15.30 -30.67
C GLY L 99 -29.07 15.44 -31.61
N GLY L 100 -29.90 16.43 -31.34
CA GLY L 100 -31.12 16.60 -32.10
C GLY L 100 -30.96 17.28 -33.44
N GLY L 101 -29.77 17.78 -33.73
CA GLY L 101 -29.49 18.38 -35.01
C GLY L 101 -29.66 19.89 -34.97
N THR L 102 -28.90 20.57 -35.82
CA THR L 102 -29.13 21.98 -36.13
C THR L 102 -29.38 22.21 -37.62
N LYS L 103 -30.54 22.78 -37.95
CA LYS L 103 -30.87 23.12 -39.33
C LYS L 103 -30.38 24.53 -39.66
N VAL L 104 -29.46 24.64 -40.61
CA VAL L 104 -28.92 25.93 -41.02
C VAL L 104 -29.57 26.38 -42.32
N GLU L 105 -30.19 27.55 -42.30
CA GLU L 105 -30.80 28.11 -43.49
C GLU L 105 -29.97 29.30 -44.00
N ILE L 106 -29.78 29.40 -45.31
CA ILE L 106 -28.96 30.45 -45.92
C ILE L 106 -29.86 31.61 -46.34
N LYS L 107 -29.66 32.80 -45.77
CA LYS L 107 -30.58 33.92 -46.02
C LYS L 107 -30.05 34.71 -47.23
N ARG L 108 -30.47 34.30 -48.42
CA ARG L 108 -30.06 34.96 -49.66
C ARG L 108 -30.98 36.14 -49.98
#